data_1A1T
#
_entry.id   1A1T
#
_cell.length_a   1.000
_cell.length_b   1.000
_cell.length_c   1.000
_cell.angle_alpha   90.00
_cell.angle_beta   90.00
_cell.angle_gamma   90.00
#
_symmetry.space_group_name_H-M   'P 1'
#
loop_
_entity.id
_entity.type
_entity.pdbx_description
1 polymer 'SL3 STEM-LOOP RNA'
2 polymer 'NUCLEOCAPSID PROTEIN'
3 non-polymer 'ZINC ION'
#
loop_
_entity_poly.entity_id
_entity_poly.type
_entity_poly.pdbx_seq_one_letter_code
_entity_poly.pdbx_strand_id
1 'polyribonucleotide' GGACUAGCGGAGGCUAGUCC B
2 'polypeptide(L)' MQKGNFRNQRKTVKCFNCGKEGHIAKNCRAPRKKGCWKCGKEGHQMKDCTERQAN A
#
# COMPACT_ATOMS: atom_id res chain seq x y z
N MET B 1 8.34 -16.04 -14.44
CA MET B 1 8.23 -14.87 -15.29
C MET B 1 6.82 -14.29 -15.24
N GLN B 2 6.49 -13.53 -16.29
CA GLN B 2 5.18 -12.91 -16.38
C GLN B 2 5.09 -11.70 -15.46
N LYS B 3 5.12 -10.52 -16.08
CA LYS B 3 5.05 -9.28 -15.33
C LYS B 3 6.44 -8.93 -14.81
N GLY B 4 7.32 -8.59 -15.73
CA GLY B 4 8.67 -8.22 -15.38
C GLY B 4 8.70 -7.03 -14.42
N ASN B 5 7.63 -6.24 -14.48
CA ASN B 5 7.51 -5.07 -13.63
C ASN B 5 7.61 -5.50 -12.17
N PHE B 6 7.37 -6.79 -11.94
CA PHE B 6 7.42 -7.34 -10.60
C PHE B 6 8.82 -7.19 -10.01
N ARG B 7 9.78 -6.91 -10.88
CA ARG B 7 11.15 -6.74 -10.46
C ARG B 7 11.28 -5.56 -9.49
N ASN B 8 10.20 -4.78 -9.43
CA ASN B 8 10.18 -3.63 -8.54
C ASN B 8 10.45 -4.08 -7.11
N GLN B 9 10.22 -5.37 -6.87
CA GLN B 9 10.43 -5.94 -5.55
C GLN B 9 11.90 -5.79 -5.14
N ARG B 10 12.72 -5.44 -6.12
CA ARG B 10 14.15 -5.26 -5.87
C ARG B 10 14.38 -3.99 -5.05
N LYS B 11 13.30 -3.26 -4.83
CA LYS B 11 13.38 -2.02 -4.05
C LYS B 11 12.38 -2.08 -2.91
N THR B 12 12.25 -3.27 -2.33
CA THR B 12 11.33 -3.46 -1.23
C THR B 12 10.07 -2.61 -1.42
N VAL B 13 9.52 -2.70 -2.62
CA VAL B 13 8.31 -1.97 -2.95
C VAL B 13 7.39 -1.94 -1.74
N LYS B 14 6.55 -0.92 -1.69
CA LYS B 14 5.60 -0.78 -0.60
C LYS B 14 4.21 -1.17 -1.07
N CYS B 15 3.50 -1.89 -0.22
CA CYS B 15 2.15 -2.34 -0.54
C CYS B 15 1.21 -1.14 -0.38
N PHE B 16 0.67 -0.71 -1.51
CA PHE B 16 -0.26 0.42 -1.51
C PHE B 16 -1.64 0.00 -1.00
N ASN B 17 -1.72 -1.25 -0.58
CA ASN B 17 -2.97 -1.79 -0.07
C ASN B 17 -2.96 -1.71 1.46
N CYS B 18 -2.04 -2.45 2.06
CA CYS B 18 -1.92 -2.47 3.51
C CYS B 18 -1.02 -1.30 3.93
N GLY B 19 0.04 -1.11 3.17
CA GLY B 19 0.99 -0.04 3.45
C GLY B 19 2.28 -0.59 4.06
N LYS B 20 2.58 -1.83 3.70
CA LYS B 20 3.77 -2.48 4.21
C LYS B 20 4.89 -2.38 3.18
N GLU B 21 6.00 -3.05 3.46
CA GLU B 21 7.14 -3.03 2.56
C GLU B 21 7.66 -4.45 2.35
N GLY B 22 7.67 -4.86 1.09
CA GLY B 22 8.15 -6.19 0.73
C GLY B 22 7.24 -6.84 -0.31
N HIS B 23 6.11 -6.19 -0.54
CA HIS B 23 5.14 -6.70 -1.50
C HIS B 23 4.22 -5.55 -1.95
N ILE B 24 3.65 -5.74 -3.13
CA ILE B 24 2.75 -4.73 -3.68
C ILE B 24 1.30 -5.25 -3.60
N ALA B 25 0.39 -4.31 -3.71
CA ALA B 25 -1.04 -4.64 -3.65
C ALA B 25 -1.32 -5.81 -4.60
N LYS B 26 -0.61 -5.80 -5.72
CA LYS B 26 -0.78 -6.84 -6.72
C LYS B 26 -0.45 -8.20 -6.09
N ASN B 27 0.65 -8.22 -5.35
CA ASN B 27 1.09 -9.43 -4.69
C ASN B 27 0.60 -9.43 -3.24
N CYS B 28 -0.31 -8.51 -2.96
CA CYS B 28 -0.87 -8.40 -1.62
C CYS B 28 -2.03 -9.39 -1.50
N ARG B 29 -2.04 -10.09 -0.37
CA ARG B 29 -3.10 -11.06 -0.12
C ARG B 29 -4.40 -10.36 0.24
N ALA B 30 -4.26 -9.20 0.89
CA ALA B 30 -5.42 -8.42 1.29
C ALA B 30 -6.23 -8.04 0.05
N PRO B 31 -7.55 -7.83 0.27
CA PRO B 31 -8.44 -7.45 -0.82
C PRO B 31 -8.23 -5.99 -1.22
N ARG B 32 -8.52 -5.71 -2.49
CA ARG B 32 -8.37 -4.36 -3.01
C ARG B 32 -9.15 -3.37 -2.15
N LYS B 33 -8.41 -2.58 -1.37
CA LYS B 33 -9.01 -1.59 -0.50
C LYS B 33 -8.25 -0.28 -0.64
N LYS B 34 -8.67 0.70 0.16
CA LYS B 34 -8.03 2.01 0.15
C LYS B 34 -8.01 2.58 1.56
N GLY B 35 -7.50 1.77 2.49
CA GLY B 35 -7.41 2.18 3.87
C GLY B 35 -6.08 2.86 4.16
N CYS B 36 -6.17 4.12 4.57
CA CYS B 36 -4.97 4.89 4.88
C CYS B 36 -4.17 4.13 5.94
N TRP B 37 -2.94 3.79 5.57
CA TRP B 37 -2.06 3.07 6.47
C TRP B 37 -1.40 4.08 7.41
N LYS B 38 -2.19 5.06 7.82
CA LYS B 38 -1.69 6.10 8.71
C LYS B 38 -2.70 6.32 9.84
N CYS B 39 -3.95 6.48 9.45
CA CYS B 39 -5.02 6.70 10.42
C CYS B 39 -5.89 5.44 10.45
N GLY B 40 -5.99 4.79 9.31
CA GLY B 40 -6.79 3.58 9.20
C GLY B 40 -8.18 3.89 8.66
N LYS B 41 -8.27 5.02 7.97
CA LYS B 41 -9.55 5.44 7.40
C LYS B 41 -9.63 4.96 5.95
N GLU B 42 -10.73 4.30 5.65
CA GLU B 42 -10.95 3.79 4.30
C GLU B 42 -11.62 4.85 3.43
N GLY B 43 -10.87 5.31 2.44
CA GLY B 43 -11.38 6.33 1.54
C GLY B 43 -10.25 7.22 1.01
N HIS B 44 -9.50 7.76 1.95
CA HIS B 44 -8.38 8.63 1.61
C HIS B 44 -7.09 7.83 1.62
N GLN B 45 -6.00 8.52 1.32
CA GLN B 45 -4.68 7.88 1.29
C GLN B 45 -3.68 8.70 2.11
N MET B 46 -2.56 8.05 2.42
CA MET B 46 -1.52 8.70 3.20
C MET B 46 -1.16 10.06 2.60
N LYS B 47 -0.98 10.07 1.29
CA LYS B 47 -0.63 11.29 0.59
C LYS B 47 -1.66 12.37 0.90
N ASP B 48 -2.89 11.93 1.09
CA ASP B 48 -3.97 12.85 1.41
C ASP B 48 -4.52 12.53 2.80
N CYS B 49 -3.62 12.09 3.68
CA CYS B 49 -4.00 11.75 5.04
C CYS B 49 -4.64 12.98 5.68
N THR B 50 -5.95 12.86 5.91
CA THR B 50 -6.70 13.96 6.51
C THR B 50 -6.49 13.96 8.03
N GLU B 51 -5.63 13.07 8.49
CA GLU B 51 -5.34 12.95 9.90
C GLU B 51 -4.07 13.73 10.25
N ARG B 52 -2.94 13.20 9.79
CA ARG B 52 -1.66 13.84 10.04
C ARG B 52 -0.79 13.78 8.79
N GLN B 53 0.32 14.50 8.85
CA GLN B 53 1.25 14.54 7.73
C GLN B 53 1.65 13.11 7.31
N ALA B 54 2.34 13.04 6.19
CA ALA B 54 2.78 11.75 5.67
C ALA B 54 4.29 11.60 5.94
N ASN B 55 4.61 11.30 7.18
CA ASN B 55 6.00 11.13 7.58
C ASN B 55 6.85 12.23 6.95
N MET B 1 6.27 -14.71 -14.26
CA MET B 1 4.92 -14.63 -13.75
C MET B 1 4.10 -13.60 -14.53
N GLN B 2 4.20 -13.69 -15.85
CA GLN B 2 3.48 -12.78 -16.72
C GLN B 2 3.33 -11.40 -16.06
N LYS B 3 4.48 -10.85 -15.69
CA LYS B 3 4.49 -9.54 -15.05
C LYS B 3 5.94 -9.13 -14.77
N GLY B 4 6.67 -8.87 -15.85
CA GLY B 4 8.06 -8.46 -15.73
C GLY B 4 8.20 -7.20 -14.89
N ASN B 5 7.14 -6.41 -14.90
CA ASN B 5 7.13 -5.17 -14.14
C ASN B 5 7.30 -5.48 -12.65
N PHE B 6 7.12 -6.74 -12.32
CA PHE B 6 7.26 -7.19 -10.94
C PHE B 6 8.66 -6.91 -10.42
N ARG B 7 9.57 -6.61 -11.34
CA ARG B 7 10.94 -6.31 -10.98
C ARG B 7 11.01 -5.10 -10.08
N ASN B 8 9.89 -4.40 -9.99
CA ASN B 8 9.80 -3.20 -9.16
C ASN B 8 10.18 -3.56 -7.72
N GLN B 9 10.10 -4.85 -7.43
CA GLN B 9 10.44 -5.33 -6.10
C GLN B 9 11.90 -5.03 -5.77
N ARG B 10 12.63 -4.66 -6.82
CA ARG B 10 14.04 -4.34 -6.66
C ARG B 10 14.22 -3.09 -5.79
N LYS B 11 13.11 -2.37 -5.62
CA LYS B 11 13.13 -1.16 -4.82
C LYS B 11 12.20 -1.34 -3.62
N THR B 12 12.17 -2.56 -3.11
CA THR B 12 11.32 -2.87 -1.97
C THR B 12 10.00 -2.11 -2.05
N VAL B 13 9.38 -2.18 -3.22
CA VAL B 13 8.12 -1.49 -3.43
C VAL B 13 7.28 -1.55 -2.15
N LYS B 14 6.40 -0.57 -2.01
CA LYS B 14 5.54 -0.51 -0.85
C LYS B 14 4.12 -0.93 -1.24
N CYS B 15 3.48 -1.68 -0.34
CA CYS B 15 2.13 -2.15 -0.59
C CYS B 15 1.17 -0.99 -0.39
N PHE B 16 0.51 -0.61 -1.48
CA PHE B 16 -0.44 0.49 -1.43
C PHE B 16 -1.78 0.04 -0.85
N ASN B 17 -1.77 -1.17 -0.31
CA ASN B 17 -2.97 -1.74 0.28
C ASN B 17 -2.86 -1.66 1.81
N CYS B 18 -1.83 -2.29 2.33
CA CYS B 18 -1.60 -2.30 3.77
C CYS B 18 -0.67 -1.14 4.11
N GLY B 19 0.29 -0.91 3.23
CA GLY B 19 1.25 0.17 3.43
C GLY B 19 2.59 -0.38 3.94
N LYS B 20 2.86 -1.62 3.58
CA LYS B 20 4.09 -2.26 4.00
C LYS B 20 5.14 -2.09 2.90
N GLU B 21 6.28 -2.74 3.09
CA GLU B 21 7.37 -2.67 2.14
C GLU B 21 7.93 -4.07 1.86
N GLY B 22 7.86 -4.47 0.61
CA GLY B 22 8.36 -5.77 0.21
C GLY B 22 7.37 -6.47 -0.72
N HIS B 23 6.19 -5.87 -0.86
CA HIS B 23 5.17 -6.42 -1.72
C HIS B 23 4.20 -5.31 -2.14
N ILE B 24 3.51 -5.56 -3.25
CA ILE B 24 2.56 -4.59 -3.77
C ILE B 24 1.13 -5.11 -3.55
N ALA B 25 0.20 -4.19 -3.57
CA ALA B 25 -1.20 -4.54 -3.37
C ALA B 25 -1.56 -5.70 -4.30
N LYS B 26 -0.96 -5.69 -5.48
CA LYS B 26 -1.21 -6.73 -6.46
C LYS B 26 -0.81 -8.08 -5.87
N ASN B 27 0.36 -8.10 -5.25
CA ASN B 27 0.86 -9.32 -4.64
C ASN B 27 0.49 -9.34 -3.16
N CYS B 28 -0.38 -8.41 -2.79
CA CYS B 28 -0.84 -8.31 -1.41
C CYS B 28 -1.97 -9.31 -1.20
N ARG B 29 -1.84 -10.10 -0.14
CA ARG B 29 -2.84 -11.11 0.17
C ARG B 29 -4.11 -10.44 0.70
N ALA B 30 -3.91 -9.30 1.35
CA ALA B 30 -5.03 -8.55 1.91
C ALA B 30 -6.02 -8.22 0.80
N PRO B 31 -7.27 -7.92 1.22
CA PRO B 31 -8.32 -7.58 0.27
C PRO B 31 -8.13 -6.16 -0.27
N ARG B 32 -8.47 -5.99 -1.53
CA ARG B 32 -8.34 -4.69 -2.18
C ARG B 32 -9.15 -3.64 -1.41
N LYS B 33 -8.43 -2.76 -0.73
CA LYS B 33 -9.06 -1.70 0.04
C LYS B 33 -8.24 -0.42 -0.09
N LYS B 34 -8.66 0.59 0.65
CA LYS B 34 -7.97 1.87 0.63
C LYS B 34 -7.89 2.43 2.05
N GLY B 35 -7.43 1.56 2.96
CA GLY B 35 -7.30 1.95 4.36
C GLY B 35 -5.98 2.70 4.59
N CYS B 36 -6.10 3.94 4.99
CA CYS B 36 -4.94 4.77 5.25
C CYS B 36 -4.06 4.05 6.27
N TRP B 37 -2.82 3.81 5.87
CA TRP B 37 -1.87 3.13 6.73
C TRP B 37 -1.24 4.17 7.66
N LYS B 38 -2.07 5.12 8.06
CA LYS B 38 -1.61 6.18 8.95
C LYS B 38 -2.62 6.36 10.09
N CYS B 39 -3.88 6.47 9.70
CA CYS B 39 -4.95 6.65 10.67
C CYS B 39 -5.79 5.36 10.70
N GLY B 40 -5.85 4.71 9.56
CA GLY B 40 -6.60 3.47 9.44
C GLY B 40 -8.02 3.74 8.92
N LYS B 41 -8.16 4.88 8.25
CA LYS B 41 -9.45 5.26 7.70
C LYS B 41 -9.49 4.91 6.22
N GLU B 42 -10.43 4.06 5.87
CA GLU B 42 -10.58 3.63 4.48
C GLU B 42 -11.33 4.70 3.68
N GLY B 43 -10.68 5.18 2.63
CA GLY B 43 -11.27 6.19 1.78
C GLY B 43 -10.20 7.17 1.27
N HIS B 44 -9.43 7.68 2.20
CA HIS B 44 -8.37 8.63 1.87
C HIS B 44 -7.03 7.89 1.82
N GLN B 45 -5.98 8.66 1.57
CA GLN B 45 -4.64 8.10 1.49
C GLN B 45 -3.70 8.86 2.43
N MET B 46 -2.65 8.17 2.85
CA MET B 46 -1.67 8.75 3.74
C MET B 46 -1.19 10.11 3.22
N LYS B 47 -1.00 10.16 1.91
CA LYS B 47 -0.55 11.39 1.27
C LYS B 47 -1.53 12.52 1.59
N ASP B 48 -2.82 12.17 1.58
CA ASP B 48 -3.86 13.14 1.86
C ASP B 48 -4.51 12.79 3.20
N CYS B 49 -3.71 12.24 4.09
CA CYS B 49 -4.20 11.86 5.40
C CYS B 49 -5.04 13.01 5.95
N THR B 50 -6.34 12.75 6.06
CA THR B 50 -7.26 13.76 6.57
C THR B 50 -7.12 13.90 8.09
N GLU B 51 -6.23 13.08 8.64
CA GLU B 51 -5.99 13.09 10.08
C GLU B 51 -4.83 14.03 10.41
N ARG B 52 -3.67 13.71 9.85
CA ARG B 52 -2.49 14.51 10.09
C ARG B 52 -2.28 14.74 11.58
N GLN B 53 -2.23 13.64 12.32
CA GLN B 53 -2.04 13.71 13.76
C GLN B 53 -2.01 12.30 14.36
N ALA B 54 -1.04 11.53 13.92
CA ALA B 54 -0.88 10.16 14.41
C ALA B 54 0.33 9.52 13.72
N ASN B 55 0.61 8.29 14.13
CA ASN B 55 1.73 7.55 13.58
C ASN B 55 1.24 6.19 13.08
N MET B 1 8.15 -16.30 -16.09
CA MET B 1 8.66 -15.08 -15.48
C MET B 1 8.08 -13.85 -16.16
N GLN B 2 6.76 -13.80 -16.21
CA GLN B 2 6.06 -12.68 -16.83
C GLN B 2 5.88 -11.55 -15.82
N LYS B 3 5.79 -10.34 -16.35
CA LYS B 3 5.61 -9.16 -15.51
C LYS B 3 6.91 -8.88 -14.75
N GLY B 4 7.96 -8.65 -15.52
CA GLY B 4 9.27 -8.37 -14.94
C GLY B 4 9.21 -7.10 -14.08
N ASN B 5 8.17 -6.32 -14.28
CA ASN B 5 7.99 -5.09 -13.55
C ASN B 5 7.99 -5.39 -12.05
N PHE B 6 7.65 -6.64 -11.73
CA PHE B 6 7.61 -7.07 -10.35
C PHE B 6 8.97 -6.89 -9.67
N ARG B 7 9.98 -6.66 -10.50
CA ARG B 7 11.33 -6.46 -9.99
C ARG B 7 11.38 -5.26 -9.05
N ASN B 8 10.28 -4.51 -9.04
CA ASN B 8 10.18 -3.34 -8.19
C ASN B 8 10.45 -3.73 -6.74
N GLN B 9 10.21 -5.00 -6.46
CA GLN B 9 10.41 -5.52 -5.12
C GLN B 9 11.87 -5.34 -4.70
N ARG B 10 12.71 -5.03 -5.67
CA ARG B 10 14.12 -4.83 -5.43
C ARG B 10 14.33 -3.56 -4.59
N LYS B 11 13.25 -2.81 -4.42
CA LYS B 11 13.30 -1.59 -3.65
C LYS B 11 12.28 -1.66 -2.51
N THR B 12 12.17 -2.85 -1.93
CA THR B 12 11.24 -3.06 -0.84
C THR B 12 9.96 -2.25 -1.06
N VAL B 13 9.43 -2.37 -2.27
CA VAL B 13 8.21 -1.65 -2.63
C VAL B 13 7.27 -1.63 -1.42
N LYS B 14 6.41 -0.62 -1.40
CA LYS B 14 5.45 -0.48 -0.32
C LYS B 14 4.07 -0.94 -0.80
N CYS B 15 3.38 -1.64 0.09
CA CYS B 15 2.05 -2.14 -0.22
C CYS B 15 1.05 -0.99 -0.05
N PHE B 16 0.53 -0.53 -1.19
CA PHE B 16 -0.44 0.56 -1.17
C PHE B 16 -1.80 0.08 -0.67
N ASN B 17 -1.86 -1.21 -0.36
CA ASN B 17 -3.09 -1.80 0.13
C ASN B 17 -3.12 -1.72 1.66
N CYS B 18 -2.21 -2.47 2.28
CA CYS B 18 -2.12 -2.50 3.72
C CYS B 18 -1.31 -1.28 4.18
N GLY B 19 -0.23 -1.04 3.47
CA GLY B 19 0.64 0.10 3.79
C GLY B 19 1.94 -0.38 4.43
N LYS B 20 2.36 -1.58 4.05
CA LYS B 20 3.58 -2.16 4.59
C LYS B 20 4.70 -2.03 3.54
N GLU B 21 5.82 -2.65 3.85
CA GLU B 21 6.96 -2.61 2.95
C GLU B 21 7.53 -4.02 2.76
N GLY B 22 7.71 -4.38 1.50
CA GLY B 22 8.25 -5.70 1.16
C GLY B 22 7.35 -6.41 0.15
N HIS B 23 6.27 -5.73 -0.22
CA HIS B 23 5.33 -6.29 -1.17
C HIS B 23 4.35 -5.19 -1.62
N ILE B 24 3.78 -5.40 -2.81
CA ILE B 24 2.84 -4.45 -3.35
C ILE B 24 1.43 -5.05 -3.28
N ALA B 25 0.44 -4.17 -3.45
CA ALA B 25 -0.94 -4.59 -3.41
C ALA B 25 -1.14 -5.81 -4.30
N LYS B 26 -0.40 -5.83 -5.41
CA LYS B 26 -0.48 -6.93 -6.34
C LYS B 26 -0.08 -8.23 -5.64
N ASN B 27 1.01 -8.14 -4.88
CA ASN B 27 1.51 -9.29 -4.15
C ASN B 27 0.92 -9.29 -2.75
N CYS B 28 -0.07 -8.43 -2.55
CA CYS B 28 -0.71 -8.32 -1.25
C CYS B 28 -1.85 -9.35 -1.19
N ARG B 29 -1.87 -10.07 -0.08
CA ARG B 29 -2.89 -11.09 0.12
C ARG B 29 -4.23 -10.45 0.47
N ALA B 30 -4.15 -9.26 1.04
CA ALA B 30 -5.34 -8.52 1.41
C ALA B 30 -6.14 -8.16 0.16
N PRO B 31 -7.48 -8.01 0.35
CA PRO B 31 -8.35 -7.66 -0.76
C PRO B 31 -8.21 -6.19 -1.13
N ARG B 32 -8.58 -5.88 -2.38
CA ARG B 32 -8.50 -4.52 -2.86
C ARG B 32 -9.26 -3.57 -1.94
N LYS B 33 -8.50 -2.80 -1.18
CA LYS B 33 -9.09 -1.86 -0.25
C LYS B 33 -8.41 -0.49 -0.42
N LYS B 34 -8.91 0.47 0.34
CA LYS B 34 -8.37 1.83 0.27
C LYS B 34 -8.42 2.45 1.67
N GLY B 35 -7.87 1.72 2.63
CA GLY B 35 -7.83 2.18 4.00
C GLY B 35 -6.51 2.89 4.31
N CYS B 36 -6.63 4.09 4.85
CA CYS B 36 -5.46 4.87 5.20
C CYS B 36 -4.63 4.08 6.22
N TRP B 37 -3.40 3.80 5.84
CA TRP B 37 -2.50 3.04 6.71
C TRP B 37 -1.87 4.03 7.70
N LYS B 38 -2.67 4.99 8.12
CA LYS B 38 -2.21 5.99 9.06
C LYS B 38 -3.24 6.15 10.18
N CYS B 39 -4.49 6.32 9.77
CA CYS B 39 -5.57 6.48 10.73
C CYS B 39 -6.44 5.23 10.69
N GLY B 40 -6.53 4.64 9.51
CA GLY B 40 -7.32 3.44 9.32
C GLY B 40 -8.70 3.78 8.74
N LYS B 41 -8.78 4.97 8.15
CA LYS B 41 -10.03 5.42 7.55
C LYS B 41 -10.05 5.03 6.08
N GLU B 42 -11.13 4.35 5.69
CA GLU B 42 -11.29 3.92 4.32
C GLU B 42 -11.92 5.02 3.48
N GLY B 43 -11.21 5.42 2.44
CA GLY B 43 -11.69 6.47 1.55
C GLY B 43 -10.56 7.43 1.17
N HIS B 44 -9.81 7.85 2.18
CA HIS B 44 -8.71 8.76 1.96
C HIS B 44 -7.39 7.99 2.02
N GLN B 45 -6.33 8.67 1.60
CA GLN B 45 -5.00 8.06 1.61
C GLN B 45 -4.08 8.82 2.56
N MET B 46 -3.01 8.13 2.95
CA MET B 46 -2.04 8.72 3.86
C MET B 46 -1.58 10.09 3.35
N LYS B 47 -1.39 10.17 2.04
CA LYS B 47 -0.94 11.42 1.42
C LYS B 47 -1.94 12.53 1.78
N ASP B 48 -3.21 12.16 1.80
CA ASP B 48 -4.26 13.11 2.11
C ASP B 48 -4.87 12.76 3.47
N CYS B 49 -4.05 12.17 4.32
CA CYS B 49 -4.50 11.77 5.65
C CYS B 49 -5.30 12.93 6.25
N THR B 50 -6.58 12.68 6.48
CA THR B 50 -7.46 13.68 7.05
C THR B 50 -6.96 14.11 8.42
N GLU B 51 -6.02 13.33 8.94
CA GLU B 51 -5.45 13.62 10.24
C GLU B 51 -4.48 12.51 10.66
N ARG B 52 -5.02 11.53 11.37
CA ARG B 52 -4.22 10.41 11.83
C ARG B 52 -5.00 9.59 12.85
N GLN B 53 -4.37 8.51 13.31
CA GLN B 53 -4.99 7.64 14.28
C GLN B 53 -4.06 6.46 14.61
N ALA B 54 -4.10 6.05 15.87
CA ALA B 54 -3.27 4.94 16.32
C ALA B 54 -3.96 3.63 15.99
N ASN B 55 -3.35 2.88 15.09
CA ASN B 55 -3.89 1.59 14.66
C ASN B 55 -2.85 0.85 13.83
N MET B 1 8.52 -15.09 -14.09
CA MET B 1 7.14 -14.88 -14.48
C MET B 1 6.96 -13.51 -15.13
N GLN B 2 5.76 -13.29 -15.64
CA GLN B 2 5.44 -12.02 -16.29
C GLN B 2 5.45 -10.89 -15.26
N LYS B 3 5.27 -9.68 -15.77
CA LYS B 3 5.25 -8.50 -14.92
C LYS B 3 6.68 -8.13 -14.54
N GLY B 4 7.45 -7.76 -15.56
CA GLY B 4 8.83 -7.38 -15.35
C GLY B 4 8.95 -6.21 -14.37
N ASN B 5 7.88 -5.41 -14.34
CA ASN B 5 7.84 -4.26 -13.46
C ASN B 5 8.02 -4.72 -12.00
N PHE B 6 7.80 -6.01 -11.80
CA PHE B 6 7.92 -6.59 -10.48
C PHE B 6 9.34 -6.40 -9.93
N ARG B 7 10.24 -6.04 -10.82
CA ARG B 7 11.63 -5.82 -10.45
C ARG B 7 11.73 -4.71 -9.40
N ASN B 8 10.64 -3.98 -9.27
CA ASN B 8 10.58 -2.88 -8.30
C ASN B 8 10.88 -3.43 -6.90
N GLN B 9 10.39 -4.64 -6.66
CA GLN B 9 10.58 -5.27 -5.37
C GLN B 9 12.08 -5.44 -5.08
N ARG B 10 12.87 -5.21 -6.11
CA ARG B 10 14.32 -5.32 -5.99
C ARG B 10 14.83 -4.43 -4.86
N LYS B 11 13.98 -3.49 -4.47
CA LYS B 11 14.34 -2.55 -3.40
C LYS B 11 13.51 -2.88 -2.16
N THR B 12 12.31 -2.32 -2.12
CA THR B 12 11.41 -2.54 -1.00
C THR B 12 10.10 -1.77 -1.20
N VAL B 13 9.57 -1.89 -2.41
CA VAL B 13 8.33 -1.22 -2.74
C VAL B 13 7.36 -1.32 -1.57
N LYS B 14 6.45 -0.36 -1.50
CA LYS B 14 5.47 -0.34 -0.44
C LYS B 14 4.12 -0.80 -0.98
N CYS B 15 3.39 -1.52 -0.13
CA CYS B 15 2.09 -2.04 -0.52
C CYS B 15 1.05 -0.93 -0.29
N PHE B 16 0.52 -0.43 -1.39
CA PHE B 16 -0.48 0.62 -1.34
C PHE B 16 -1.84 0.07 -0.90
N ASN B 17 -1.85 -1.22 -0.59
CA ASN B 17 -3.07 -1.88 -0.16
C ASN B 17 -3.12 -1.91 1.36
N CYS B 18 -2.14 -2.57 1.95
CA CYS B 18 -2.05 -2.68 3.39
C CYS B 18 -1.25 -1.48 3.91
N GLY B 19 -0.15 -1.20 3.23
CA GLY B 19 0.71 -0.10 3.61
C GLY B 19 2.02 -0.61 4.22
N LYS B 20 2.43 -1.79 3.75
CA LYS B 20 3.66 -2.39 4.24
C LYS B 20 4.78 -2.11 3.24
N GLU B 21 5.93 -2.71 3.52
CA GLU B 21 7.10 -2.54 2.66
C GLU B 21 7.75 -3.89 2.36
N GLY B 22 7.76 -4.23 1.08
CA GLY B 22 8.34 -5.49 0.65
C GLY B 22 7.53 -6.10 -0.50
N HIS B 23 6.25 -5.76 -0.52
CA HIS B 23 5.36 -6.27 -1.55
C HIS B 23 4.41 -5.17 -1.99
N ILE B 24 3.86 -5.34 -3.19
CA ILE B 24 2.94 -4.37 -3.74
C ILE B 24 1.52 -4.96 -3.73
N ALA B 25 0.55 -4.06 -3.82
CA ALA B 25 -0.84 -4.47 -3.83
C ALA B 25 -1.04 -5.60 -4.84
N LYS B 26 -0.32 -5.49 -5.94
CA LYS B 26 -0.40 -6.50 -7.00
C LYS B 26 0.00 -7.85 -6.43
N ASN B 27 1.07 -7.85 -5.65
CA ASN B 27 1.57 -9.07 -5.04
C ASN B 27 1.05 -9.17 -3.61
N CYS B 28 0.09 -8.31 -3.30
CA CYS B 28 -0.50 -8.29 -1.97
C CYS B 28 -1.60 -9.36 -1.92
N ARG B 29 -1.59 -10.11 -0.82
CA ARG B 29 -2.58 -11.16 -0.64
C ARG B 29 -3.94 -10.55 -0.27
N ALA B 30 -3.88 -9.44 0.45
CA ALA B 30 -5.09 -8.76 0.87
C ALA B 30 -5.93 -8.42 -0.37
N PRO B 31 -7.26 -8.25 -0.12
CA PRO B 31 -8.18 -7.93 -1.20
C PRO B 31 -8.04 -6.45 -1.61
N ARG B 32 -8.39 -6.20 -2.87
CA ARG B 32 -8.31 -4.84 -3.40
C ARG B 32 -9.13 -3.88 -2.53
N LYS B 33 -8.41 -3.09 -1.75
CA LYS B 33 -9.06 -2.13 -0.87
C LYS B 33 -8.30 -0.80 -0.94
N LYS B 34 -8.74 0.14 -0.12
CA LYS B 34 -8.11 1.45 -0.08
C LYS B 34 -8.21 2.01 1.34
N GLY B 35 -7.72 1.21 2.29
CA GLY B 35 -7.75 1.61 3.69
C GLY B 35 -6.47 2.37 4.07
N CYS B 36 -6.66 3.48 4.75
CA CYS B 36 -5.53 4.30 5.17
C CYS B 36 -4.67 3.46 6.12
N TRP B 37 -3.39 3.34 5.77
CA TRP B 37 -2.46 2.58 6.58
C TRP B 37 -1.95 3.49 7.70
N LYS B 38 -2.82 4.38 8.13
CA LYS B 38 -2.46 5.31 9.20
C LYS B 38 -3.57 5.31 10.25
N CYS B 39 -4.81 5.46 9.77
CA CYS B 39 -5.95 5.48 10.66
C CYS B 39 -6.75 4.19 10.43
N GLY B 40 -6.74 3.73 9.20
CA GLY B 40 -7.46 2.52 8.84
C GLY B 40 -8.82 2.84 8.23
N LYS B 41 -8.93 4.06 7.72
CA LYS B 41 -10.17 4.51 7.09
C LYS B 41 -10.09 4.28 5.59
N GLU B 42 -11.07 3.54 5.09
CA GLU B 42 -11.13 3.22 3.68
C GLU B 42 -11.78 4.38 2.91
N GLY B 43 -11.02 4.92 1.96
CA GLY B 43 -11.51 6.03 1.15
C GLY B 43 -10.40 7.06 0.91
N HIS B 44 -9.74 7.43 1.99
CA HIS B 44 -8.66 8.39 1.90
C HIS B 44 -7.31 7.68 1.97
N GLN B 45 -6.26 8.42 1.69
CA GLN B 45 -4.91 7.87 1.71
C GLN B 45 -4.08 8.58 2.79
N MET B 46 -3.05 7.86 3.24
CA MET B 46 -2.16 8.41 4.26
C MET B 46 -1.66 9.80 3.87
N LYS B 47 -1.52 10.00 2.57
CA LYS B 47 -1.06 11.27 2.06
C LYS B 47 -1.99 12.38 2.53
N ASP B 48 -3.28 12.09 2.46
CA ASP B 48 -4.29 13.05 2.88
C ASP B 48 -4.96 12.55 4.17
N CYS B 49 -4.19 11.79 4.94
CA CYS B 49 -4.70 11.25 6.19
C CYS B 49 -5.46 12.36 6.92
N THR B 50 -6.77 12.18 7.01
CA THR B 50 -7.61 13.15 7.68
C THR B 50 -7.47 13.03 9.20
N GLU B 51 -6.63 12.08 9.61
CA GLU B 51 -6.40 11.85 11.03
C GLU B 51 -4.91 12.03 11.36
N ARG B 52 -4.44 13.24 11.14
CA ARG B 52 -3.04 13.55 11.41
C ARG B 52 -2.93 14.74 12.38
N GLN B 53 -1.84 14.75 13.12
CA GLN B 53 -1.61 15.82 14.09
C GLN B 53 -0.16 15.78 14.58
N ALA B 54 0.76 15.93 13.64
CA ALA B 54 2.17 15.92 13.97
C ALA B 54 2.40 16.69 15.27
N ASN B 55 2.06 17.96 15.23
CA ASN B 55 2.22 18.82 16.39
C ASN B 55 1.68 18.10 17.63
N MET B 1 -0.06 -11.87 -17.59
CA MET B 1 1.21 -11.91 -18.29
C MET B 1 2.38 -11.95 -17.30
N GLN B 2 3.57 -12.15 -17.84
CA GLN B 2 4.76 -12.21 -17.02
C GLN B 2 4.74 -11.09 -15.97
N LYS B 3 4.57 -9.87 -16.46
CA LYS B 3 4.53 -8.72 -15.57
C LYS B 3 5.94 -8.35 -15.14
N GLY B 4 6.74 -7.96 -16.11
CA GLY B 4 8.13 -7.59 -15.85
C GLY B 4 8.20 -6.43 -14.85
N ASN B 5 7.13 -5.65 -14.82
CA ASN B 5 7.06 -4.51 -13.92
C ASN B 5 7.19 -5.01 -12.47
N PHE B 6 6.96 -6.31 -12.30
CA PHE B 6 7.04 -6.91 -10.98
C PHE B 6 8.45 -6.76 -10.41
N ARG B 7 9.39 -6.46 -11.28
CA ARG B 7 10.78 -6.28 -10.87
C ARG B 7 10.90 -5.15 -9.86
N ASN B 8 9.82 -4.38 -9.75
CA ASN B 8 9.79 -3.26 -8.83
C ASN B 8 10.09 -3.76 -7.42
N GLN B 9 9.93 -5.07 -7.23
CA GLN B 9 10.18 -5.68 -5.95
C GLN B 9 11.64 -5.50 -5.55
N ARG B 10 12.44 -5.06 -6.51
CA ARG B 10 13.85 -4.84 -6.27
C ARG B 10 14.07 -3.52 -5.52
N LYS B 11 12.95 -2.87 -5.21
CA LYS B 11 13.01 -1.61 -4.50
C LYS B 11 12.05 -1.66 -3.30
N THR B 12 12.01 -2.82 -2.67
CA THR B 12 11.15 -3.02 -1.52
C THR B 12 9.84 -2.24 -1.69
N VAL B 13 9.25 -2.40 -2.86
CA VAL B 13 8.00 -1.72 -3.18
C VAL B 13 7.10 -1.75 -1.94
N LYS B 14 6.21 -0.77 -1.88
CA LYS B 14 5.27 -0.67 -0.77
C LYS B 14 3.88 -1.07 -1.24
N CYS B 15 3.20 -1.84 -0.40
CA CYS B 15 1.86 -2.30 -0.71
C CYS B 15 0.89 -1.15 -0.46
N PHE B 16 0.31 -0.65 -1.53
CA PHE B 16 -0.63 0.45 -1.43
C PHE B 16 -2.00 -0.03 -0.94
N ASN B 17 -2.03 -1.30 -0.56
CA ASN B 17 -3.26 -1.91 -0.08
C ASN B 17 -3.22 -1.95 1.46
N CYS B 18 -2.19 -2.61 1.98
CA CYS B 18 -2.04 -2.71 3.42
C CYS B 18 -1.10 -1.60 3.89
N GLY B 19 -0.04 -1.40 3.13
CA GLY B 19 0.93 -0.37 3.46
C GLY B 19 2.22 -0.99 4.02
N LYS B 20 2.52 -2.19 3.53
CA LYS B 20 3.71 -2.89 3.98
C LYS B 20 4.65 -3.09 2.78
N GLU B 21 5.94 -2.95 3.06
CA GLU B 21 6.94 -3.11 2.02
C GLU B 21 7.31 -4.59 1.86
N GLY B 22 7.62 -4.96 0.62
CA GLY B 22 7.97 -6.33 0.32
C GLY B 22 7.06 -6.91 -0.76
N HIS B 23 5.84 -6.38 -0.81
CA HIS B 23 4.87 -6.85 -1.78
C HIS B 23 3.97 -5.68 -2.19
N ILE B 24 3.37 -5.83 -3.37
CA ILE B 24 2.49 -4.79 -3.89
C ILE B 24 1.03 -5.27 -3.79
N ALA B 25 0.12 -4.31 -3.83
CA ALA B 25 -1.29 -4.63 -3.74
C ALA B 25 -1.61 -5.78 -4.69
N LYS B 26 -0.95 -5.77 -5.84
CA LYS B 26 -1.15 -6.80 -6.84
C LYS B 26 -0.80 -8.16 -6.24
N ASN B 27 0.35 -8.21 -5.59
CA ASN B 27 0.81 -9.44 -4.96
C ASN B 27 0.33 -9.48 -3.52
N CYS B 28 -0.58 -8.56 -3.19
CA CYS B 28 -1.13 -8.49 -1.85
C CYS B 28 -2.27 -9.50 -1.74
N ARG B 29 -2.28 -10.20 -0.61
CA ARG B 29 -3.30 -11.20 -0.36
C ARG B 29 -4.59 -10.54 0.10
N ALA B 30 -4.44 -9.40 0.77
CA ALA B 30 -5.58 -8.66 1.28
C ALA B 30 -6.48 -8.26 0.10
N PRO B 31 -7.78 -8.03 0.43
CA PRO B 31 -8.75 -7.65 -0.59
C PRO B 31 -8.56 -6.20 -1.00
N ARG B 32 -9.04 -5.88 -2.20
CA ARG B 32 -8.93 -4.53 -2.72
C ARG B 32 -9.61 -3.54 -1.76
N LYS B 33 -8.78 -2.79 -1.06
CA LYS B 33 -9.27 -1.81 -0.11
C LYS B 33 -8.51 -0.50 -0.29
N LYS B 34 -8.82 0.46 0.57
CA LYS B 34 -8.18 1.75 0.52
C LYS B 34 -8.12 2.35 1.92
N GLY B 35 -7.55 1.58 2.83
CA GLY B 35 -7.43 2.02 4.21
C GLY B 35 -6.07 2.67 4.47
N CYS B 36 -6.12 3.85 5.06
CA CYS B 36 -4.90 4.59 5.37
C CYS B 36 -4.05 3.75 6.32
N TRP B 37 -2.85 3.42 5.87
CA TRP B 37 -1.94 2.63 6.67
C TRP B 37 -1.20 3.56 7.63
N LYS B 38 -1.91 4.60 8.04
CA LYS B 38 -1.35 5.58 8.96
C LYS B 38 -2.30 5.79 10.13
N CYS B 39 -3.57 6.00 9.78
CA CYS B 39 -4.59 6.22 10.79
C CYS B 39 -5.51 5.00 10.82
N GLY B 40 -5.69 4.41 9.64
CA GLY B 40 -6.53 3.24 9.52
C GLY B 40 -7.94 3.63 9.03
N LYS B 41 -8.01 4.81 8.43
CA LYS B 41 -9.28 5.31 7.93
C LYS B 41 -9.42 4.91 6.45
N GLU B 42 -10.53 4.26 6.14
CA GLU B 42 -10.79 3.83 4.79
C GLU B 42 -11.47 4.96 3.99
N GLY B 43 -10.81 5.35 2.91
CA GLY B 43 -11.34 6.41 2.06
C GLY B 43 -10.22 7.35 1.61
N HIS B 44 -9.40 7.76 2.57
CA HIS B 44 -8.30 8.65 2.28
C HIS B 44 -6.99 7.86 2.25
N GLN B 45 -5.92 8.57 1.91
CA GLN B 45 -4.61 7.94 1.85
C GLN B 45 -3.61 8.72 2.69
N MET B 46 -2.56 8.03 3.10
CA MET B 46 -1.52 8.64 3.92
C MET B 46 -1.03 9.94 3.29
N LYS B 47 -0.85 9.90 1.98
CA LYS B 47 -0.38 11.06 1.24
C LYS B 47 -1.33 12.23 1.49
N ASP B 48 -2.61 11.90 1.57
CA ASP B 48 -3.63 12.91 1.80
C ASP B 48 -4.32 12.63 3.15
N CYS B 49 -3.52 12.14 4.08
CA CYS B 49 -4.03 11.84 5.41
C CYS B 49 -4.75 13.08 5.94
N THR B 50 -6.06 12.96 6.07
CA THR B 50 -6.88 14.05 6.58
C THR B 50 -6.90 14.05 8.10
N GLU B 51 -6.13 13.13 8.67
CA GLU B 51 -6.05 13.01 10.11
C GLU B 51 -5.03 14.00 10.68
N ARG B 52 -3.79 13.83 10.24
CA ARG B 52 -2.71 14.70 10.69
C ARG B 52 -2.69 14.76 12.22
N GLN B 53 -1.80 13.95 12.80
CA GLN B 53 -1.66 13.91 14.24
C GLN B 53 -0.42 13.09 14.63
N ALA B 54 -0.39 11.86 14.12
CA ALA B 54 0.73 10.98 14.40
C ALA B 54 0.60 10.45 15.84
N ASN B 55 0.64 11.38 16.78
CA ASN B 55 0.54 11.02 18.19
C ASN B 55 1.71 10.10 18.56
N MET B 1 6.95 -16.64 -12.92
CA MET B 1 6.89 -15.40 -12.18
C MET B 1 6.07 -14.35 -12.93
N GLN B 2 6.60 -13.93 -14.08
CA GLN B 2 5.93 -12.94 -14.90
C GLN B 2 5.75 -11.64 -14.11
N LYS B 3 5.72 -10.54 -14.86
CA LYS B 3 5.55 -9.23 -14.25
C LYS B 3 6.91 -8.75 -13.72
N GLY B 4 7.80 -8.47 -14.65
CA GLY B 4 9.13 -7.99 -14.29
C GLY B 4 9.05 -6.70 -13.49
N ASN B 5 7.94 -6.00 -13.66
CA ASN B 5 7.73 -4.75 -12.96
C ASN B 5 7.79 -4.99 -11.45
N PHE B 6 7.43 -6.21 -11.07
CA PHE B 6 7.44 -6.57 -9.66
C PHE B 6 8.84 -6.45 -9.07
N ARG B 7 9.82 -6.36 -9.96
CA ARG B 7 11.21 -6.24 -9.55
C ARG B 7 11.40 -4.97 -8.71
N ASN B 8 10.39 -4.11 -8.75
CA ASN B 8 10.43 -2.87 -7.99
C ASN B 8 10.67 -3.19 -6.51
N GLN B 9 10.44 -4.44 -6.15
CA GLN B 9 10.63 -4.88 -4.78
C GLN B 9 12.07 -4.63 -4.33
N ARG B 10 12.92 -4.39 -5.32
CA ARG B 10 14.33 -4.14 -5.06
C ARG B 10 14.48 -2.89 -4.18
N LYS B 11 13.38 -2.14 -4.06
CA LYS B 11 13.38 -0.94 -3.26
C LYS B 11 12.34 -1.06 -2.15
N THR B 12 12.23 -2.27 -1.61
CA THR B 12 11.28 -2.53 -0.56
C THR B 12 9.97 -1.77 -0.80
N VAL B 13 9.49 -1.87 -2.03
CA VAL B 13 8.26 -1.19 -2.41
C VAL B 13 7.27 -1.26 -1.25
N LYS B 14 6.35 -0.31 -1.24
CA LYS B 14 5.33 -0.26 -0.20
C LYS B 14 3.98 -0.68 -0.78
N CYS B 15 3.29 -1.52 -0.02
CA CYS B 15 1.99 -2.01 -0.44
C CYS B 15 0.96 -0.89 -0.26
N PHE B 16 0.48 -0.40 -1.38
CA PHE B 16 -0.51 0.67 -1.36
C PHE B 16 -1.90 0.14 -0.99
N ASN B 17 -1.93 -1.13 -0.63
CA ASN B 17 -3.17 -1.77 -0.25
C ASN B 17 -3.29 -1.80 1.27
N CYS B 18 -2.30 -2.42 1.91
CA CYS B 18 -2.29 -2.50 3.35
C CYS B 18 -1.42 -1.37 3.90
N GLY B 19 -0.30 -1.15 3.23
CA GLY B 19 0.62 -0.11 3.63
C GLY B 19 1.88 -0.70 4.29
N LYS B 20 2.21 -1.90 3.86
CA LYS B 20 3.38 -2.58 4.39
C LYS B 20 4.44 -2.71 3.30
N GLU B 21 5.68 -2.50 3.70
CA GLU B 21 6.79 -2.59 2.77
C GLU B 21 7.28 -4.03 2.66
N GLY B 22 7.60 -4.43 1.43
CA GLY B 22 8.08 -5.77 1.18
C GLY B 22 7.15 -6.52 0.22
N HIS B 23 6.22 -5.77 -0.36
CA HIS B 23 5.27 -6.33 -1.29
C HIS B 23 4.39 -5.23 -1.86
N ILE B 24 3.78 -5.52 -3.01
CA ILE B 24 2.91 -4.56 -3.67
C ILE B 24 1.47 -5.08 -3.62
N ALA B 25 0.53 -4.15 -3.75
CA ALA B 25 -0.88 -4.50 -3.73
C ALA B 25 -1.12 -5.65 -4.71
N LYS B 26 -0.42 -5.60 -5.84
CA LYS B 26 -0.55 -6.62 -6.85
C LYS B 26 -0.21 -7.98 -6.25
N ASN B 27 0.87 -8.00 -5.48
CA ASN B 27 1.33 -9.22 -4.84
C ASN B 27 0.71 -9.32 -3.44
N CYS B 28 -0.12 -8.33 -3.13
CA CYS B 28 -0.79 -8.30 -1.84
C CYS B 28 -1.93 -9.32 -1.86
N ARG B 29 -1.99 -10.13 -0.81
CA ARG B 29 -3.02 -11.14 -0.70
C ARG B 29 -4.35 -10.49 -0.34
N ALA B 30 -4.26 -9.36 0.34
CA ALA B 30 -5.45 -8.63 0.76
C ALA B 30 -6.26 -8.23 -0.47
N PRO B 31 -7.58 -8.02 -0.25
CA PRO B 31 -8.47 -7.63 -1.32
C PRO B 31 -8.25 -6.17 -1.72
N ARG B 32 -8.64 -5.85 -2.95
CA ARG B 32 -8.50 -4.50 -3.46
C ARG B 32 -9.28 -3.52 -2.58
N LYS B 33 -8.53 -2.79 -1.77
CA LYS B 33 -9.13 -1.80 -0.88
C LYS B 33 -8.36 -0.48 -0.99
N LYS B 34 -8.79 0.48 -0.17
CA LYS B 34 -8.15 1.78 -0.17
C LYS B 34 -8.22 2.37 1.24
N GLY B 35 -7.75 1.59 2.20
CA GLY B 35 -7.75 2.02 3.59
C GLY B 35 -6.44 2.74 3.95
N CYS B 36 -6.59 3.92 4.54
CA CYS B 36 -5.44 4.70 4.93
C CYS B 36 -4.64 3.91 5.96
N TRP B 37 -3.40 3.61 5.61
CA TRP B 37 -2.53 2.86 6.49
C TRP B 37 -1.93 3.83 7.50
N LYS B 38 -2.75 4.79 7.92
CA LYS B 38 -2.31 5.79 8.88
C LYS B 38 -3.36 5.92 9.98
N CYS B 39 -4.60 6.09 9.55
CA CYS B 39 -5.71 6.23 10.48
C CYS B 39 -6.57 4.97 10.40
N GLY B 40 -6.62 4.42 9.21
CA GLY B 40 -7.42 3.21 8.98
C GLY B 40 -8.77 3.56 8.35
N LYS B 41 -8.84 4.74 7.76
CA LYS B 41 -10.06 5.20 7.14
C LYS B 41 -10.03 4.83 5.65
N GLU B 42 -11.08 4.13 5.22
CA GLU B 42 -11.19 3.72 3.83
C GLU B 42 -11.82 4.83 2.99
N GLY B 43 -11.06 5.28 2.01
CA GLY B 43 -11.53 6.33 1.13
C GLY B 43 -10.39 7.31 0.79
N HIS B 44 -9.69 7.74 1.81
CA HIS B 44 -8.59 8.66 1.64
C HIS B 44 -7.26 7.91 1.72
N GLN B 45 -6.18 8.62 1.43
CA GLN B 45 -4.86 8.03 1.46
C GLN B 45 -3.96 8.80 2.43
N MET B 46 -2.90 8.12 2.87
CA MET B 46 -1.96 8.73 3.80
C MET B 46 -1.51 10.10 3.29
N LYS B 47 -1.36 10.20 1.98
CA LYS B 47 -0.93 11.44 1.37
C LYS B 47 -1.90 12.55 1.76
N ASP B 48 -3.18 12.22 1.74
CA ASP B 48 -4.21 13.18 2.09
C ASP B 48 -4.88 12.75 3.40
N CYS B 49 -4.09 12.09 4.23
CA CYS B 49 -4.58 11.63 5.53
C CYS B 49 -5.43 12.74 6.14
N THR B 50 -6.73 12.48 6.23
CA THR B 50 -7.66 13.44 6.79
C THR B 50 -7.66 13.35 8.32
N GLU B 51 -6.82 12.46 8.83
CA GLU B 51 -6.71 12.26 10.27
C GLU B 51 -8.09 12.36 10.91
N ARG B 52 -8.94 11.40 10.57
CA ARG B 52 -10.30 11.37 11.12
C ARG B 52 -10.98 10.05 10.74
N GLN B 53 -11.78 9.55 11.67
CA GLN B 53 -12.51 8.32 11.43
C GLN B 53 -13.89 8.37 12.09
N ALA B 54 -14.70 9.31 11.60
CA ALA B 54 -16.04 9.49 12.13
C ALA B 54 -17.01 9.76 10.97
N ASN B 55 -18.29 9.76 11.31
CA ASN B 55 -19.32 10.00 10.31
C ASN B 55 -20.00 11.34 10.61
N MET B 1 5.71 -15.35 -14.94
CA MET B 1 6.71 -14.36 -15.34
C MET B 1 6.04 -13.04 -15.74
N GLN B 2 4.90 -13.18 -16.41
CA GLN B 2 4.16 -12.02 -16.86
C GLN B 2 4.20 -10.91 -15.80
N LYS B 3 4.11 -9.68 -16.27
CA LYS B 3 4.14 -8.53 -15.39
C LYS B 3 5.59 -8.26 -14.96
N GLY B 4 6.40 -7.90 -15.93
CA GLY B 4 7.80 -7.62 -15.68
C GLY B 4 7.95 -6.48 -14.66
N ASN B 5 6.90 -5.67 -14.57
CA ASN B 5 6.90 -4.54 -13.65
C ASN B 5 7.10 -5.06 -12.23
N PHE B 6 6.79 -6.34 -12.04
CA PHE B 6 6.93 -6.96 -10.74
C PHE B 6 8.38 -6.91 -10.26
N ARG B 7 9.27 -6.63 -11.20
CA ARG B 7 10.69 -6.55 -10.88
C ARG B 7 10.94 -5.47 -9.83
N ASN B 8 9.92 -4.64 -9.63
CA ASN B 8 10.02 -3.56 -8.67
C ASN B 8 10.35 -4.15 -7.29
N GLN B 9 9.79 -5.31 -7.02
CA GLN B 9 10.02 -5.98 -5.76
C GLN B 9 11.52 -6.25 -5.56
N ARG B 10 12.26 -6.06 -6.63
CA ARG B 10 13.69 -6.27 -6.59
C ARG B 10 14.34 -5.42 -5.49
N LYS B 11 13.58 -4.44 -5.05
CA LYS B 11 14.05 -3.55 -4.00
C LYS B 11 13.29 -3.82 -2.70
N THR B 12 12.13 -3.20 -2.60
CA THR B 12 11.29 -3.37 -1.43
C THR B 12 10.02 -2.53 -1.54
N VAL B 13 9.41 -2.60 -2.71
CA VAL B 13 8.18 -1.86 -2.97
C VAL B 13 7.29 -1.93 -1.73
N LYS B 14 6.44 -0.91 -1.60
CA LYS B 14 5.52 -0.85 -0.48
C LYS B 14 4.12 -1.24 -0.95
N CYS B 15 3.46 -2.05 -0.14
CA CYS B 15 2.11 -2.49 -0.46
C CYS B 15 1.15 -1.32 -0.24
N PHE B 16 0.57 -0.85 -1.34
CA PHE B 16 -0.36 0.25 -1.27
C PHE B 16 -1.74 -0.21 -0.77
N ASN B 17 -1.79 -1.47 -0.37
CA ASN B 17 -3.03 -2.05 0.13
C ASN B 17 -3.01 -2.02 1.65
N CYS B 18 -2.01 -2.69 2.22
CA CYS B 18 -1.87 -2.74 3.66
C CYS B 18 -0.96 -1.59 4.11
N GLY B 19 0.10 -1.38 3.34
CA GLY B 19 1.04 -0.33 3.65
C GLY B 19 2.35 -0.90 4.21
N LYS B 20 2.66 -2.11 3.77
CA LYS B 20 3.86 -2.78 4.21
C LYS B 20 4.95 -2.64 3.14
N GLU B 21 6.04 -3.35 3.35
CA GLU B 21 7.16 -3.31 2.41
C GLU B 21 7.67 -4.73 2.13
N GLY B 22 7.73 -5.06 0.85
CA GLY B 22 8.19 -6.37 0.44
C GLY B 22 7.19 -7.02 -0.52
N HIS B 23 6.11 -6.32 -0.77
CA HIS B 23 5.08 -6.82 -1.67
C HIS B 23 4.15 -5.68 -2.08
N ILE B 24 3.49 -5.86 -3.21
CA ILE B 24 2.57 -4.87 -3.71
C ILE B 24 1.13 -5.37 -3.56
N ALA B 25 0.20 -4.43 -3.61
CA ALA B 25 -1.21 -4.75 -3.48
C ALA B 25 -1.54 -5.93 -4.40
N LYS B 26 -0.93 -5.91 -5.57
CA LYS B 26 -1.15 -6.96 -6.56
C LYS B 26 -0.73 -8.31 -5.95
N ASN B 27 0.43 -8.30 -5.31
CA ASN B 27 0.96 -9.51 -4.69
C ASN B 27 0.53 -9.55 -3.22
N CYS B 28 -0.42 -8.68 -2.89
CA CYS B 28 -0.91 -8.60 -1.53
C CYS B 28 -2.02 -9.65 -1.37
N ARG B 29 -1.93 -10.39 -0.27
CA ARG B 29 -2.91 -11.43 0.02
C ARG B 29 -4.24 -10.79 0.47
N ALA B 30 -4.12 -9.64 1.11
CA ALA B 30 -5.28 -8.93 1.60
C ALA B 30 -6.17 -8.55 0.41
N PRO B 31 -7.47 -8.30 0.72
CA PRO B 31 -8.43 -7.93 -0.32
C PRO B 31 -8.22 -6.47 -0.77
N ARG B 32 -8.54 -6.23 -2.02
CA ARG B 32 -8.39 -4.90 -2.58
C ARG B 32 -9.23 -3.89 -1.78
N LYS B 33 -8.52 -3.05 -1.04
CA LYS B 33 -9.18 -2.03 -0.22
C LYS B 33 -8.48 -0.70 -0.43
N LYS B 34 -8.92 0.29 0.33
CA LYS B 34 -8.36 1.63 0.25
C LYS B 34 -8.37 2.27 1.63
N GLY B 35 -7.82 1.55 2.60
CA GLY B 35 -7.77 2.05 3.96
C GLY B 35 -6.42 2.70 4.26
N CYS B 36 -6.49 3.94 4.73
CA CYS B 36 -5.29 4.69 5.05
C CYS B 36 -4.54 3.96 6.15
N TRP B 37 -3.32 3.54 5.84
CA TRP B 37 -2.51 2.83 6.80
C TRP B 37 -1.78 3.86 7.66
N LYS B 38 -2.49 4.94 7.96
CA LYS B 38 -1.92 6.01 8.77
C LYS B 38 -2.92 6.37 9.88
N CYS B 39 -4.17 6.56 9.46
CA CYS B 39 -5.22 6.91 10.41
C CYS B 39 -6.15 5.71 10.56
N GLY B 40 -6.27 4.97 9.46
CA GLY B 40 -7.13 3.80 9.46
C GLY B 40 -8.52 4.13 8.90
N LYS B 41 -8.56 5.20 8.13
CA LYS B 41 -9.81 5.64 7.52
C LYS B 41 -9.90 5.11 6.09
N GLU B 42 -11.01 4.44 5.81
CA GLU B 42 -11.23 3.87 4.49
C GLU B 42 -11.88 4.91 3.57
N GLY B 43 -11.21 5.16 2.45
CA GLY B 43 -11.71 6.12 1.48
C GLY B 43 -10.58 7.00 0.95
N HIS B 44 -9.76 7.49 1.89
CA HIS B 44 -8.65 8.34 1.54
C HIS B 44 -7.34 7.55 1.64
N GLN B 45 -6.25 8.23 1.31
CA GLN B 45 -4.94 7.60 1.36
C GLN B 45 -3.96 8.48 2.14
N MET B 46 -2.89 7.86 2.62
CA MET B 46 -1.88 8.57 3.37
C MET B 46 -1.40 9.81 2.60
N LYS B 47 -1.18 9.61 1.31
CA LYS B 47 -0.71 10.69 0.46
C LYS B 47 -1.69 11.87 0.56
N ASP B 48 -2.96 11.53 0.72
CA ASP B 48 -3.99 12.54 0.84
C ASP B 48 -4.69 12.40 2.18
N CYS B 49 -3.91 12.06 3.19
CA CYS B 49 -4.44 11.89 4.53
C CYS B 49 -5.14 13.19 4.95
N THR B 50 -6.46 13.11 5.06
CA THR B 50 -7.26 14.26 5.43
C THR B 50 -7.18 14.48 6.95
N GLU B 51 -6.39 13.64 7.60
CA GLU B 51 -6.23 13.73 9.04
C GLU B 51 -4.99 14.55 9.39
N ARG B 52 -3.86 14.08 8.90
CA ARG B 52 -2.59 14.76 9.15
C ARG B 52 -2.24 14.70 10.64
N GLN B 53 -1.40 13.73 10.98
CA GLN B 53 -0.99 13.56 12.36
C GLN B 53 0.50 13.19 12.42
N ALA B 54 0.83 12.09 11.77
CA ALA B 54 2.21 11.63 11.75
C ALA B 54 2.65 11.26 13.17
N ASN B 55 3.78 10.58 13.25
CA ASN B 55 4.33 10.17 14.53
C ASN B 55 4.45 11.40 15.44
N MET B 1 6.88 -15.20 -14.30
CA MET B 1 5.54 -15.09 -14.82
C MET B 1 5.25 -13.69 -15.36
N GLN B 2 4.05 -13.51 -15.87
CA GLN B 2 3.65 -12.23 -16.42
C GLN B 2 3.89 -11.11 -15.41
N LYS B 3 3.60 -9.90 -15.84
CA LYS B 3 3.78 -8.74 -14.97
C LYS B 3 5.27 -8.43 -14.84
N GLY B 4 5.88 -8.13 -15.98
CA GLY B 4 7.30 -7.81 -16.00
C GLY B 4 7.61 -6.61 -15.10
N ASN B 5 6.61 -5.76 -14.93
CA ASN B 5 6.76 -4.58 -14.10
C ASN B 5 7.07 -5.01 -12.66
N PHE B 6 6.84 -6.29 -12.40
CA PHE B 6 7.08 -6.83 -11.07
C PHE B 6 8.55 -6.66 -10.67
N ARG B 7 9.37 -6.38 -11.67
CA ARG B 7 10.79 -6.19 -11.45
C ARG B 7 11.03 -5.04 -10.47
N ASN B 8 9.98 -4.26 -10.26
CA ASN B 8 10.06 -3.13 -9.35
C ASN B 8 10.51 -3.62 -7.96
N GLN B 9 10.06 -4.82 -7.62
CA GLN B 9 10.40 -5.40 -6.34
C GLN B 9 11.92 -5.52 -6.20
N ARG B 10 12.60 -5.32 -7.32
CA ARG B 10 14.05 -5.41 -7.34
C ARG B 10 14.66 -4.49 -6.29
N LYS B 11 13.84 -3.54 -5.84
CA LYS B 11 14.28 -2.59 -4.84
C LYS B 11 13.59 -2.89 -3.51
N THR B 12 12.40 -2.35 -3.36
CA THR B 12 11.62 -2.56 -2.15
C THR B 12 10.28 -1.81 -2.24
N VAL B 13 9.64 -1.94 -3.39
CA VAL B 13 8.36 -1.30 -3.61
C VAL B 13 7.53 -1.37 -2.34
N LYS B 14 6.62 -0.42 -2.20
CA LYS B 14 5.75 -0.37 -1.03
C LYS B 14 4.34 -0.82 -1.43
N CYS B 15 3.73 -1.61 -0.55
CA CYS B 15 2.39 -2.11 -0.81
C CYS B 15 1.39 -0.99 -0.51
N PHE B 16 0.79 -0.50 -1.58
CA PHE B 16 -0.19 0.58 -1.45
C PHE B 16 -1.49 0.06 -0.85
N ASN B 17 -1.51 -1.23 -0.57
CA ASN B 17 -2.68 -1.86 0.01
C ASN B 17 -2.57 -1.82 1.53
N CYS B 18 -1.61 -2.58 2.05
CA CYS B 18 -1.38 -2.65 3.48
C CYS B 18 -0.54 -1.43 3.89
N GLY B 19 0.51 -1.19 3.11
CA GLY B 19 1.40 -0.07 3.37
C GLY B 19 2.75 -0.57 3.89
N LYS B 20 3.14 -1.74 3.40
CA LYS B 20 4.41 -2.33 3.79
C LYS B 20 5.43 -2.12 2.67
N GLU B 21 6.59 -2.74 2.86
CA GLU B 21 7.66 -2.62 1.88
C GLU B 21 8.24 -4.00 1.56
N GLY B 22 8.24 -4.31 0.27
CA GLY B 22 8.76 -5.59 -0.18
C GLY B 22 7.83 -6.24 -1.20
N HIS B 23 6.57 -5.82 -1.15
CA HIS B 23 5.57 -6.35 -2.07
C HIS B 23 4.56 -5.24 -2.42
N ILE B 24 3.90 -5.42 -3.55
CA ILE B 24 2.92 -4.46 -4.01
C ILE B 24 1.52 -5.05 -3.83
N ALA B 25 0.53 -4.16 -3.88
CA ALA B 25 -0.85 -4.56 -3.73
C ALA B 25 -1.11 -5.79 -4.62
N LYS B 26 -0.49 -5.78 -5.78
CA LYS B 26 -0.64 -6.87 -6.72
C LYS B 26 -0.18 -8.17 -6.07
N ASN B 27 1.00 -8.10 -5.46
CA ASN B 27 1.58 -9.26 -4.80
C ASN B 27 1.17 -9.25 -3.32
N CYS B 28 0.14 -8.47 -3.04
CA CYS B 28 -0.36 -8.36 -1.67
C CYS B 28 -1.41 -9.44 -1.45
N ARG B 29 -1.27 -10.17 -0.35
CA ARG B 29 -2.20 -11.22 -0.03
C ARG B 29 -3.55 -10.64 0.38
N ALA B 30 -3.50 -9.44 0.93
CA ALA B 30 -4.70 -8.75 1.36
C ALA B 30 -5.56 -8.41 0.13
N PRO B 31 -6.88 -8.28 0.38
CA PRO B 31 -7.81 -7.96 -0.69
C PRO B 31 -7.71 -6.48 -1.07
N ARG B 32 -8.06 -6.20 -2.32
CA ARG B 32 -8.01 -4.84 -2.83
C ARG B 32 -8.84 -3.91 -1.92
N LYS B 33 -8.12 -3.08 -1.18
CA LYS B 33 -8.77 -2.14 -0.28
C LYS B 33 -8.08 -0.78 -0.37
N LYS B 34 -8.54 0.14 0.46
CA LYS B 34 -7.97 1.48 0.48
C LYS B 34 -7.94 2.00 1.92
N GLY B 35 -7.38 1.17 2.80
CA GLY B 35 -7.29 1.53 4.20
C GLY B 35 -5.99 2.28 4.49
N CYS B 36 -6.14 3.50 4.98
CA CYS B 36 -4.99 4.34 5.30
C CYS B 36 -4.13 3.58 6.31
N TRP B 37 -2.88 3.35 5.92
CA TRP B 37 -1.95 2.65 6.79
C TRP B 37 -1.33 3.66 7.74
N LYS B 38 -2.16 4.59 8.19
CA LYS B 38 -1.70 5.62 9.10
C LYS B 38 -2.70 5.76 10.25
N CYS B 39 -3.97 5.88 9.87
CA CYS B 39 -5.03 6.01 10.87
C CYS B 39 -5.83 4.71 10.88
N GLY B 40 -5.91 4.07 9.72
CA GLY B 40 -6.64 2.82 9.60
C GLY B 40 -8.06 3.08 9.09
N LYS B 41 -8.23 4.22 8.44
CA LYS B 41 -9.53 4.59 7.90
C LYS B 41 -9.61 4.16 6.44
N GLU B 42 -10.68 3.44 6.12
CA GLU B 42 -10.88 2.95 4.76
C GLU B 42 -11.63 4.01 3.94
N GLY B 43 -10.94 4.52 2.94
CA GLY B 43 -11.52 5.53 2.07
C GLY B 43 -10.45 6.51 1.56
N HIS B 44 -9.70 7.06 2.50
CA HIS B 44 -8.65 8.00 2.17
C HIS B 44 -7.30 7.27 2.15
N GLN B 45 -6.26 8.05 1.91
CA GLN B 45 -4.91 7.50 1.85
C GLN B 45 -3.94 8.35 2.67
N MET B 46 -2.80 7.76 2.98
CA MET B 46 -1.80 8.46 3.77
C MET B 46 -1.49 9.83 3.17
N LYS B 47 -1.32 9.86 1.86
CA LYS B 47 -1.03 11.09 1.16
C LYS B 47 -2.10 12.13 1.50
N ASP B 48 -3.32 11.63 1.67
CA ASP B 48 -4.44 12.50 1.99
C ASP B 48 -4.99 12.12 3.37
N CYS B 49 -4.08 11.73 4.24
CA CYS B 49 -4.46 11.35 5.59
C CYS B 49 -5.20 12.52 6.24
N THR B 50 -6.49 12.32 6.45
CA THR B 50 -7.32 13.35 7.06
C THR B 50 -7.12 13.37 8.58
N GLU B 51 -6.21 12.52 9.03
CA GLU B 51 -5.91 12.43 10.45
C GLU B 51 -5.03 13.61 10.89
N ARG B 52 -3.86 13.69 10.27
CA ARG B 52 -2.93 14.76 10.58
C ARG B 52 -1.69 14.66 9.68
N GLN B 53 -1.04 13.52 9.75
CA GLN B 53 0.16 13.29 8.94
C GLN B 53 -0.17 13.47 7.46
N ALA B 54 0.89 13.59 6.66
CA ALA B 54 0.73 13.76 5.22
C ALA B 54 2.11 13.75 4.56
N ASN B 55 2.49 12.57 4.08
CA ASN B 55 3.78 12.41 3.43
C ASN B 55 3.99 13.56 2.44
N MET B 1 5.51 -15.72 -13.27
CA MET B 1 6.35 -15.80 -14.46
C MET B 1 6.27 -14.53 -15.29
N GLN B 2 5.10 -13.91 -15.25
CA GLN B 2 4.87 -12.67 -15.99
C GLN B 2 4.91 -11.47 -15.04
N LYS B 3 4.74 -10.30 -15.64
CA LYS B 3 4.76 -9.07 -14.87
C LYS B 3 6.20 -8.68 -14.56
N GLY B 4 6.92 -8.34 -15.62
CA GLY B 4 8.32 -7.95 -15.48
C GLY B 4 8.46 -6.74 -14.56
N ASN B 5 7.40 -5.94 -14.53
CA ASN B 5 7.39 -4.75 -13.70
C ASN B 5 7.61 -5.14 -12.24
N PHE B 6 7.41 -6.43 -11.97
CA PHE B 6 7.58 -6.95 -10.62
C PHE B 6 9.01 -6.73 -10.12
N ARG B 7 9.88 -6.41 -11.07
CA ARG B 7 11.28 -6.17 -10.73
C ARG B 7 11.39 -5.01 -9.75
N ASN B 8 10.29 -4.29 -9.59
CA ASN B 8 10.26 -3.16 -8.68
C ASN B 8 10.65 -3.62 -7.27
N GLN B 9 10.23 -4.83 -6.95
CA GLN B 9 10.53 -5.40 -5.64
C GLN B 9 12.04 -5.49 -5.44
N ARG B 10 12.77 -5.25 -6.52
CA ARG B 10 14.22 -5.29 -6.48
C ARG B 10 14.76 -4.31 -5.43
N LYS B 11 13.88 -3.40 -5.02
CA LYS B 11 14.25 -2.40 -4.03
C LYS B 11 13.50 -2.69 -2.73
N THR B 12 12.28 -2.18 -2.65
CA THR B 12 11.45 -2.37 -1.48
C THR B 12 10.11 -1.66 -1.64
N VAL B 13 9.51 -1.87 -2.81
CA VAL B 13 8.23 -1.26 -3.11
C VAL B 13 7.34 -1.31 -1.87
N LYS B 14 6.40 -0.37 -1.81
CA LYS B 14 5.48 -0.30 -0.68
C LYS B 14 4.10 -0.81 -1.12
N CYS B 15 3.47 -1.56 -0.23
CA CYS B 15 2.16 -2.10 -0.51
C CYS B 15 1.13 -1.00 -0.29
N PHE B 16 0.47 -0.62 -1.39
CA PHE B 16 -0.53 0.43 -1.33
C PHE B 16 -1.87 -0.14 -0.85
N ASN B 17 -1.82 -1.36 -0.36
CA ASN B 17 -3.02 -2.02 0.14
C ASN B 17 -2.99 -2.03 1.67
N CYS B 18 -1.88 -2.52 2.21
CA CYS B 18 -1.72 -2.58 3.65
C CYS B 18 -0.85 -1.40 4.09
N GLY B 19 0.18 -1.13 3.29
CA GLY B 19 1.09 -0.04 3.59
C GLY B 19 2.42 -0.57 4.16
N LYS B 20 2.75 -1.78 3.75
CA LYS B 20 3.98 -2.41 4.21
C LYS B 20 4.92 -2.60 3.02
N GLU B 21 6.20 -2.36 3.29
CA GLU B 21 7.22 -2.50 2.25
C GLU B 21 7.66 -3.96 2.14
N GLY B 22 7.94 -4.36 0.90
CA GLY B 22 8.37 -5.72 0.65
C GLY B 22 7.42 -6.44 -0.31
N HIS B 23 6.40 -5.69 -0.74
CA HIS B 23 5.41 -6.24 -1.65
C HIS B 23 4.43 -5.14 -2.06
N ILE B 24 3.78 -5.35 -3.19
CA ILE B 24 2.81 -4.39 -3.69
C ILE B 24 1.41 -4.98 -3.56
N ALA B 25 0.42 -4.09 -3.60
CA ALA B 25 -0.96 -4.50 -3.49
C ALA B 25 -1.23 -5.66 -4.45
N LYS B 26 -0.59 -5.57 -5.62
CA LYS B 26 -0.76 -6.60 -6.64
C LYS B 26 -0.29 -7.94 -6.07
N ASN B 27 0.86 -7.91 -5.40
CA ASN B 27 1.41 -9.11 -4.81
C ASN B 27 0.96 -9.21 -3.34
N CYS B 28 0.02 -8.35 -2.99
CA CYS B 28 -0.50 -8.33 -1.63
C CYS B 28 -1.58 -9.41 -1.52
N ARG B 29 -1.52 -10.16 -0.43
CA ARG B 29 -2.48 -11.21 -0.18
C ARG B 29 -3.82 -10.63 0.26
N ALA B 30 -3.74 -9.50 0.95
CA ALA B 30 -4.93 -8.83 1.43
C ALA B 30 -5.83 -8.49 0.25
N PRO B 31 -7.15 -8.35 0.55
CA PRO B 31 -8.12 -8.01 -0.48
C PRO B 31 -8.02 -6.54 -0.88
N ARG B 32 -8.44 -6.26 -2.11
CA ARG B 32 -8.41 -4.90 -2.63
C ARG B 32 -9.18 -3.96 -1.69
N LYS B 33 -8.42 -3.17 -0.95
CA LYS B 33 -9.02 -2.22 -0.03
C LYS B 33 -8.39 -0.84 -0.24
N LYS B 34 -8.80 0.10 0.61
CA LYS B 34 -8.28 1.46 0.53
C LYS B 34 -8.25 2.06 1.93
N GLY B 35 -7.60 1.35 2.84
CA GLY B 35 -7.49 1.81 4.21
C GLY B 35 -6.18 2.56 4.43
N CYS B 36 -6.30 3.79 4.91
CA CYS B 36 -5.14 4.62 5.17
C CYS B 36 -4.28 3.91 6.21
N TRP B 37 -3.05 3.61 5.82
CA TRP B 37 -2.12 2.94 6.70
C TRP B 37 -1.43 4.01 7.56
N LYS B 38 -2.20 5.02 7.91
CA LYS B 38 -1.68 6.11 8.72
C LYS B 38 -2.63 6.37 9.89
N CYS B 39 -3.91 6.49 9.55
CA CYS B 39 -4.93 6.74 10.55
C CYS B 39 -5.76 5.47 10.72
N GLY B 40 -5.90 4.74 9.62
CA GLY B 40 -6.66 3.50 9.62
C GLY B 40 -8.10 3.75 9.15
N LYS B 41 -8.26 4.84 8.42
CA LYS B 41 -9.57 5.20 7.89
C LYS B 41 -9.73 4.63 6.47
N GLU B 42 -10.81 3.91 6.27
CA GLU B 42 -11.07 3.30 4.97
C GLU B 42 -11.84 4.29 4.09
N GLY B 43 -11.19 4.72 3.01
CA GLY B 43 -11.79 5.65 2.09
C GLY B 43 -10.74 6.58 1.48
N HIS B 44 -9.96 7.19 2.35
CA HIS B 44 -8.91 8.10 1.91
C HIS B 44 -7.57 7.37 1.91
N GLN B 45 -6.53 8.12 1.56
CA GLN B 45 -5.19 7.56 1.51
C GLN B 45 -4.20 8.50 2.20
N MET B 46 -3.07 7.93 2.60
CA MET B 46 -2.03 8.70 3.26
C MET B 46 -1.67 9.95 2.46
N LYS B 47 -1.60 9.77 1.16
CA LYS B 47 -1.27 10.87 0.26
C LYS B 47 -2.23 12.04 0.52
N ASP B 48 -3.46 11.69 0.88
CA ASP B 48 -4.48 12.69 1.16
C ASP B 48 -5.07 12.44 2.55
N CYS B 49 -4.19 12.08 3.48
CA CYS B 49 -4.63 11.80 4.83
C CYS B 49 -5.38 13.02 5.36
N THR B 50 -6.68 12.85 5.53
CA THR B 50 -7.52 13.92 6.02
C THR B 50 -7.44 14.01 7.55
N GLU B 51 -6.55 13.19 8.11
CA GLU B 51 -6.36 13.17 9.55
C GLU B 51 -4.92 12.79 9.88
N ARG B 52 -4.04 13.77 9.74
CA ARG B 52 -2.63 13.55 10.03
C ARG B 52 -2.33 13.88 11.49
N GLN B 53 -2.49 12.87 12.34
CA GLN B 53 -2.25 13.03 13.76
C GLN B 53 -2.09 11.66 14.43
N ALA B 54 -1.42 11.68 15.57
CA ALA B 54 -1.20 10.46 16.33
C ALA B 54 -2.53 9.73 16.51
N ASN B 55 -2.43 8.44 16.81
CA ASN B 55 -3.61 7.63 17.02
C ASN B 55 -4.59 7.85 15.86
N MET B 1 1.15 -14.53 -13.65
CA MET B 1 1.30 -14.40 -15.08
C MET B 1 2.30 -13.29 -15.43
N GLN B 2 2.57 -13.18 -16.73
CA GLN B 2 3.51 -12.18 -17.20
C GLN B 2 3.33 -10.88 -16.43
N LYS B 3 4.46 -10.33 -15.97
CA LYS B 3 4.44 -9.09 -15.21
C LYS B 3 5.87 -8.69 -14.87
N GLY B 4 6.61 -8.33 -15.91
CA GLY B 4 8.00 -7.92 -15.74
C GLY B 4 8.11 -6.72 -14.79
N ASN B 5 7.03 -5.95 -14.74
CA ASN B 5 6.99 -4.77 -13.89
C ASN B 5 7.17 -5.20 -12.43
N PHE B 6 7.00 -6.49 -12.21
CA PHE B 6 7.14 -7.04 -10.87
C PHE B 6 8.55 -6.78 -10.32
N ARG B 7 9.46 -6.46 -11.23
CA ARG B 7 10.82 -6.18 -10.84
C ARG B 7 10.89 -4.99 -9.89
N ASN B 8 9.76 -4.30 -9.78
CA ASN B 8 9.67 -3.14 -8.92
C ASN B 8 10.03 -3.55 -7.49
N GLN B 9 9.88 -4.84 -7.22
CA GLN B 9 10.19 -5.38 -5.90
C GLN B 9 11.67 -5.15 -5.57
N ARG B 10 12.42 -4.74 -6.58
CA ARG B 10 13.83 -4.49 -6.41
C ARG B 10 14.04 -3.22 -5.58
N LYS B 11 12.94 -2.55 -5.28
CA LYS B 11 12.99 -1.33 -4.50
C LYS B 11 12.05 -1.46 -3.29
N THR B 12 12.05 -2.65 -2.71
CA THR B 12 11.21 -2.90 -1.56
C THR B 12 9.87 -2.18 -1.69
N VAL B 13 9.27 -2.32 -2.86
CA VAL B 13 7.99 -1.69 -3.14
C VAL B 13 7.12 -1.74 -1.89
N LYS B 14 6.19 -0.79 -1.80
CA LYS B 14 5.30 -0.72 -0.67
C LYS B 14 3.89 -1.13 -1.11
N CYS B 15 3.28 -1.97 -0.29
CA CYS B 15 1.93 -2.46 -0.58
C CYS B 15 0.95 -1.28 -0.39
N PHE B 16 0.40 -0.83 -1.50
CA PHE B 16 -0.54 0.27 -1.48
C PHE B 16 -1.91 -0.19 -0.94
N ASN B 17 -1.94 -1.44 -0.50
CA ASN B 17 -3.17 -2.01 0.03
C ASN B 17 -3.14 -1.93 1.57
N CYS B 18 -2.16 -2.61 2.14
CA CYS B 18 -2.01 -2.64 3.58
C CYS B 18 -1.07 -1.49 3.98
N GLY B 19 -0.01 -1.35 3.20
CA GLY B 19 0.98 -0.31 3.47
C GLY B 19 2.26 -0.91 4.05
N LYS B 20 2.52 -2.15 3.68
CA LYS B 20 3.70 -2.85 4.15
C LYS B 20 4.68 -3.02 2.99
N GLU B 21 5.95 -2.76 3.28
CA GLU B 21 6.99 -2.89 2.27
C GLU B 21 7.44 -4.36 2.15
N GLY B 22 7.65 -4.78 0.92
CA GLY B 22 8.08 -6.14 0.66
C GLY B 22 7.06 -6.90 -0.20
N HIS B 23 6.10 -6.14 -0.72
CA HIS B 23 5.06 -6.72 -1.55
C HIS B 23 4.15 -5.61 -2.07
N ILE B 24 3.45 -5.92 -3.15
CA ILE B 24 2.53 -4.96 -3.76
C ILE B 24 1.10 -5.46 -3.60
N ALA B 25 0.16 -4.53 -3.68
CA ALA B 25 -1.24 -4.86 -3.56
C ALA B 25 -1.57 -6.05 -4.47
N LYS B 26 -0.94 -6.03 -5.64
CA LYS B 26 -1.16 -7.08 -6.61
C LYS B 26 -0.77 -8.43 -5.99
N ASN B 27 0.38 -8.43 -5.32
CA ASN B 27 0.88 -9.62 -4.67
C ASN B 27 0.39 -9.67 -3.22
N CYS B 28 -0.46 -8.71 -2.89
CA CYS B 28 -1.00 -8.61 -1.55
C CYS B 28 -2.15 -9.63 -1.42
N ARG B 29 -2.16 -10.32 -0.30
CA ARG B 29 -3.18 -11.32 -0.04
C ARG B 29 -4.49 -10.64 0.36
N ALA B 30 -4.35 -9.50 1.03
CA ALA B 30 -5.51 -8.76 1.47
C ALA B 30 -6.37 -8.37 0.27
N PRO B 31 -7.68 -8.15 0.54
CA PRO B 31 -8.61 -7.78 -0.52
C PRO B 31 -8.42 -6.32 -0.93
N ARG B 32 -8.81 -6.03 -2.16
CA ARG B 32 -8.68 -4.68 -2.69
C ARG B 32 -9.42 -3.69 -1.78
N LYS B 33 -8.63 -2.91 -1.05
CA LYS B 33 -9.19 -1.92 -0.14
C LYS B 33 -8.52 -0.57 -0.39
N LYS B 34 -8.88 0.40 0.43
CA LYS B 34 -8.32 1.73 0.32
C LYS B 34 -8.28 2.38 1.70
N GLY B 35 -7.65 1.68 2.63
CA GLY B 35 -7.54 2.18 4.00
C GLY B 35 -6.18 2.86 4.22
N CYS B 36 -6.24 4.09 4.70
CA CYS B 36 -5.03 4.85 4.97
C CYS B 36 -4.21 4.09 6.02
N TRP B 37 -3.02 3.68 5.63
CA TRP B 37 -2.14 2.96 6.53
C TRP B 37 -1.40 3.98 7.38
N LYS B 38 -2.12 5.02 7.78
CA LYS B 38 -1.54 6.07 8.59
C LYS B 38 -2.48 6.37 9.77
N CYS B 39 -3.75 6.55 9.45
CA CYS B 39 -4.75 6.84 10.45
C CYS B 39 -5.67 5.62 10.58
N GLY B 40 -5.85 4.94 9.47
CA GLY B 40 -6.70 3.77 9.44
C GLY B 40 -8.11 4.11 8.95
N LYS B 41 -8.19 5.21 8.22
CA LYS B 41 -9.47 5.65 7.70
C LYS B 41 -9.63 5.15 6.26
N GLU B 42 -10.74 4.47 6.02
CA GLU B 42 -11.02 3.93 4.70
C GLU B 42 -11.70 4.99 3.83
N GLY B 43 -11.04 5.31 2.73
CA GLY B 43 -11.57 6.31 1.81
C GLY B 43 -10.45 7.20 1.25
N HIS B 44 -9.62 7.69 2.15
CA HIS B 44 -8.52 8.54 1.77
C HIS B 44 -7.21 7.74 1.81
N GLN B 45 -6.14 8.39 1.38
CA GLN B 45 -4.83 7.75 1.36
C GLN B 45 -3.81 8.60 2.12
N MET B 46 -2.70 7.97 2.46
CA MET B 46 -1.64 8.65 3.18
C MET B 46 -1.26 9.96 2.49
N LYS B 47 -1.09 9.87 1.17
CA LYS B 47 -0.72 11.03 0.39
C LYS B 47 -1.73 12.15 0.65
N ASP B 48 -2.96 11.74 0.89
CA ASP B 48 -4.03 12.70 1.15
C ASP B 48 -4.58 12.47 2.56
N CYS B 49 -3.68 12.10 3.46
CA CYS B 49 -4.06 11.86 4.84
C CYS B 49 -4.68 13.13 5.41
N THR B 50 -5.98 13.05 5.67
CA THR B 50 -6.70 14.20 6.20
C THR B 50 -6.35 14.40 7.69
N GLU B 51 -5.52 13.49 8.19
CA GLU B 51 -5.10 13.57 9.58
C GLU B 51 -3.67 13.04 9.72
N ARG B 52 -2.77 13.61 8.93
CA ARG B 52 -1.38 13.21 8.96
C ARG B 52 -0.94 12.93 10.40
N GLN B 53 -0.99 13.99 11.21
CA GLN B 53 -0.60 13.87 12.60
C GLN B 53 0.67 13.03 12.74
N ALA B 54 1.74 13.53 12.14
CA ALA B 54 3.02 12.83 12.19
C ALA B 54 3.47 12.69 13.63
N ASN B 55 3.70 13.83 14.26
CA ASN B 55 4.13 13.83 15.66
C ASN B 55 4.32 15.28 16.12
N MET B 1 0.04 -11.62 -17.63
CA MET B 1 0.54 -12.87 -17.09
C MET B 1 1.99 -12.71 -16.58
N GLN B 2 2.82 -12.18 -17.46
CA GLN B 2 4.22 -11.97 -17.13
C GLN B 2 4.35 -10.97 -15.97
N LYS B 3 3.93 -9.74 -16.25
CA LYS B 3 3.99 -8.69 -15.26
C LYS B 3 5.45 -8.37 -14.94
N GLY B 4 6.20 -8.08 -16.00
CA GLY B 4 7.61 -7.75 -15.87
C GLY B 4 7.79 -6.53 -14.96
N ASN B 5 6.77 -5.70 -14.92
CA ASN B 5 6.81 -4.49 -14.11
C ASN B 5 7.03 -4.89 -12.64
N PHE B 6 6.77 -6.15 -12.36
CA PHE B 6 6.93 -6.66 -11.01
C PHE B 6 8.38 -6.52 -10.53
N ARG B 7 9.26 -6.29 -11.50
CA ARG B 7 10.68 -6.13 -11.20
C ARG B 7 10.89 -4.93 -10.27
N ASN B 8 9.84 -4.13 -10.14
CA ASN B 8 9.90 -2.95 -9.30
C ASN B 8 10.28 -3.36 -7.88
N GLN B 9 10.07 -4.64 -7.59
CA GLN B 9 10.39 -5.17 -6.27
C GLN B 9 11.88 -4.97 -5.97
N ARG B 10 12.62 -4.66 -7.02
CA ARG B 10 14.06 -4.45 -6.88
C ARG B 10 14.33 -3.30 -5.90
N LYS B 11 13.27 -2.54 -5.63
CA LYS B 11 13.38 -1.41 -4.72
C LYS B 11 12.48 -1.65 -3.52
N THR B 12 12.21 -2.92 -3.25
CA THR B 12 11.37 -3.29 -2.13
C THR B 12 10.06 -2.50 -2.17
N VAL B 13 9.46 -2.46 -3.35
CA VAL B 13 8.20 -1.76 -3.53
C VAL B 13 7.34 -1.93 -2.27
N LYS B 14 6.46 -0.96 -2.07
CA LYS B 14 5.57 -0.99 -0.92
C LYS B 14 4.16 -1.36 -1.38
N CYS B 15 3.49 -2.15 -0.56
CA CYS B 15 2.14 -2.59 -0.87
C CYS B 15 1.19 -1.43 -0.57
N PHE B 16 0.62 -0.88 -1.63
CA PHE B 16 -0.31 0.23 -1.50
C PHE B 16 -1.65 -0.24 -0.94
N ASN B 17 -1.72 -1.54 -0.67
CA ASN B 17 -2.93 -2.13 -0.13
C ASN B 17 -2.85 -2.15 1.40
N CYS B 18 -1.93 -2.95 1.90
CA CYS B 18 -1.73 -3.08 3.34
C CYS B 18 -0.83 -1.93 3.80
N GLY B 19 0.23 -1.70 3.02
CA GLY B 19 1.17 -0.64 3.34
C GLY B 19 2.50 -1.23 3.84
N LYS B 20 2.80 -2.42 3.36
CA LYS B 20 4.03 -3.09 3.74
C LYS B 20 5.09 -2.88 2.66
N GLU B 21 6.20 -3.57 2.81
CA GLU B 21 7.30 -3.47 1.87
C GLU B 21 7.83 -4.86 1.52
N GLY B 22 7.93 -5.12 0.22
CA GLY B 22 8.43 -6.39 -0.25
C GLY B 22 7.39 -7.07 -1.16
N HIS B 23 6.34 -6.34 -1.45
CA HIS B 23 5.27 -6.85 -2.31
C HIS B 23 4.36 -5.71 -2.73
N ILE B 24 3.64 -5.94 -3.83
CA ILE B 24 2.73 -4.95 -4.34
C ILE B 24 1.28 -5.43 -4.16
N ALA B 25 0.37 -4.48 -4.18
CA ALA B 25 -1.04 -4.80 -4.02
C ALA B 25 -1.42 -5.95 -4.95
N LYS B 26 -0.85 -5.90 -6.15
CA LYS B 26 -1.10 -6.93 -7.14
C LYS B 26 -0.71 -8.30 -6.58
N ASN B 27 0.44 -8.32 -5.93
CA ASN B 27 0.95 -9.55 -5.34
C ASN B 27 0.47 -9.66 -3.90
N CYS B 28 -0.36 -8.70 -3.52
CA CYS B 28 -0.90 -8.67 -2.16
C CYS B 28 -2.05 -9.67 -2.08
N ARG B 29 -2.10 -10.37 -0.95
CA ARG B 29 -3.14 -11.37 -0.74
C ARG B 29 -4.43 -10.69 -0.27
N ALA B 30 -4.25 -9.59 0.44
CA ALA B 30 -5.40 -8.84 0.95
C ALA B 30 -6.25 -8.36 -0.24
N PRO B 31 -7.56 -8.16 0.06
CA PRO B 31 -8.49 -7.71 -0.96
C PRO B 31 -8.30 -6.22 -1.26
N ARG B 32 -8.75 -5.81 -2.43
CA ARG B 32 -8.63 -4.43 -2.85
C ARG B 32 -9.28 -3.51 -1.81
N LYS B 33 -8.43 -2.83 -1.05
CA LYS B 33 -8.91 -1.92 -0.02
C LYS B 33 -8.22 -0.56 -0.19
N LYS B 34 -8.61 0.37 0.66
CA LYS B 34 -8.03 1.71 0.62
C LYS B 34 -7.97 2.27 2.04
N GLY B 35 -7.36 1.49 2.92
CA GLY B 35 -7.22 1.90 4.32
C GLY B 35 -5.83 2.49 4.57
N CYS B 36 -5.83 3.72 5.06
CA CYS B 36 -4.59 4.41 5.36
C CYS B 36 -3.78 3.55 6.33
N TRP B 37 -2.61 3.15 5.88
CA TRP B 37 -1.73 2.33 6.71
C TRP B 37 -0.94 3.26 7.63
N LYS B 38 -1.61 4.32 8.07
CA LYS B 38 -0.98 5.29 8.96
C LYS B 38 -1.90 5.54 10.15
N CYS B 39 -3.16 5.80 9.85
CA CYS B 39 -4.14 6.06 10.89
C CYS B 39 -5.10 4.88 10.95
N GLY B 40 -5.32 4.27 9.80
CA GLY B 40 -6.21 3.13 9.71
C GLY B 40 -7.61 3.55 9.27
N LYS B 41 -7.66 4.70 8.60
CA LYS B 41 -8.92 5.23 8.11
C LYS B 41 -9.11 4.83 6.65
N GLU B 42 -10.25 4.23 6.38
CA GLU B 42 -10.56 3.79 5.02
C GLU B 42 -11.22 4.92 4.24
N GLY B 43 -10.57 5.31 3.14
CA GLY B 43 -11.08 6.37 2.31
C GLY B 43 -9.94 7.25 1.78
N HIS B 44 -9.08 7.66 2.71
CA HIS B 44 -7.95 8.50 2.36
C HIS B 44 -6.68 7.65 2.29
N GLN B 45 -5.58 8.31 1.98
CA GLN B 45 -4.29 7.63 1.87
C GLN B 45 -3.24 8.35 2.71
N MET B 46 -2.19 7.61 3.06
CA MET B 46 -1.12 8.18 3.85
C MET B 46 -0.61 9.48 3.26
N LYS B 47 -0.40 9.46 1.94
CA LYS B 47 0.08 10.64 1.25
C LYS B 47 -0.88 11.81 1.50
N ASP B 48 -2.16 11.47 1.60
CA ASP B 48 -3.18 12.48 1.85
C ASP B 48 -3.80 12.25 3.23
N CYS B 49 -2.97 11.74 4.13
CA CYS B 49 -3.42 11.46 5.49
C CYS B 49 -4.07 12.73 6.04
N THR B 50 -5.39 12.65 6.22
CA THR B 50 -6.14 13.77 6.75
C THR B 50 -5.96 13.87 8.27
N GLU B 51 -5.15 12.98 8.79
CA GLU B 51 -4.89 12.96 10.23
C GLU B 51 -3.62 13.74 10.55
N ARG B 52 -2.52 13.29 9.97
CA ARG B 52 -1.23 13.94 10.18
C ARG B 52 -1.41 15.46 10.16
N GLN B 53 -1.39 16.05 11.34
CA GLN B 53 -1.53 17.49 11.46
C GLN B 53 -1.43 17.91 12.93
N ALA B 54 -0.38 18.66 13.23
CA ALA B 54 -0.16 19.14 14.58
C ALA B 54 -1.38 19.94 15.04
N ASN B 55 -1.78 19.68 16.28
CA ASN B 55 -2.93 20.37 16.84
C ASN B 55 -2.86 21.85 16.49
N MET B 1 8.06 -11.82 -18.88
CA MET B 1 7.42 -12.96 -18.24
C MET B 1 6.04 -12.57 -17.70
N GLN B 2 5.21 -12.04 -18.59
CA GLN B 2 3.88 -11.62 -18.21
C GLN B 2 3.92 -10.66 -17.03
N LYS B 3 3.72 -9.39 -17.34
CA LYS B 3 3.74 -8.37 -16.30
C LYS B 3 5.17 -8.16 -15.82
N GLY B 4 6.05 -7.82 -16.75
CA GLY B 4 7.44 -7.60 -16.43
C GLY B 4 7.60 -6.48 -15.40
N ASN B 5 6.56 -5.66 -15.30
CA ASN B 5 6.57 -4.55 -14.36
C ASN B 5 6.76 -5.09 -12.94
N PHE B 6 6.54 -6.39 -12.81
CA PHE B 6 6.69 -7.04 -11.51
C PHE B 6 8.13 -6.93 -11.00
N ARG B 7 9.02 -6.63 -11.92
CA ARG B 7 10.43 -6.50 -11.58
C ARG B 7 10.62 -5.37 -10.55
N ASN B 8 9.56 -4.59 -10.38
CA ASN B 8 9.60 -3.49 -9.44
C ASN B 8 9.97 -4.01 -8.06
N GLN B 9 9.80 -5.31 -7.88
CA GLN B 9 10.12 -5.95 -6.62
C GLN B 9 11.61 -5.79 -6.30
N ARG B 10 12.34 -5.34 -7.30
CA ARG B 10 13.78 -5.14 -7.15
C ARG B 10 14.05 -3.81 -6.42
N LYS B 11 12.98 -3.17 -6.01
CA LYS B 11 13.08 -1.91 -5.31
C LYS B 11 12.20 -1.94 -4.06
N THR B 12 12.18 -3.11 -3.41
CA THR B 12 11.38 -3.29 -2.22
C THR B 12 10.07 -2.49 -2.32
N VAL B 13 9.41 -2.64 -3.46
CA VAL B 13 8.16 -1.95 -3.70
C VAL B 13 7.32 -1.97 -2.42
N LYS B 14 6.45 -0.98 -2.32
CA LYS B 14 5.58 -0.87 -1.14
C LYS B 14 4.17 -1.28 -1.53
N CYS B 15 3.53 -2.02 -0.63
CA CYS B 15 2.17 -2.47 -0.87
C CYS B 15 1.22 -1.31 -0.59
N PHE B 16 0.55 -0.86 -1.65
CA PHE B 16 -0.38 0.25 -1.54
C PHE B 16 -1.71 -0.23 -0.92
N ASN B 17 -1.71 -1.47 -0.48
CA ASN B 17 -2.90 -2.06 0.12
C ASN B 17 -2.76 -2.06 1.64
N CYS B 18 -1.70 -2.71 2.11
CA CYS B 18 -1.44 -2.79 3.53
C CYS B 18 -0.46 -1.68 3.91
N GLY B 19 0.53 -1.48 3.04
CA GLY B 19 1.53 -0.45 3.27
C GLY B 19 2.85 -1.06 3.75
N LYS B 20 3.06 -2.30 3.35
CA LYS B 20 4.27 -3.01 3.73
C LYS B 20 5.17 -3.18 2.50
N GLU B 21 6.47 -3.04 2.72
CA GLU B 21 7.43 -3.19 1.65
C GLU B 21 7.80 -4.66 1.45
N GLY B 22 7.96 -5.03 0.19
CA GLY B 22 8.31 -6.41 -0.15
C GLY B 22 7.34 -6.97 -1.18
N HIS B 23 6.15 -6.40 -1.20
CA HIS B 23 5.11 -6.85 -2.13
C HIS B 23 4.20 -5.68 -2.47
N ILE B 24 3.53 -5.81 -3.62
CA ILE B 24 2.62 -4.78 -4.07
C ILE B 24 1.18 -5.27 -3.92
N ALA B 25 0.26 -4.31 -3.90
CA ALA B 25 -1.16 -4.64 -3.77
C ALA B 25 -1.52 -5.74 -4.78
N LYS B 26 -0.90 -5.65 -5.95
CA LYS B 26 -1.15 -6.61 -7.00
C LYS B 26 -0.78 -8.01 -6.49
N ASN B 27 0.38 -8.09 -5.85
CA ASN B 27 0.86 -9.36 -5.32
C ASN B 27 0.50 -9.44 -3.83
N CYS B 28 -0.39 -8.55 -3.41
CA CYS B 28 -0.81 -8.51 -2.02
C CYS B 28 -1.93 -9.56 -1.84
N ARG B 29 -1.94 -10.15 -0.66
CA ARG B 29 -2.95 -11.15 -0.34
C ARG B 29 -4.23 -10.48 0.16
N ALA B 30 -4.05 -9.41 0.91
CA ALA B 30 -5.17 -8.67 1.46
C ALA B 30 -6.12 -8.27 0.32
N PRO B 31 -7.41 -8.06 0.68
CA PRO B 31 -8.41 -7.68 -0.30
C PRO B 31 -8.25 -6.21 -0.70
N ARG B 32 -8.72 -5.89 -1.89
CA ARG B 32 -8.64 -4.53 -2.40
C ARG B 32 -9.28 -3.56 -1.41
N LYS B 33 -8.43 -2.84 -0.69
CA LYS B 33 -8.90 -1.88 0.29
C LYS B 33 -8.15 -0.56 0.10
N LYS B 34 -8.44 0.38 0.99
CA LYS B 34 -7.80 1.69 0.93
C LYS B 34 -7.64 2.23 2.35
N GLY B 35 -7.02 1.41 3.19
CA GLY B 35 -6.79 1.80 4.58
C GLY B 35 -5.43 2.48 4.74
N CYS B 36 -5.48 3.71 5.22
CA CYS B 36 -4.27 4.49 5.42
C CYS B 36 -3.35 3.70 6.38
N TRP B 37 -2.18 3.37 5.87
CA TRP B 37 -1.21 2.62 6.66
C TRP B 37 -0.44 3.62 7.52
N LYS B 38 -1.15 4.63 8.00
CA LYS B 38 -0.54 5.65 8.84
C LYS B 38 -1.41 5.87 10.07
N CYS B 39 -2.70 6.05 9.83
CA CYS B 39 -3.64 6.27 10.91
C CYS B 39 -4.53 5.03 11.04
N GLY B 40 -4.77 4.39 9.90
CA GLY B 40 -5.59 3.20 9.88
C GLY B 40 -7.04 3.55 9.52
N LYS B 41 -7.20 4.68 8.86
CA LYS B 41 -8.51 5.13 8.45
C LYS B 41 -8.78 4.69 7.01
N GLU B 42 -9.84 3.92 6.84
CA GLU B 42 -10.22 3.43 5.52
C GLU B 42 -10.99 4.50 4.75
N GLY B 43 -10.40 4.93 3.64
CA GLY B 43 -11.01 5.95 2.81
C GLY B 43 -9.95 6.87 2.20
N HIS B 44 -9.08 7.37 3.06
CA HIS B 44 -8.02 8.25 2.62
C HIS B 44 -6.71 7.47 2.51
N GLN B 45 -5.69 8.16 2.02
CA GLN B 45 -4.38 7.55 1.85
C GLN B 45 -3.31 8.36 2.58
N MET B 46 -2.18 7.73 2.81
CA MET B 46 -1.07 8.38 3.50
C MET B 46 -0.73 9.71 2.84
N LYS B 47 -0.67 9.69 1.51
CA LYS B 47 -0.35 10.87 0.74
C LYS B 47 -1.34 12.00 1.12
N ASP B 48 -2.57 11.58 1.40
CA ASP B 48 -3.61 12.52 1.77
C ASP B 48 -4.06 12.24 3.20
N CYS B 49 -3.10 11.81 4.02
CA CYS B 49 -3.39 11.51 5.41
C CYS B 49 -3.99 12.75 6.06
N THR B 50 -5.27 12.64 6.40
CA THR B 50 -5.98 13.75 7.03
C THR B 50 -5.75 13.73 8.54
N GLU B 51 -4.91 12.81 8.98
CA GLU B 51 -4.59 12.68 10.39
C GLU B 51 -3.34 13.47 10.74
N ARG B 52 -2.21 13.00 10.21
CA ARG B 52 -0.94 13.65 10.46
C ARG B 52 -0.52 13.47 11.92
N GLN B 53 0.05 12.30 12.20
CA GLN B 53 0.50 11.99 13.54
C GLN B 53 1.45 10.79 13.52
N ALA B 54 2.12 10.59 14.64
CA ALA B 54 3.06 9.49 14.76
C ALA B 54 2.35 8.28 15.39
N ASN B 55 3.07 7.18 15.46
CA ASN B 55 2.53 5.96 16.04
C ASN B 55 1.31 5.51 15.22
N MET B 1 -1.71 -11.98 -18.12
CA MET B 1 -1.09 -10.70 -18.41
C MET B 1 0.30 -10.61 -17.78
N GLN B 2 1.30 -10.54 -18.63
CA GLN B 2 2.68 -10.45 -18.17
C GLN B 2 2.77 -9.51 -16.95
N LYS B 3 3.85 -9.67 -16.20
CA LYS B 3 4.06 -8.86 -15.02
C LYS B 3 5.56 -8.61 -14.84
N GLY B 4 6.19 -8.14 -15.92
CA GLY B 4 7.61 -7.86 -15.89
C GLY B 4 7.94 -6.79 -14.84
N ASN B 5 6.99 -5.88 -14.65
CA ASN B 5 7.17 -4.81 -13.69
C ASN B 5 7.37 -5.41 -12.30
N PHE B 6 7.06 -6.70 -12.19
CA PHE B 6 7.21 -7.39 -10.92
C PHE B 6 8.64 -7.27 -10.39
N ARG B 7 9.58 -7.11 -11.32
CA ARG B 7 10.98 -6.97 -10.96
C ARG B 7 11.16 -5.83 -9.95
N ASN B 8 10.13 -5.01 -9.85
CA ASN B 8 10.17 -3.88 -8.93
C ASN B 8 10.44 -4.39 -7.51
N GLN B 9 10.23 -5.68 -7.33
CA GLN B 9 10.45 -6.31 -6.04
C GLN B 9 11.91 -6.13 -5.60
N ARG B 10 12.73 -5.73 -6.56
CA ARG B 10 14.14 -5.51 -6.29
C ARG B 10 14.36 -4.14 -5.65
N LYS B 11 13.25 -3.48 -5.36
CA LYS B 11 13.30 -2.16 -4.75
C LYS B 11 12.36 -2.12 -3.55
N THR B 12 12.30 -3.24 -2.84
CA THR B 12 11.45 -3.34 -1.67
C THR B 12 10.16 -2.55 -1.87
N VAL B 13 9.57 -2.73 -3.04
CA VAL B 13 8.34 -2.04 -3.37
C VAL B 13 7.42 -2.04 -2.15
N LYS B 14 6.55 -1.05 -2.11
CA LYS B 14 5.60 -0.91 -1.01
C LYS B 14 4.21 -1.31 -1.49
N CYS B 15 3.49 -2.02 -0.62
CA CYS B 15 2.15 -2.46 -0.94
C CYS B 15 1.19 -1.28 -0.72
N PHE B 16 0.64 -0.80 -1.82
CA PHE B 16 -0.29 0.31 -1.76
C PHE B 16 -1.66 -0.13 -1.23
N ASN B 17 -1.70 -1.39 -0.79
CA ASN B 17 -2.93 -1.95 -0.25
C ASN B 17 -2.85 -1.95 1.28
N CYS B 18 -1.91 -2.72 1.79
CA CYS B 18 -1.73 -2.82 3.23
C CYS B 18 -0.79 -1.70 3.67
N GLY B 19 0.24 -1.49 2.87
CA GLY B 19 1.22 -0.46 3.17
C GLY B 19 2.50 -1.06 3.75
N LYS B 20 2.79 -2.28 3.33
CA LYS B 20 3.97 -2.98 3.80
C LYS B 20 4.93 -3.17 2.63
N GLU B 21 6.22 -3.06 2.94
CA GLU B 21 7.25 -3.21 1.93
C GLU B 21 7.61 -4.69 1.77
N GLY B 22 7.86 -5.08 0.52
CA GLY B 22 8.22 -6.46 0.23
C GLY B 22 7.32 -7.03 -0.87
N HIS B 23 6.10 -6.50 -0.92
CA HIS B 23 5.14 -6.95 -1.91
C HIS B 23 4.26 -5.78 -2.35
N ILE B 24 3.66 -5.92 -3.52
CA ILE B 24 2.80 -4.88 -4.06
C ILE B 24 1.35 -5.35 -3.99
N ALA B 25 0.44 -4.39 -4.03
CA ALA B 25 -0.99 -4.69 -3.98
C ALA B 25 -1.30 -5.80 -4.98
N LYS B 26 -0.61 -5.75 -6.11
CA LYS B 26 -0.80 -6.76 -7.14
C LYS B 26 -0.50 -8.14 -6.58
N ASN B 27 0.61 -8.23 -5.87
CA ASN B 27 1.03 -9.49 -5.28
C ASN B 27 0.51 -9.56 -3.83
N CYS B 28 -0.36 -8.61 -3.50
CA CYS B 28 -0.93 -8.55 -2.17
C CYS B 28 -2.12 -9.50 -2.13
N ARG B 29 -2.09 -10.40 -1.15
CA ARG B 29 -3.16 -11.37 -0.98
C ARG B 29 -4.41 -10.70 -0.43
N ALA B 30 -4.19 -9.57 0.23
CA ALA B 30 -5.29 -8.81 0.82
C ALA B 30 -6.21 -8.33 -0.30
N PRO B 31 -7.50 -8.09 0.08
CA PRO B 31 -8.48 -7.63 -0.88
C PRO B 31 -8.28 -6.14 -1.20
N ARG B 32 -8.68 -5.77 -2.41
CA ARG B 32 -8.53 -4.40 -2.85
C ARG B 32 -9.26 -3.45 -1.89
N LYS B 33 -8.46 -2.69 -1.14
CA LYS B 33 -9.02 -1.76 -0.19
C LYS B 33 -8.31 -0.41 -0.34
N LYS B 34 -8.67 0.52 0.54
CA LYS B 34 -8.07 1.85 0.50
C LYS B 34 -7.98 2.39 1.93
N GLY B 35 -7.36 1.60 2.79
CA GLY B 35 -7.20 1.99 4.19
C GLY B 35 -5.83 2.63 4.42
N CYS B 36 -5.86 3.85 4.95
CA CYS B 36 -4.65 4.57 5.23
C CYS B 36 -3.79 3.74 6.19
N TRP B 37 -2.61 3.37 5.70
CA TRP B 37 -1.70 2.57 6.50
C TRP B 37 -0.92 3.51 7.41
N LYS B 38 -1.63 4.52 7.92
CA LYS B 38 -1.01 5.50 8.80
C LYS B 38 -1.91 5.68 10.03
N CYS B 39 -3.19 5.90 9.76
CA CYS B 39 -4.15 6.11 10.83
C CYS B 39 -5.06 4.88 10.90
N GLY B 40 -5.31 4.30 9.73
CA GLY B 40 -6.15 3.13 9.63
C GLY B 40 -7.58 3.52 9.21
N LYS B 41 -7.68 4.67 8.58
CA LYS B 41 -8.96 5.17 8.11
C LYS B 41 -9.16 4.78 6.65
N GLU B 42 -10.29 4.15 6.37
CA GLU B 42 -10.61 3.72 5.02
C GLU B 42 -11.31 4.85 4.26
N GLY B 43 -10.69 5.27 3.17
CA GLY B 43 -11.23 6.33 2.34
C GLY B 43 -10.13 7.25 1.84
N HIS B 44 -9.27 7.66 2.76
CA HIS B 44 -8.17 8.55 2.43
C HIS B 44 -6.87 7.75 2.34
N GLN B 45 -5.80 8.44 1.98
CA GLN B 45 -4.51 7.80 1.85
C GLN B 45 -3.47 8.56 2.70
N MET B 46 -2.39 7.85 3.02
CA MET B 46 -1.33 8.43 3.81
C MET B 46 -0.87 9.77 3.22
N LYS B 47 -0.71 9.77 1.91
CA LYS B 47 -0.28 10.98 1.21
C LYS B 47 -1.25 12.12 1.52
N ASP B 48 -2.51 11.75 1.65
CA ASP B 48 -3.55 12.73 1.94
C ASP B 48 -4.13 12.45 3.33
N CYS B 49 -3.28 11.94 4.21
CA CYS B 49 -3.69 11.62 5.56
C CYS B 49 -4.34 12.87 6.17
N THR B 50 -5.64 12.77 6.38
CA THR B 50 -6.39 13.89 6.95
C THR B 50 -6.20 13.93 8.47
N GLU B 51 -5.36 13.02 8.95
CA GLU B 51 -5.09 12.95 10.38
C GLU B 51 -3.72 12.29 10.62
N ARG B 52 -2.68 13.10 10.44
CA ARG B 52 -1.33 12.62 10.64
C ARG B 52 -1.02 12.48 12.13
N GLN B 53 -0.74 11.26 12.53
CA GLN B 53 -0.43 10.99 13.92
C GLN B 53 -0.16 9.49 14.13
N ALA B 54 0.12 9.14 15.38
CA ALA B 54 0.41 7.76 15.72
C ALA B 54 1.69 7.31 15.02
N ASN B 55 2.05 6.05 15.25
CA ASN B 55 3.25 5.50 14.65
C ASN B 55 3.37 5.99 13.21
N MET B 1 6.50 -16.06 -18.35
CA MET B 1 6.30 -15.22 -17.17
C MET B 1 6.22 -13.75 -17.56
N GLN B 2 5.21 -13.44 -18.37
CA GLN B 2 5.01 -12.08 -18.82
C GLN B 2 4.90 -11.12 -17.63
N LYS B 3 4.67 -9.86 -17.92
CA LYS B 3 4.56 -8.85 -16.89
C LYS B 3 5.92 -8.66 -16.21
N GLY B 4 6.92 -8.36 -17.03
CA GLY B 4 8.26 -8.15 -16.53
C GLY B 4 8.30 -7.01 -15.51
N ASN B 5 7.26 -6.18 -15.56
CA ASN B 5 7.16 -5.05 -14.66
C ASN B 5 7.25 -5.54 -13.21
N PHE B 6 6.98 -6.83 -13.05
CA PHE B 6 7.03 -7.45 -11.73
C PHE B 6 8.41 -7.28 -11.10
N ARG B 7 9.37 -6.92 -11.93
CA ARG B 7 10.73 -6.72 -11.47
C ARG B 7 10.78 -5.62 -10.41
N ASN B 8 9.65 -4.95 -10.25
CA ASN B 8 9.55 -3.87 -9.28
C ASN B 8 9.89 -4.41 -7.89
N GLN B 9 9.70 -5.71 -7.73
CA GLN B 9 9.98 -6.36 -6.47
C GLN B 9 11.46 -6.22 -6.11
N ARG B 10 12.23 -5.76 -7.11
CA ARG B 10 13.65 -5.57 -6.92
C ARG B 10 13.93 -4.26 -6.18
N LYS B 11 12.85 -3.56 -5.85
CA LYS B 11 12.96 -2.30 -5.16
C LYS B 11 12.06 -2.31 -3.92
N THR B 12 12.03 -3.48 -3.28
CA THR B 12 11.21 -3.65 -2.08
C THR B 12 9.91 -2.84 -2.21
N VAL B 13 9.26 -3.00 -3.35
CA VAL B 13 8.01 -2.30 -3.60
C VAL B 13 7.18 -2.27 -2.32
N LYS B 14 6.32 -1.27 -2.23
CA LYS B 14 5.46 -1.12 -1.07
C LYS B 14 4.02 -1.45 -1.46
N CYS B 15 3.38 -2.24 -0.62
CA CYS B 15 2.00 -2.64 -0.86
C CYS B 15 1.10 -1.43 -0.61
N PHE B 16 0.49 -0.96 -1.70
CA PHE B 16 -0.39 0.18 -1.62
C PHE B 16 -1.75 -0.21 -1.04
N ASN B 17 -1.83 -1.45 -0.58
CA ASN B 17 -3.06 -1.95 0.00
C ASN B 17 -2.94 -1.94 1.52
N CYS B 18 -1.95 -2.65 2.02
CA CYS B 18 -1.72 -2.72 3.45
C CYS B 18 -0.71 -1.64 3.84
N GLY B 19 0.31 -1.50 3.01
CA GLY B 19 1.34 -0.51 3.25
C GLY B 19 2.62 -1.16 3.79
N LYS B 20 2.84 -2.39 3.36
CA LYS B 20 4.01 -3.14 3.79
C LYS B 20 4.91 -3.40 2.58
N GLU B 21 6.21 -3.26 2.80
CA GLU B 21 7.19 -3.48 1.75
C GLU B 21 7.48 -4.97 1.61
N GLY B 22 7.70 -5.38 0.37
CA GLY B 22 8.00 -6.78 0.07
C GLY B 22 7.01 -7.35 -0.93
N HIS B 23 5.84 -6.71 -1.01
CA HIS B 23 4.81 -7.14 -1.93
C HIS B 23 3.94 -5.95 -2.32
N ILE B 24 3.28 -6.08 -3.46
CA ILE B 24 2.42 -5.02 -3.96
C ILE B 24 0.95 -5.45 -3.80
N ALA B 25 0.07 -4.46 -3.85
CA ALA B 25 -1.35 -4.72 -3.71
C ALA B 25 -1.74 -5.88 -4.63
N LYS B 26 -1.12 -5.90 -5.80
CA LYS B 26 -1.39 -6.94 -6.78
C LYS B 26 -1.06 -8.30 -6.17
N ASN B 27 0.10 -8.37 -5.54
CA ASN B 27 0.55 -9.60 -4.91
C ASN B 27 0.11 -9.62 -3.44
N CYS B 28 -0.79 -8.69 -3.12
CA CYS B 28 -1.29 -8.58 -1.76
C CYS B 28 -2.45 -9.57 -1.60
N ARG B 29 -2.48 -10.23 -0.45
CA ARG B 29 -3.52 -11.20 -0.16
C ARG B 29 -4.79 -10.48 0.29
N ALA B 30 -4.59 -9.34 0.94
CA ALA B 30 -5.70 -8.55 1.44
C ALA B 30 -6.57 -8.10 0.26
N PRO B 31 -7.86 -7.83 0.56
CA PRO B 31 -8.80 -7.40 -0.45
C PRO B 31 -8.56 -5.94 -0.83
N ARG B 32 -8.94 -5.60 -2.06
CA ARG B 32 -8.78 -4.25 -2.55
C ARG B 32 -9.45 -3.25 -1.61
N LYS B 33 -8.62 -2.51 -0.89
CA LYS B 33 -9.12 -1.52 0.05
C LYS B 33 -8.38 -0.20 -0.16
N LYS B 34 -8.69 0.76 0.69
CA LYS B 34 -8.06 2.07 0.61
C LYS B 34 -7.98 2.68 2.00
N GLY B 35 -7.37 1.92 2.92
CA GLY B 35 -7.22 2.38 4.28
C GLY B 35 -5.83 2.97 4.51
N CYS B 36 -5.81 4.18 5.04
CA CYS B 36 -4.56 4.87 5.31
C CYS B 36 -3.75 4.01 6.27
N TRP B 37 -2.58 3.59 5.80
CA TRP B 37 -1.69 2.76 6.59
C TRP B 37 -0.89 3.69 7.52
N LYS B 38 -1.59 4.70 8.02
CA LYS B 38 -0.95 5.66 8.92
C LYS B 38 -1.86 5.88 10.13
N CYS B 39 -3.13 6.15 9.84
CA CYS B 39 -4.10 6.39 10.89
C CYS B 39 -5.07 5.21 10.93
N GLY B 40 -5.31 4.64 9.75
CA GLY B 40 -6.21 3.50 9.64
C GLY B 40 -7.59 3.95 9.18
N LYS B 41 -7.64 5.12 8.58
CA LYS B 41 -8.90 5.67 8.10
C LYS B 41 -9.08 5.30 6.63
N GLU B 42 -10.23 4.71 6.33
CA GLU B 42 -10.54 4.30 4.98
C GLU B 42 -11.17 5.46 4.20
N GLY B 43 -10.53 5.79 3.08
CA GLY B 43 -11.01 6.88 2.25
C GLY B 43 -9.86 7.77 1.78
N HIS B 44 -9.01 8.12 2.74
CA HIS B 44 -7.86 8.97 2.45
C HIS B 44 -6.59 8.11 2.42
N GLN B 45 -5.50 8.74 2.00
CA GLN B 45 -4.22 8.07 1.92
C GLN B 45 -3.17 8.81 2.74
N MET B 46 -2.08 8.11 3.02
CA MET B 46 -0.99 8.69 3.79
C MET B 46 -0.57 10.04 3.22
N LYS B 47 -0.35 10.05 1.92
CA LYS B 47 0.06 11.27 1.23
C LYS B 47 -0.94 12.38 1.55
N ASP B 48 -2.19 11.98 1.76
CA ASP B 48 -3.24 12.93 2.07
C ASP B 48 -3.82 12.60 3.46
N CYS B 49 -2.94 12.14 4.33
CA CYS B 49 -3.35 11.79 5.68
C CYS B 49 -4.07 13.00 6.29
N THR B 50 -5.37 12.82 6.50
CA THR B 50 -6.19 13.87 7.07
C THR B 50 -5.98 13.94 8.59
N GLU B 51 -5.09 13.09 9.07
CA GLU B 51 -4.79 13.05 10.49
C GLU B 51 -3.38 12.50 10.72
N ARG B 52 -2.40 13.26 10.26
CA ARG B 52 -1.01 12.85 10.41
C ARG B 52 -0.68 12.63 11.88
N GLN B 53 0.09 11.58 12.13
CA GLN B 53 0.49 11.26 13.49
C GLN B 53 1.38 10.00 13.50
N ALA B 54 2.26 9.95 14.49
CA ALA B 54 3.17 8.82 14.62
C ALA B 54 2.37 7.58 15.02
N ASN B 55 1.71 7.67 16.17
CA ASN B 55 0.93 6.56 16.67
C ASN B 55 1.68 5.26 16.45
N MET B 1 0.74 -12.69 -18.69
CA MET B 1 0.30 -13.18 -17.40
C MET B 1 1.49 -13.47 -16.48
N GLN B 2 2.41 -12.52 -16.44
CA GLN B 2 3.60 -12.66 -15.61
C GLN B 2 3.79 -11.40 -14.76
N LYS B 3 3.69 -10.25 -15.41
CA LYS B 3 3.85 -8.98 -14.73
C LYS B 3 5.35 -8.68 -14.58
N GLY B 4 5.98 -8.44 -15.71
CA GLY B 4 7.41 -8.14 -15.72
C GLY B 4 7.70 -6.88 -14.89
N ASN B 5 6.74 -5.97 -14.88
CA ASN B 5 6.88 -4.74 -14.13
C ASN B 5 7.14 -5.07 -12.65
N PHE B 6 6.87 -6.31 -12.30
CA PHE B 6 7.06 -6.76 -10.93
C PHE B 6 8.53 -6.57 -10.50
N ARG B 7 9.37 -6.33 -11.49
CA ARG B 7 10.79 -6.13 -11.23
C ARG B 7 10.99 -5.00 -10.22
N ASN B 8 9.94 -4.19 -10.07
CA ASN B 8 10.00 -3.07 -9.16
C ASN B 8 10.36 -3.57 -7.75
N GLN B 9 10.17 -4.88 -7.57
CA GLN B 9 10.48 -5.49 -6.29
C GLN B 9 11.96 -5.31 -5.95
N ARG B 10 12.71 -4.89 -6.95
CA ARG B 10 14.14 -4.67 -6.77
C ARG B 10 14.38 -3.47 -5.84
N LYS B 11 13.29 -2.79 -5.52
CA LYS B 11 13.38 -1.63 -4.66
C LYS B 11 12.41 -1.80 -3.49
N THR B 12 12.34 -3.02 -2.99
CA THR B 12 11.46 -3.33 -1.88
C THR B 12 10.17 -2.51 -1.97
N VAL B 13 9.58 -2.53 -3.16
CA VAL B 13 8.35 -1.79 -3.40
C VAL B 13 7.47 -1.87 -2.15
N LYS B 14 6.62 -0.87 -2.00
CA LYS B 14 5.72 -0.81 -0.86
C LYS B 14 4.31 -1.18 -1.31
N CYS B 15 3.67 -2.04 -0.54
CA CYS B 15 2.32 -2.48 -0.84
C CYS B 15 1.38 -1.29 -0.65
N PHE B 16 0.83 -0.84 -1.78
CA PHE B 16 -0.08 0.29 -1.75
C PHE B 16 -1.46 -0.13 -1.22
N ASN B 17 -1.54 -1.39 -0.81
CA ASN B 17 -2.78 -1.92 -0.27
C ASN B 17 -2.74 -1.86 1.25
N CYS B 18 -1.84 -2.62 1.83
CA CYS B 18 -1.70 -2.66 3.27
C CYS B 18 -0.80 -1.50 3.70
N GLY B 19 0.24 -1.28 2.91
CA GLY B 19 1.19 -0.21 3.19
C GLY B 19 2.49 -0.76 3.76
N LYS B 20 2.80 -1.99 3.37
CA LYS B 20 4.01 -2.63 3.84
C LYS B 20 5.10 -2.50 2.79
N GLU B 21 6.20 -3.22 3.01
CA GLU B 21 7.31 -3.18 2.08
C GLU B 21 7.84 -4.60 1.83
N GLY B 22 7.94 -4.93 0.56
CA GLY B 22 8.42 -6.26 0.17
C GLY B 22 7.40 -6.98 -0.70
N HIS B 23 6.40 -6.22 -1.14
CA HIS B 23 5.35 -6.78 -1.98
C HIS B 23 4.43 -5.66 -2.46
N ILE B 24 3.74 -5.93 -3.56
CA ILE B 24 2.83 -4.96 -4.12
C ILE B 24 1.39 -5.45 -3.95
N ALA B 25 0.46 -4.51 -4.03
CA ALA B 25 -0.95 -4.83 -3.88
C ALA B 25 -1.29 -6.00 -4.80
N LYS B 26 -0.66 -6.02 -5.96
CA LYS B 26 -0.90 -7.08 -6.92
C LYS B 26 -0.55 -8.42 -6.30
N ASN B 27 0.59 -8.45 -5.62
CA ASN B 27 1.04 -9.66 -4.96
C ASN B 27 0.55 -9.68 -3.51
N CYS B 28 -0.26 -8.68 -3.19
CA CYS B 28 -0.81 -8.56 -1.85
C CYS B 28 -1.99 -9.53 -1.72
N ARG B 29 -2.02 -10.23 -0.61
CA ARG B 29 -3.09 -11.18 -0.35
C ARG B 29 -4.38 -10.45 0.01
N ALA B 30 -4.22 -9.29 0.63
CA ALA B 30 -5.35 -8.49 1.03
C ALA B 30 -6.10 -8.01 -0.21
N PRO B 31 -7.44 -7.82 -0.04
CA PRO B 31 -8.28 -7.38 -1.14
C PRO B 31 -8.07 -5.89 -1.41
N ARG B 32 -8.40 -5.49 -2.63
CA ARG B 32 -8.26 -4.10 -3.04
C ARG B 32 -9.03 -3.19 -2.08
N LYS B 33 -8.29 -2.55 -1.19
CA LYS B 33 -8.87 -1.66 -0.22
C LYS B 33 -8.25 -0.27 -0.36
N LYS B 34 -8.68 0.63 0.52
CA LYS B 34 -8.17 1.99 0.49
C LYS B 34 -8.00 2.49 1.94
N GLY B 35 -7.35 1.67 2.73
CA GLY B 35 -7.12 2.01 4.13
C GLY B 35 -5.77 2.73 4.30
N CYS B 36 -5.84 3.95 4.81
CA CYS B 36 -4.65 4.74 5.03
C CYS B 36 -3.74 3.98 6.01
N TRP B 37 -2.57 3.62 5.51
CA TRP B 37 -1.61 2.89 6.32
C TRP B 37 -0.82 3.91 7.15
N LYS B 38 -1.55 4.91 7.63
CA LYS B 38 -0.94 5.96 8.44
C LYS B 38 -1.79 6.18 9.70
N CYS B 39 -3.08 6.33 9.48
CA CYS B 39 -4.01 6.55 10.58
C CYS B 39 -4.84 5.28 10.77
N GLY B 40 -5.10 4.61 9.66
CA GLY B 40 -5.89 3.39 9.68
C GLY B 40 -7.35 3.67 9.34
N LYS B 41 -7.56 4.75 8.60
CA LYS B 41 -8.90 5.14 8.20
C LYS B 41 -9.16 4.65 6.78
N GLU B 42 -10.28 3.96 6.63
CA GLU B 42 -10.67 3.41 5.33
C GLU B 42 -11.48 4.46 4.55
N GLY B 43 -10.91 4.88 3.43
CA GLY B 43 -11.56 5.87 2.60
C GLY B 43 -10.55 6.82 1.96
N HIS B 44 -9.69 7.36 2.81
CA HIS B 44 -8.66 8.28 2.34
C HIS B 44 -7.33 7.55 2.22
N GLN B 45 -6.31 8.29 1.78
CA GLN B 45 -4.99 7.72 1.63
C GLN B 45 -3.94 8.63 2.28
N MET B 46 -2.76 8.07 2.49
CA MET B 46 -1.68 8.81 3.10
C MET B 46 -1.44 10.13 2.36
N LYS B 47 -1.53 10.06 1.05
CA LYS B 47 -1.32 11.25 0.22
C LYS B 47 -2.28 12.35 0.67
N ASP B 48 -3.44 11.93 1.12
CA ASP B 48 -4.45 12.87 1.58
C ASP B 48 -4.85 12.52 3.02
N CYS B 49 -3.85 12.14 3.80
CA CYS B 49 -4.08 11.78 5.20
C CYS B 49 -4.73 12.97 5.89
N THR B 50 -5.99 12.77 6.28
CA THR B 50 -6.73 13.81 6.96
C THR B 50 -6.43 13.79 8.45
N GLU B 51 -5.49 12.93 8.83
CA GLU B 51 -5.11 12.80 10.22
C GLU B 51 -3.77 12.08 10.33
N ARG B 52 -2.70 12.84 10.20
CA ARG B 52 -1.36 12.29 10.27
C ARG B 52 -1.04 11.87 11.72
N GLN B 53 -0.22 10.84 11.83
CA GLN B 53 0.17 10.33 13.14
C GLN B 53 1.11 9.13 12.99
N ALA B 54 1.77 8.81 14.08
CA ALA B 54 2.70 7.69 14.08
C ALA B 54 2.11 6.54 14.88
N ASN B 55 0.96 6.07 14.42
CA ASN B 55 0.27 4.97 15.07
C ASN B 55 -1.15 4.85 14.51
N MET B 1 8.53 -13.52 -17.95
CA MET B 1 7.13 -13.19 -18.08
C MET B 1 6.40 -13.41 -16.75
N GLN B 2 5.09 -13.19 -16.80
CA GLN B 2 4.27 -13.36 -15.60
C GLN B 2 4.38 -12.14 -14.69
N LYS B 3 4.18 -10.97 -15.29
CA LYS B 3 4.27 -9.73 -14.55
C LYS B 3 5.74 -9.44 -14.20
N GLY B 4 6.55 -9.33 -15.24
CA GLY B 4 7.96 -9.06 -15.06
C GLY B 4 8.18 -7.75 -14.29
N ASN B 5 7.22 -6.86 -14.43
CA ASN B 5 7.29 -5.57 -13.76
C ASN B 5 7.36 -5.79 -12.24
N PHE B 6 7.01 -7.00 -11.84
CA PHE B 6 7.03 -7.36 -10.43
C PHE B 6 8.44 -7.21 -9.86
N ARG B 7 9.40 -7.09 -10.75
CA ARG B 7 10.80 -6.94 -10.35
C ARG B 7 10.97 -5.68 -9.50
N ASN B 8 9.95 -4.84 -9.54
CA ASN B 8 9.97 -3.60 -8.78
C ASN B 8 10.24 -3.92 -7.30
N GLN B 9 9.98 -5.17 -6.95
CA GLN B 9 10.18 -5.60 -5.57
C GLN B 9 11.64 -5.40 -5.16
N ARG B 10 12.48 -5.18 -6.16
CA ARG B 10 13.90 -4.98 -5.90
C ARG B 10 14.11 -3.76 -5.01
N LYS B 11 13.05 -2.96 -4.88
CA LYS B 11 13.11 -1.77 -4.06
C LYS B 11 12.09 -1.89 -2.92
N THR B 12 11.96 -3.11 -2.42
CA THR B 12 11.04 -3.38 -1.34
C THR B 12 9.78 -2.53 -1.48
N VAL B 13 9.23 -2.55 -2.68
CA VAL B 13 8.02 -1.77 -2.96
C VAL B 13 7.09 -1.85 -1.76
N LYS B 14 6.25 -0.83 -1.65
CA LYS B 14 5.29 -0.76 -0.55
C LYS B 14 3.90 -1.10 -1.07
N CYS B 15 3.13 -1.78 -0.23
CA CYS B 15 1.78 -2.16 -0.59
C CYS B 15 0.87 -0.94 -0.38
N PHE B 16 0.37 -0.42 -1.50
CA PHE B 16 -0.51 0.73 -1.45
C PHE B 16 -1.89 0.34 -0.91
N ASN B 17 -2.03 -0.93 -0.59
CA ASN B 17 -3.28 -1.45 -0.07
C ASN B 17 -3.25 -1.40 1.46
N CYS B 18 -2.40 -2.24 2.03
CA CYS B 18 -2.27 -2.30 3.48
C CYS B 18 -1.32 -1.18 3.92
N GLY B 19 -0.23 -1.03 3.17
CA GLY B 19 0.75 -0.01 3.48
C GLY B 19 2.01 -0.62 4.07
N LYS B 20 2.29 -1.85 3.65
CA LYS B 20 3.47 -2.56 4.12
C LYS B 20 4.59 -2.44 3.08
N GLU B 21 5.66 -3.18 3.33
CA GLU B 21 6.79 -3.18 2.42
C GLU B 21 7.27 -4.61 2.15
N GLY B 22 7.37 -4.93 0.87
CA GLY B 22 7.81 -6.25 0.47
C GLY B 22 6.80 -6.90 -0.49
N HIS B 23 5.77 -6.14 -0.81
CA HIS B 23 4.73 -6.62 -1.72
C HIS B 23 3.89 -5.45 -2.19
N ILE B 24 3.18 -5.67 -3.30
CA ILE B 24 2.34 -4.64 -3.87
C ILE B 24 0.87 -5.08 -3.74
N ALA B 25 -0.01 -4.10 -3.86
CA ALA B 25 -1.44 -4.35 -3.76
C ALA B 25 -1.80 -5.52 -4.67
N LYS B 26 -1.19 -5.52 -5.84
CA LYS B 26 -1.45 -6.58 -6.82
C LYS B 26 -1.09 -7.94 -6.21
N ASN B 27 0.03 -7.95 -5.50
CA ASN B 27 0.49 -9.17 -4.86
C ASN B 27 0.02 -9.18 -3.40
N CYS B 28 -0.88 -8.27 -3.10
CA CYS B 28 -1.42 -8.17 -1.74
C CYS B 28 -2.58 -9.15 -1.62
N ARG B 29 -2.56 -9.88 -0.51
CA ARG B 29 -3.60 -10.87 -0.25
C ARG B 29 -4.88 -10.17 0.22
N ALA B 30 -4.71 -9.04 0.89
CA ALA B 30 -5.83 -8.28 1.40
C ALA B 30 -6.72 -7.85 0.22
N PRO B 31 -7.99 -7.54 0.55
CA PRO B 31 -8.95 -7.12 -0.47
C PRO B 31 -8.67 -5.68 -0.91
N ARG B 32 -8.98 -5.41 -2.17
CA ARG B 32 -8.78 -4.09 -2.73
C ARG B 32 -9.57 -3.05 -1.93
N LYS B 33 -8.83 -2.21 -1.22
CA LYS B 33 -9.44 -1.17 -0.41
C LYS B 33 -8.57 0.09 -0.47
N LYS B 34 -8.96 1.07 0.33
CA LYS B 34 -8.24 2.34 0.37
C LYS B 34 -8.16 2.82 1.82
N GLY B 35 -7.74 1.92 2.70
CA GLY B 35 -7.62 2.24 4.11
C GLY B 35 -6.28 2.91 4.41
N CYS B 36 -6.36 4.07 5.04
CA CYS B 36 -5.17 4.82 5.38
C CYS B 36 -4.30 3.94 6.30
N TRP B 37 -3.07 3.73 5.87
CA TRP B 37 -2.15 2.92 6.65
C TRP B 37 -1.52 3.81 7.73
N LYS B 38 -2.33 4.72 8.23
CA LYS B 38 -1.88 5.64 9.27
C LYS B 38 -2.92 5.70 10.38
N CYS B 39 -4.16 5.91 9.97
CA CYS B 39 -5.26 6.00 10.92
C CYS B 39 -6.14 4.76 10.75
N GLY B 40 -6.20 4.27 9.53
CA GLY B 40 -6.99 3.09 9.22
C GLY B 40 -8.37 3.49 8.69
N LYS B 41 -8.45 4.71 8.19
CA LYS B 41 -9.69 5.21 7.64
C LYS B 41 -9.73 4.97 6.13
N GLU B 42 -10.78 4.28 5.70
CA GLU B 42 -10.93 3.96 4.29
C GLU B 42 -11.58 5.14 3.55
N GLY B 43 -10.82 5.73 2.66
CA GLY B 43 -11.30 6.86 1.88
C GLY B 43 -10.15 7.81 1.53
N HIS B 44 -9.42 8.22 2.56
CA HIS B 44 -8.29 9.12 2.37
C HIS B 44 -6.99 8.32 2.33
N GLN B 45 -5.91 9.03 2.05
CA GLN B 45 -4.61 8.40 1.98
C GLN B 45 -3.64 9.06 2.97
N MET B 46 -2.59 8.33 3.29
CA MET B 46 -1.58 8.83 4.22
C MET B 46 -1.10 10.22 3.81
N LYS B 47 -0.91 10.38 2.50
CA LYS B 47 -0.44 11.65 1.97
C LYS B 47 -1.37 12.77 2.43
N ASP B 48 -2.65 12.42 2.55
CA ASP B 48 -3.65 13.39 2.99
C ASP B 48 -4.29 12.89 4.29
N CYS B 49 -3.46 12.29 5.13
CA CYS B 49 -3.93 11.77 6.40
C CYS B 49 -4.54 12.93 7.19
N THR B 50 -5.86 12.87 7.35
CA THR B 50 -6.57 13.91 8.08
C THR B 50 -6.44 13.67 9.60
N GLU B 51 -5.67 12.66 9.94
CA GLU B 51 -5.46 12.33 11.34
C GLU B 51 -4.17 12.96 11.85
N ARG B 52 -3.06 12.61 11.20
CA ARG B 52 -1.77 13.13 11.58
C ARG B 52 -1.34 12.57 12.94
N GLN B 53 -0.89 11.32 12.92
CA GLN B 53 -0.46 10.66 14.13
C GLN B 53 0.23 9.34 13.79
N ALA B 54 0.72 8.68 14.83
CA ALA B 54 1.41 7.41 14.67
C ALA B 54 1.19 6.55 15.91
N ASN B 55 1.31 5.24 15.72
CA ASN B 55 1.13 4.31 16.81
C ASN B 55 2.34 3.37 16.88
N MET B 1 9.20 -15.49 -14.85
CA MET B 1 7.87 -15.56 -15.41
C MET B 1 7.42 -14.19 -15.95
N GLN B 2 6.38 -14.21 -16.76
CA GLN B 2 5.85 -12.99 -17.34
C GLN B 2 5.71 -11.91 -16.27
N LYS B 3 5.38 -10.70 -16.72
CA LYS B 3 5.21 -9.58 -15.82
C LYS B 3 6.59 -9.14 -15.31
N GLY B 4 7.43 -8.73 -16.25
CA GLY B 4 8.76 -8.28 -15.90
C GLY B 4 8.72 -7.07 -14.97
N ASN B 5 7.57 -6.39 -15.00
CA ASN B 5 7.38 -5.23 -14.15
C ASN B 5 7.49 -5.64 -12.68
N PHE B 6 7.44 -6.94 -12.46
CA PHE B 6 7.52 -7.48 -11.11
C PHE B 6 8.82 -7.04 -10.43
N ARG B 7 9.79 -6.67 -11.26
CA ARG B 7 11.08 -6.23 -10.76
C ARG B 7 10.91 -5.02 -9.83
N ASN B 8 9.70 -4.46 -9.86
CA ASN B 8 9.40 -3.30 -9.03
C ASN B 8 9.64 -3.66 -7.56
N GLN B 9 9.28 -4.89 -7.21
CA GLN B 9 9.46 -5.36 -5.84
C GLN B 9 10.94 -5.36 -5.47
N ARG B 10 11.78 -5.19 -6.48
CA ARG B 10 13.21 -5.17 -6.28
C ARG B 10 13.60 -3.98 -5.39
N LYS B 11 12.64 -3.10 -5.17
CA LYS B 11 12.87 -1.92 -4.35
C LYS B 11 11.93 -1.96 -3.14
N THR B 12 11.72 -3.17 -2.63
CA THR B 12 10.85 -3.36 -1.48
C THR B 12 9.64 -2.43 -1.57
N VAL B 13 9.05 -2.38 -2.77
CA VAL B 13 7.90 -1.55 -3.00
C VAL B 13 6.95 -1.66 -1.81
N LYS B 14 6.16 -0.61 -1.62
CA LYS B 14 5.20 -0.58 -0.52
C LYS B 14 3.81 -0.92 -1.06
N CYS B 15 3.19 -1.90 -0.43
CA CYS B 15 1.86 -2.34 -0.84
C CYS B 15 0.89 -1.16 -0.63
N PHE B 16 0.26 -0.76 -1.73
CA PHE B 16 -0.69 0.34 -1.69
C PHE B 16 -2.06 -0.13 -1.21
N ASN B 17 -2.08 -1.33 -0.64
CA ASN B 17 -3.31 -1.91 -0.14
C ASN B 17 -3.22 -2.03 1.39
N CYS B 18 -2.09 -2.52 1.85
CA CYS B 18 -1.87 -2.69 3.28
C CYS B 18 -0.77 -1.71 3.71
N GLY B 19 0.21 -1.55 2.84
CA GLY B 19 1.31 -0.66 3.13
C GLY B 19 2.61 -1.44 3.37
N LYS B 20 2.44 -2.72 3.66
CA LYS B 20 3.58 -3.58 3.91
C LYS B 20 4.51 -3.56 2.70
N GLU B 21 5.80 -3.48 2.98
CA GLU B 21 6.79 -3.45 1.92
C GLU B 21 7.19 -4.88 1.53
N GLY B 22 7.43 -5.06 0.24
CA GLY B 22 7.82 -6.36 -0.27
C GLY B 22 6.93 -6.77 -1.45
N HIS B 23 5.64 -6.48 -1.31
CA HIS B 23 4.68 -6.82 -2.34
C HIS B 23 3.81 -5.59 -2.65
N ILE B 24 3.23 -5.60 -3.85
CA ILE B 24 2.38 -4.50 -4.26
C ILE B 24 0.92 -4.94 -4.20
N ALA B 25 0.04 -3.95 -4.11
CA ALA B 25 -1.38 -4.22 -4.03
C ALA B 25 -1.76 -5.23 -5.12
N LYS B 26 -1.10 -5.10 -6.26
CA LYS B 26 -1.36 -5.99 -7.38
C LYS B 26 -1.09 -7.43 -6.95
N ASN B 27 0.06 -7.62 -6.31
CA ASN B 27 0.45 -8.95 -5.85
C ASN B 27 0.00 -9.13 -4.40
N CYS B 28 -0.82 -8.19 -3.94
CA CYS B 28 -1.34 -8.23 -2.59
C CYS B 28 -2.52 -9.20 -2.56
N ARG B 29 -2.54 -10.01 -1.50
CA ARG B 29 -3.62 -10.99 -1.34
C ARG B 29 -4.85 -10.31 -0.74
N ALA B 30 -4.60 -9.30 0.08
CA ALA B 30 -5.68 -8.58 0.72
C ALA B 30 -6.65 -8.07 -0.34
N PRO B 31 -7.92 -7.84 0.10
CA PRO B 31 -8.95 -7.35 -0.80
C PRO B 31 -8.76 -5.87 -1.11
N ARG B 32 -9.26 -5.47 -2.26
CA ARG B 32 -9.16 -4.07 -2.68
C ARG B 32 -9.75 -3.15 -1.61
N LYS B 33 -8.85 -2.50 -0.87
CA LYS B 33 -9.27 -1.59 0.17
C LYS B 33 -8.59 -0.23 -0.03
N LYS B 34 -8.91 0.69 0.87
CA LYS B 34 -8.33 2.02 0.80
C LYS B 34 -8.20 2.59 2.21
N GLY B 35 -7.53 1.82 3.06
CA GLY B 35 -7.33 2.24 4.44
C GLY B 35 -5.91 2.80 4.64
N CYS B 36 -5.86 4.01 5.17
CA CYS B 36 -4.59 4.66 5.42
C CYS B 36 -3.77 3.79 6.37
N TRP B 37 -2.63 3.33 5.89
CA TRP B 37 -1.76 2.49 6.69
C TRP B 37 -0.90 3.39 7.57
N LYS B 38 -1.51 4.47 8.04
CA LYS B 38 -0.82 5.42 8.89
C LYS B 38 -1.67 5.71 10.13
N CYS B 39 -2.93 6.00 9.87
CA CYS B 39 -3.86 6.30 10.96
C CYS B 39 -4.85 5.14 11.08
N GLY B 40 -5.13 4.52 9.94
CA GLY B 40 -6.05 3.40 9.90
C GLY B 40 -7.46 3.86 9.53
N LYS B 41 -7.52 4.99 8.86
CA LYS B 41 -8.79 5.55 8.42
C LYS B 41 -9.05 5.14 6.96
N GLU B 42 -10.25 4.62 6.73
CA GLU B 42 -10.63 4.18 5.40
C GLU B 42 -11.28 5.34 4.64
N GLY B 43 -10.68 5.68 3.51
CA GLY B 43 -11.19 6.76 2.69
C GLY B 43 -10.06 7.60 2.11
N HIS B 44 -9.13 7.98 2.99
CA HIS B 44 -7.99 8.77 2.59
C HIS B 44 -6.76 7.88 2.47
N GLN B 45 -5.65 8.50 2.09
CA GLN B 45 -4.39 7.78 1.95
C GLN B 45 -3.27 8.50 2.70
N MET B 46 -2.21 7.77 2.95
CA MET B 46 -1.07 8.32 3.66
C MET B 46 -0.60 9.63 3.02
N LYS B 47 -0.56 9.62 1.69
CA LYS B 47 -0.14 10.80 0.96
C LYS B 47 -1.03 11.99 1.34
N ASP B 48 -2.30 11.68 1.57
CA ASP B 48 -3.26 12.70 1.94
C ASP B 48 -3.75 12.44 3.37
N CYS B 49 -2.85 11.91 4.18
CA CYS B 49 -3.18 11.60 5.56
C CYS B 49 -3.71 12.87 6.22
N THR B 50 -4.99 12.84 6.53
CA THR B 50 -5.64 13.98 7.16
C THR B 50 -5.31 14.02 8.66
N GLU B 51 -4.49 13.06 9.08
CA GLU B 51 -4.09 12.97 10.47
C GLU B 51 -2.68 12.40 10.58
N ARG B 52 -1.71 13.18 10.14
CA ARG B 52 -0.32 12.75 10.18
C ARG B 52 0.19 12.77 11.62
N GLN B 53 -0.27 11.78 12.39
CA GLN B 53 0.13 11.66 13.77
C GLN B 53 -0.34 10.33 14.35
N ALA B 54 0.58 9.38 14.41
CA ALA B 54 0.27 8.05 14.94
C ALA B 54 1.28 7.70 16.04
N ASN B 55 2.54 7.62 15.62
CA ASN B 55 3.61 7.29 16.55
C ASN B 55 3.30 5.95 17.21
N MET B 1 3.28 -14.79 -14.11
CA MET B 1 3.99 -15.45 -15.20
C MET B 1 4.23 -14.49 -16.36
N GLN B 2 3.32 -13.53 -16.49
CA GLN B 2 3.43 -12.56 -17.56
C GLN B 2 3.32 -11.13 -16.98
N LYS B 3 4.43 -10.69 -16.41
CA LYS B 3 4.46 -9.36 -15.81
C LYS B 3 5.84 -9.12 -15.19
N GLY B 4 6.84 -9.00 -16.06
CA GLY B 4 8.19 -8.78 -15.61
C GLY B 4 8.30 -7.48 -14.81
N ASN B 5 7.28 -6.65 -14.94
CA ASN B 5 7.24 -5.37 -14.25
C ASN B 5 7.35 -5.63 -12.74
N PHE B 6 7.03 -6.85 -12.35
CA PHE B 6 7.09 -7.23 -10.95
C PHE B 6 8.48 -7.03 -10.38
N ARG B 7 9.44 -6.84 -11.29
CA ARG B 7 10.82 -6.63 -10.88
C ARG B 7 10.94 -5.39 -10.00
N ASN B 8 9.85 -4.63 -9.95
CA ASN B 8 9.81 -3.42 -9.16
C ASN B 8 10.16 -3.75 -7.71
N GLN B 9 9.79 -4.96 -7.30
CA GLN B 9 10.06 -5.41 -5.95
C GLN B 9 11.56 -5.31 -5.64
N ARG B 10 12.35 -5.21 -6.71
CA ARG B 10 13.78 -5.11 -6.57
C ARG B 10 14.15 -3.88 -5.73
N LYS B 11 13.17 -2.99 -5.58
CA LYS B 11 13.38 -1.78 -4.81
C LYS B 11 12.52 -1.83 -3.54
N THR B 12 12.18 -3.05 -3.15
CA THR B 12 11.37 -3.25 -1.96
C THR B 12 10.09 -2.42 -2.04
N VAL B 13 9.45 -2.48 -3.20
CA VAL B 13 8.23 -1.74 -3.42
C VAL B 13 7.38 -1.76 -2.14
N LYS B 14 6.52 -0.76 -2.03
CA LYS B 14 5.65 -0.67 -0.86
C LYS B 14 4.24 -1.10 -1.25
N CYS B 15 3.63 -1.88 -0.36
CA CYS B 15 2.28 -2.37 -0.60
C CYS B 15 1.31 -1.21 -0.39
N PHE B 16 0.69 -0.80 -1.50
CA PHE B 16 -0.26 0.29 -1.46
C PHE B 16 -1.61 -0.16 -0.90
N ASN B 17 -1.63 -1.42 -0.46
CA ASN B 17 -2.84 -1.99 0.11
C ASN B 17 -2.80 -1.88 1.63
N CYS B 18 -1.73 -2.45 2.20
CA CYS B 18 -1.56 -2.43 3.64
C CYS B 18 -0.65 -1.24 3.99
N GLY B 19 0.41 -1.10 3.21
CA GLY B 19 1.36 -0.02 3.43
C GLY B 19 2.69 -0.56 3.97
N LYS B 20 3.00 -1.79 3.57
CA LYS B 20 4.23 -2.42 4.00
C LYS B 20 5.28 -2.31 2.88
N GLU B 21 6.39 -3.00 3.09
CA GLU B 21 7.46 -3.00 2.12
C GLU B 21 7.98 -4.42 1.88
N GLY B 22 8.10 -4.76 0.60
CA GLY B 22 8.58 -6.08 0.23
C GLY B 22 7.50 -6.86 -0.54
N HIS B 23 6.51 -6.13 -1.00
CA HIS B 23 5.41 -6.73 -1.75
C HIS B 23 4.47 -5.63 -2.24
N ILE B 24 3.70 -5.97 -3.27
CA ILE B 24 2.75 -5.03 -3.84
C ILE B 24 1.33 -5.49 -3.51
N ALA B 25 0.40 -4.56 -3.65
CA ALA B 25 -1.00 -4.86 -3.37
C ALA B 25 -1.40 -6.14 -4.11
N LYS B 26 -0.90 -6.27 -5.33
CA LYS B 26 -1.20 -7.43 -6.14
C LYS B 26 -0.71 -8.69 -5.42
N ASN B 27 0.49 -8.59 -4.84
CA ASN B 27 1.07 -9.70 -4.12
C ASN B 27 0.64 -9.63 -2.66
N CYS B 28 -0.30 -8.74 -2.39
CA CYS B 28 -0.80 -8.56 -1.03
C CYS B 28 -1.90 -9.60 -0.80
N ARG B 29 -1.82 -10.24 0.37
CA ARG B 29 -2.79 -11.26 0.72
C ARG B 29 -4.11 -10.60 1.14
N ALA B 30 -4.00 -9.38 1.62
CA ALA B 30 -5.17 -8.63 2.05
C ALA B 30 -6.04 -8.30 0.83
N PRO B 31 -7.34 -8.02 1.11
CA PRO B 31 -8.28 -7.69 0.05
C PRO B 31 -8.05 -6.27 -0.46
N ARG B 32 -8.35 -6.07 -1.73
CA ARG B 32 -8.18 -4.77 -2.36
C ARG B 32 -9.00 -3.72 -1.62
N LYS B 33 -8.30 -2.87 -0.88
CA LYS B 33 -8.95 -1.82 -0.13
C LYS B 33 -8.20 -0.50 -0.33
N LYS B 34 -8.66 0.53 0.37
CA LYS B 34 -8.05 1.83 0.27
C LYS B 34 -8.00 2.48 1.65
N GLY B 35 -7.48 1.72 2.61
CA GLY B 35 -7.38 2.21 3.98
C GLY B 35 -6.04 2.89 4.21
N CYS B 36 -6.11 4.17 4.57
CA CYS B 36 -4.91 4.94 4.83
C CYS B 36 -4.10 4.23 5.90
N TRP B 37 -2.88 3.87 5.54
CA TRP B 37 -1.99 3.18 6.47
C TRP B 37 -1.31 4.23 7.34
N LYS B 38 -2.09 5.24 7.71
CA LYS B 38 -1.57 6.32 8.55
C LYS B 38 -2.56 6.60 9.67
N CYS B 39 -3.82 6.76 9.29
CA CYS B 39 -4.88 7.03 10.25
C CYS B 39 -5.78 5.80 10.35
N GLY B 40 -5.88 5.10 9.23
CA GLY B 40 -6.70 3.90 9.18
C GLY B 40 -8.09 4.21 8.62
N LYS B 41 -8.17 5.32 7.89
CA LYS B 41 -9.43 5.73 7.30
C LYS B 41 -9.51 5.20 5.86
N GLU B 42 -10.61 4.51 5.59
CA GLU B 42 -10.81 3.95 4.26
C GLU B 42 -11.48 4.98 3.35
N GLY B 43 -10.73 5.41 2.35
CA GLY B 43 -11.23 6.39 1.41
C GLY B 43 -10.09 7.25 0.86
N HIS B 44 -9.33 7.84 1.77
CA HIS B 44 -8.22 8.69 1.40
C HIS B 44 -6.92 7.88 1.45
N GLN B 45 -5.85 8.53 1.02
CA GLN B 45 -4.54 7.89 1.01
C GLN B 45 -3.55 8.69 1.85
N MET B 46 -2.47 8.02 2.25
CA MET B 46 -1.45 8.66 3.05
C MET B 46 -0.96 9.95 2.39
N LYS B 47 -0.87 9.90 1.07
CA LYS B 47 -0.42 11.05 0.31
C LYS B 47 -1.30 12.26 0.64
N ASP B 48 -2.57 11.98 0.85
CA ASP B 48 -3.53 13.03 1.18
C ASP B 48 -4.12 12.76 2.56
N CYS B 49 -3.28 12.23 3.44
CA CYS B 49 -3.71 11.92 4.79
C CYS B 49 -4.32 13.18 5.41
N THR B 50 -5.63 13.11 5.62
CA THR B 50 -6.35 14.24 6.20
C THR B 50 -6.15 14.28 7.71
N GLU B 51 -5.34 13.35 8.20
CA GLU B 51 -5.06 13.26 9.62
C GLU B 51 -3.74 13.96 9.95
N ARG B 52 -2.76 13.73 9.09
CA ARG B 52 -1.44 14.32 9.28
C ARG B 52 -0.79 13.77 10.54
N GLN B 53 0.47 14.14 10.72
CA GLN B 53 1.23 13.68 11.87
C GLN B 53 0.35 13.71 13.12
N ALA B 54 -0.11 14.90 13.46
CA ALA B 54 -0.96 15.07 14.63
C ALA B 54 -0.27 14.46 15.85
N ASN B 55 -0.94 14.59 17.00
CA ASN B 55 -0.40 14.07 18.23
C ASN B 55 0.15 12.66 17.99
N MET B 1 7.80 -15.33 -13.62
CA MET B 1 6.53 -15.12 -14.28
C MET B 1 6.46 -13.73 -14.93
N GLN B 2 5.39 -13.51 -15.68
CA GLN B 2 5.21 -12.24 -16.35
C GLN B 2 5.15 -11.10 -15.32
N LYS B 3 4.93 -9.89 -15.83
CA LYS B 3 4.86 -8.72 -14.98
C LYS B 3 6.26 -8.37 -14.48
N GLY B 4 7.14 -8.10 -15.42
CA GLY B 4 8.51 -7.75 -15.09
C GLY B 4 8.55 -6.52 -14.19
N ASN B 5 7.51 -5.71 -14.28
CA ASN B 5 7.42 -4.50 -13.48
C ASN B 5 7.53 -4.86 -12.00
N PHE B 6 7.26 -6.13 -11.70
CA PHE B 6 7.32 -6.60 -10.34
C PHE B 6 8.73 -6.46 -9.77
N ARG B 7 9.67 -6.24 -10.68
CA ARG B 7 11.07 -6.07 -10.28
C ARG B 7 11.21 -4.86 -9.35
N ASN B 8 10.15 -4.06 -9.30
CA ASN B 8 10.15 -2.89 -8.45
C ASN B 8 10.45 -3.29 -7.00
N GLN B 9 10.26 -4.57 -6.73
CA GLN B 9 10.52 -5.11 -5.40
C GLN B 9 11.97 -4.88 -5.01
N ARG B 10 12.77 -4.53 -6.00
CA ARG B 10 14.19 -4.28 -5.77
C ARG B 10 14.37 -3.08 -4.84
N LYS B 11 13.28 -2.37 -4.63
CA LYS B 11 13.30 -1.20 -3.76
C LYS B 11 12.28 -1.37 -2.64
N THR B 12 12.20 -2.60 -2.15
CA THR B 12 11.26 -2.91 -1.08
C THR B 12 9.96 -2.14 -1.26
N VAL B 13 9.43 -2.19 -2.48
CA VAL B 13 8.20 -1.50 -2.79
C VAL B 13 7.25 -1.58 -1.60
N LYS B 14 6.36 -0.60 -1.52
CA LYS B 14 5.39 -0.56 -0.43
C LYS B 14 4.02 -0.99 -0.95
N CYS B 15 3.37 -1.83 -0.17
CA CYS B 15 2.05 -2.33 -0.55
C CYS B 15 1.04 -1.21 -0.32
N PHE B 16 0.44 -0.76 -1.42
CA PHE B 16 -0.55 0.30 -1.35
C PHE B 16 -1.91 -0.24 -0.93
N ASN B 17 -1.90 -1.49 -0.48
CA ASN B 17 -3.12 -2.14 -0.04
C ASN B 17 -3.15 -2.19 1.49
N CYS B 18 -2.05 -2.67 2.05
CA CYS B 18 -1.92 -2.78 3.49
C CYS B 18 -1.02 -1.65 3.98
N GLY B 19 0.07 -1.44 3.25
CA GLY B 19 1.03 -0.40 3.59
C GLY B 19 2.31 -1.00 4.15
N LYS B 20 2.61 -2.21 3.69
CA LYS B 20 3.80 -2.91 4.15
C LYS B 20 4.76 -3.10 2.96
N GLU B 21 6.04 -2.90 3.24
CA GLU B 21 7.05 -3.04 2.21
C GLU B 21 7.47 -4.51 2.08
N GLY B 22 7.69 -4.92 0.84
CA GLY B 22 8.08 -6.29 0.57
C GLY B 22 7.12 -6.97 -0.40
N HIS B 23 6.14 -6.19 -0.85
CA HIS B 23 5.14 -6.70 -1.78
C HIS B 23 4.21 -5.56 -2.20
N ILE B 24 3.56 -5.76 -3.34
CA ILE B 24 2.65 -4.76 -3.87
C ILE B 24 1.21 -5.28 -3.75
N ALA B 25 0.28 -4.35 -3.76
CA ALA B 25 -1.13 -4.70 -3.65
C ALA B 25 -1.45 -5.81 -4.64
N LYS B 26 -0.82 -5.74 -5.80
CA LYS B 26 -1.02 -6.73 -6.83
C LYS B 26 -0.64 -8.11 -6.30
N ASN B 27 0.51 -8.15 -5.64
CA ASN B 27 1.00 -9.40 -5.07
C ASN B 27 0.56 -9.49 -3.61
N CYS B 28 -0.31 -8.57 -3.22
CA CYS B 28 -0.82 -8.54 -1.86
C CYS B 28 -1.94 -9.57 -1.75
N ARG B 29 -1.84 -10.39 -0.71
CA ARG B 29 -2.84 -11.42 -0.48
C ARG B 29 -4.18 -10.78 -0.07
N ALA B 30 -4.06 -9.65 0.61
CA ALA B 30 -5.24 -8.93 1.06
C ALA B 30 -6.10 -8.55 -0.15
N PRO B 31 -7.43 -8.40 0.10
CA PRO B 31 -8.35 -8.03 -0.95
C PRO B 31 -8.21 -6.55 -1.32
N ARG B 32 -8.61 -6.24 -2.55
CA ARG B 32 -8.53 -4.87 -3.03
C ARG B 32 -9.30 -3.93 -2.10
N LYS B 33 -8.54 -3.17 -1.33
CA LYS B 33 -9.13 -2.24 -0.40
C LYS B 33 -8.50 -0.85 -0.60
N LYS B 34 -8.91 0.08 0.25
CA LYS B 34 -8.40 1.44 0.17
C LYS B 34 -8.43 2.06 1.56
N GLY B 35 -7.80 1.38 2.51
CA GLY B 35 -7.76 1.86 3.88
C GLY B 35 -6.42 2.55 4.18
N CYS B 36 -6.52 3.76 4.70
CA CYS B 36 -5.33 4.53 5.03
C CYS B 36 -4.56 3.77 6.11
N TRP B 37 -3.33 3.40 5.76
CA TRP B 37 -2.48 2.68 6.69
C TRP B 37 -1.76 3.70 7.57
N LYS B 38 -2.48 4.77 7.88
CA LYS B 38 -1.94 5.82 8.72
C LYS B 38 -2.92 6.14 9.85
N CYS B 39 -4.17 6.30 9.47
CA CYS B 39 -5.21 6.61 10.44
C CYS B 39 -6.12 5.38 10.56
N GLY B 40 -6.26 4.67 9.45
CA GLY B 40 -7.10 3.49 9.42
C GLY B 40 -8.49 3.82 8.88
N LYS B 41 -8.56 4.91 8.14
CA LYS B 41 -9.83 5.35 7.57
C LYS B 41 -9.93 4.84 6.12
N GLU B 42 -11.02 4.14 5.85
CA GLU B 42 -11.25 3.61 4.53
C GLU B 42 -11.93 4.65 3.63
N GLY B 43 -11.27 4.96 2.54
CA GLY B 43 -11.79 5.94 1.60
C GLY B 43 -10.68 6.85 1.08
N HIS B 44 -9.87 7.35 2.00
CA HIS B 44 -8.78 8.24 1.65
C HIS B 44 -7.46 7.45 1.71
N GLN B 45 -6.37 8.17 1.45
CA GLN B 45 -5.05 7.56 1.46
C GLN B 45 -4.08 8.44 2.24
N MET B 46 -3.00 7.82 2.70
CA MET B 46 -1.98 8.52 3.46
C MET B 46 -1.55 9.80 2.73
N LYS B 47 -1.36 9.66 1.42
CA LYS B 47 -0.94 10.78 0.60
C LYS B 47 -1.94 11.93 0.77
N ASP B 48 -3.21 11.56 0.89
CA ASP B 48 -4.25 12.56 1.06
C ASP B 48 -4.92 12.36 2.42
N CYS B 49 -4.11 11.95 3.39
CA CYS B 49 -4.61 11.73 4.74
C CYS B 49 -5.35 12.98 5.19
N THR B 50 -6.65 12.82 5.34
CA THR B 50 -7.49 13.93 5.77
C THR B 50 -7.38 14.13 7.28
N GLU B 51 -6.52 13.32 7.89
CA GLU B 51 -6.31 13.40 9.33
C GLU B 51 -4.87 12.99 9.67
N ARG B 52 -3.93 13.81 9.26
CA ARG B 52 -2.53 13.55 9.52
C ARG B 52 -2.34 13.06 10.95
N GLN B 53 -1.53 12.01 11.10
CA GLN B 53 -1.27 11.44 12.40
C GLN B 53 -0.34 10.23 12.27
N ALA B 54 0.56 10.10 13.25
CA ALA B 54 1.50 9.00 13.25
C ALA B 54 1.30 8.17 14.52
N ASN B 55 1.52 8.83 15.65
CA ASN B 55 1.37 8.17 16.94
C ASN B 55 -0.06 8.38 17.45
N MET B 1 7.97 -16.28 -16.95
CA MET B 1 7.54 -15.75 -15.67
C MET B 1 6.37 -14.79 -15.83
N GLN B 2 6.56 -13.83 -16.73
CA GLN B 2 5.53 -12.84 -17.00
C GLN B 2 5.49 -11.80 -15.87
N LYS B 3 5.02 -10.62 -16.22
CA LYS B 3 4.91 -9.54 -15.25
C LYS B 3 6.32 -9.08 -14.85
N GLY B 4 7.09 -8.70 -15.87
CA GLY B 4 8.46 -8.25 -15.64
C GLY B 4 8.47 -7.00 -14.74
N ASN B 5 7.39 -6.24 -14.83
CA ASN B 5 7.27 -5.02 -14.04
C ASN B 5 7.39 -5.37 -12.56
N PHE B 6 7.17 -6.64 -12.26
CA PHE B 6 7.24 -7.13 -10.89
C PHE B 6 8.64 -6.90 -10.31
N ARG B 7 9.58 -6.62 -11.21
CA ARG B 7 10.96 -6.38 -10.79
C ARG B 7 11.03 -5.18 -9.86
N ASN B 8 9.91 -4.45 -9.78
CA ASN B 8 9.85 -3.29 -8.92
C ASN B 8 10.19 -3.69 -7.49
N GLN B 9 10.01 -4.96 -7.21
CA GLN B 9 10.30 -5.48 -5.88
C GLN B 9 11.77 -5.28 -5.54
N ARG B 10 12.54 -4.91 -6.55
CA ARG B 10 13.96 -4.67 -6.38
C ARG B 10 14.19 -3.39 -5.58
N LYS B 11 13.10 -2.71 -5.28
CA LYS B 11 13.17 -1.47 -4.53
C LYS B 11 12.23 -1.55 -3.33
N THR B 12 12.22 -2.72 -2.70
CA THR B 12 11.38 -2.94 -1.53
C THR B 12 10.05 -2.20 -1.69
N VAL B 13 9.45 -2.37 -2.87
CA VAL B 13 8.18 -1.72 -3.15
C VAL B 13 7.30 -1.76 -1.90
N LYS B 14 6.39 -0.80 -1.84
CA LYS B 14 5.48 -0.71 -0.70
C LYS B 14 4.08 -1.13 -1.14
N CYS B 15 3.43 -1.89 -0.26
CA CYS B 15 2.08 -2.38 -0.55
C CYS B 15 1.10 -1.22 -0.34
N PHE B 16 0.51 -0.77 -1.42
CA PHE B 16 -0.44 0.32 -1.37
C PHE B 16 -1.80 -0.16 -0.83
N ASN B 17 -1.80 -1.40 -0.39
CA ASN B 17 -3.02 -1.99 0.16
C ASN B 17 -2.97 -1.97 1.69
N CYS B 18 -1.93 -2.60 2.22
CA CYS B 18 -1.75 -2.65 3.66
C CYS B 18 -0.81 -1.52 4.06
N GLY B 19 0.24 -1.34 3.28
CA GLY B 19 1.21 -0.29 3.55
C GLY B 19 2.51 -0.88 4.08
N LYS B 20 2.77 -2.13 3.70
CA LYS B 20 3.97 -2.81 4.13
C LYS B 20 4.91 -3.00 2.95
N GLU B 21 6.20 -2.83 3.22
CA GLU B 21 7.20 -2.98 2.17
C GLU B 21 7.60 -4.44 2.04
N GLY B 22 7.82 -4.86 0.79
CA GLY B 22 8.20 -6.23 0.51
C GLY B 22 7.26 -6.87 -0.51
N HIS B 23 6.15 -6.18 -0.75
CA HIS B 23 5.17 -6.67 -1.71
C HIS B 23 4.22 -5.54 -2.09
N ILE B 24 3.61 -5.68 -3.25
CA ILE B 24 2.68 -4.69 -3.75
C ILE B 24 1.26 -5.22 -3.62
N ALA B 25 0.31 -4.29 -3.65
CA ALA B 25 -1.10 -4.65 -3.54
C ALA B 25 -1.40 -5.79 -4.49
N LYS B 26 -0.75 -5.75 -5.65
CA LYS B 26 -0.94 -6.76 -6.66
C LYS B 26 -0.56 -8.14 -6.08
N ASN B 27 0.59 -8.16 -5.43
CA ASN B 27 1.08 -9.39 -4.82
C ASN B 27 0.65 -9.44 -3.36
N CYS B 28 -0.29 -8.57 -3.02
CA CYS B 28 -0.79 -8.50 -1.66
C CYS B 28 -1.93 -9.54 -1.52
N ARG B 29 -1.88 -10.26 -0.41
CA ARG B 29 -2.88 -11.28 -0.14
C ARG B 29 -4.18 -10.63 0.33
N ALA B 30 -4.04 -9.50 1.01
CA ALA B 30 -5.19 -8.77 1.51
C ALA B 30 -6.10 -8.40 0.34
N PRO B 31 -7.40 -8.21 0.67
CA PRO B 31 -8.39 -7.85 -0.34
C PRO B 31 -8.24 -6.38 -0.75
N ARG B 32 -8.69 -6.09 -1.96
CA ARG B 32 -8.61 -4.74 -2.49
C ARG B 32 -9.31 -3.77 -1.54
N LYS B 33 -8.52 -3.07 -0.75
CA LYS B 33 -9.06 -2.10 0.20
C LYS B 33 -8.42 -0.73 -0.05
N LYS B 34 -8.84 0.23 0.74
CA LYS B 34 -8.32 1.58 0.62
C LYS B 34 -8.24 2.23 2.01
N GLY B 35 -7.60 1.51 2.92
CA GLY B 35 -7.44 1.99 4.28
C GLY B 35 -6.10 2.69 4.46
N CYS B 36 -6.16 3.93 4.93
CA CYS B 36 -4.95 4.70 5.15
C CYS B 36 -4.11 3.99 6.22
N TRP B 37 -2.91 3.62 5.81
CA TRP B 37 -2.00 2.93 6.71
C TRP B 37 -1.22 3.99 7.50
N LYS B 38 -1.89 5.10 7.75
CA LYS B 38 -1.28 6.19 8.49
C LYS B 38 -2.19 6.59 9.66
N CYS B 39 -3.47 6.74 9.34
CA CYS B 39 -4.44 7.11 10.36
C CYS B 39 -5.33 5.90 10.64
N GLY B 40 -5.53 5.11 9.60
CA GLY B 40 -6.36 3.92 9.72
C GLY B 40 -7.80 4.20 9.28
N LYS B 41 -7.94 5.24 8.46
CA LYS B 41 -9.25 5.62 7.97
C LYS B 41 -9.46 5.01 6.58
N GLU B 42 -10.60 4.34 6.43
CA GLU B 42 -10.93 3.71 5.17
C GLU B 42 -11.68 4.69 4.26
N GLY B 43 -11.06 4.99 3.14
CA GLY B 43 -11.66 5.91 2.17
C GLY B 43 -10.59 6.75 1.49
N HIS B 44 -9.74 7.35 2.32
CA HIS B 44 -8.67 8.19 1.81
C HIS B 44 -7.35 7.40 1.80
N GLN B 45 -6.29 8.10 1.42
CA GLN B 45 -4.98 7.49 1.37
C GLN B 45 -3.93 8.41 1.99
N MET B 46 -2.82 7.81 2.40
CA MET B 46 -1.74 8.58 3.01
C MET B 46 -1.33 9.75 2.11
N LYS B 47 -1.28 9.49 0.82
CA LYS B 47 -0.92 10.51 -0.15
C LYS B 47 -1.82 11.72 0.03
N ASP B 48 -3.07 11.44 0.41
CA ASP B 48 -4.04 12.50 0.61
C ASP B 48 -4.62 12.38 2.03
N CYS B 49 -3.75 12.06 2.96
CA CYS B 49 -4.16 11.92 4.35
C CYS B 49 -4.83 13.22 4.80
N THR B 50 -6.14 13.13 5.03
CA THR B 50 -6.90 14.29 5.46
C THR B 50 -6.60 14.61 6.92
N GLU B 51 -5.75 13.78 7.52
CA GLU B 51 -5.38 13.96 8.91
C GLU B 51 -3.92 13.58 9.13
N ARG B 52 -3.05 14.26 8.39
CA ARG B 52 -1.62 13.99 8.49
C ARG B 52 -1.23 13.74 9.95
N GLN B 53 -1.53 14.73 10.78
CA GLN B 53 -1.21 14.63 12.20
C GLN B 53 -2.04 15.64 12.99
N ALA B 54 -2.17 15.37 14.28
CA ALA B 54 -2.94 16.24 15.16
C ALA B 54 -2.36 17.65 15.08
N ASN B 55 -3.10 18.52 14.39
CA ASN B 55 -2.68 19.90 14.23
C ASN B 55 -2.09 20.40 15.56
N MET B 1 5.83 -16.17 -16.97
CA MET B 1 6.86 -15.36 -16.32
C MET B 1 6.84 -13.92 -16.85
N GLN B 2 5.65 -13.49 -17.24
CA GLN B 2 5.47 -12.15 -17.76
C GLN B 2 5.34 -11.15 -16.62
N LYS B 3 5.06 -9.91 -16.98
CA LYS B 3 4.91 -8.85 -15.99
C LYS B 3 6.25 -8.58 -15.33
N GLY B 4 7.24 -8.28 -16.17
CA GLY B 4 8.58 -7.99 -15.67
C GLY B 4 8.57 -6.77 -14.74
N ASN B 5 7.47 -6.02 -14.80
CA ASN B 5 7.33 -4.84 -13.98
C ASN B 5 7.48 -5.23 -12.50
N PHE B 6 7.13 -6.48 -12.21
CA PHE B 6 7.22 -6.98 -10.86
C PHE B 6 8.65 -6.86 -10.32
N ARG B 7 9.58 -6.64 -11.24
CA ARG B 7 10.97 -6.50 -10.87
C ARG B 7 11.15 -5.35 -9.88
N ASN B 8 10.08 -4.58 -9.71
CA ASN B 8 10.11 -3.46 -8.80
C ASN B 8 10.49 -3.94 -7.40
N GLN B 9 9.98 -5.11 -7.06
CA GLN B 9 10.26 -5.71 -5.77
C GLN B 9 11.76 -5.90 -5.58
N ARG B 10 12.49 -5.71 -6.67
CA ARG B 10 13.93 -5.86 -6.64
C ARG B 10 14.55 -4.92 -5.59
N LYS B 11 13.75 -3.95 -5.18
CA LYS B 11 14.19 -2.99 -4.18
C LYS B 11 13.44 -3.23 -2.87
N THR B 12 12.26 -2.65 -2.79
CA THR B 12 11.43 -2.78 -1.60
C THR B 12 10.13 -1.99 -1.77
N VAL B 13 9.51 -2.16 -2.94
CA VAL B 13 8.26 -1.47 -3.23
C VAL B 13 7.38 -1.49 -1.98
N LYS B 14 6.49 -0.50 -1.91
CA LYS B 14 5.59 -0.38 -0.79
C LYS B 14 4.20 -0.88 -1.20
N CYS B 15 3.57 -1.61 -0.28
CA CYS B 15 2.25 -2.15 -0.53
C CYS B 15 1.23 -1.02 -0.38
N PHE B 16 0.63 -0.64 -1.50
CA PHE B 16 -0.35 0.41 -1.50
C PHE B 16 -1.68 -0.08 -0.92
N ASN B 17 -1.67 -1.32 -0.47
CA ASN B 17 -2.86 -1.92 0.11
C ASN B 17 -2.82 -1.78 1.63
N CYS B 18 -1.81 -2.41 2.23
CA CYS B 18 -1.65 -2.37 3.67
C CYS B 18 -0.82 -1.13 4.01
N GLY B 19 0.23 -0.92 3.23
CA GLY B 19 1.11 0.21 3.44
C GLY B 19 2.46 -0.23 4.01
N LYS B 20 2.83 -1.46 3.65
CA LYS B 20 4.09 -2.01 4.11
C LYS B 20 5.16 -1.83 3.02
N GLU B 21 6.31 -2.43 3.27
CA GLU B 21 7.42 -2.33 2.32
C GLU B 21 8.04 -3.72 2.10
N GLY B 22 7.93 -4.18 0.86
CA GLY B 22 8.48 -5.48 0.51
C GLY B 22 7.60 -6.18 -0.54
N HIS B 23 6.30 -5.92 -0.44
CA HIS B 23 5.37 -6.50 -1.37
C HIS B 23 4.39 -5.43 -1.86
N ILE B 24 3.73 -5.74 -2.98
CA ILE B 24 2.78 -4.81 -3.55
C ILE B 24 1.37 -5.35 -3.36
N ALA B 25 0.39 -4.46 -3.49
CA ALA B 25 -1.00 -4.85 -3.34
C ALA B 25 -1.29 -6.08 -4.20
N LYS B 26 -0.68 -6.09 -5.37
CA LYS B 26 -0.86 -7.19 -6.29
C LYS B 26 -0.41 -8.49 -5.63
N ASN B 27 0.73 -8.41 -4.95
CA ASN B 27 1.28 -9.57 -4.25
C ASN B 27 0.85 -9.53 -2.79
N CYS B 28 -0.06 -8.62 -2.50
CA CYS B 28 -0.57 -8.47 -1.14
C CYS B 28 -1.68 -9.50 -0.92
N ARG B 29 -1.55 -10.25 0.17
CA ARG B 29 -2.54 -11.27 0.49
C ARG B 29 -3.85 -10.61 0.92
N ALA B 30 -3.73 -9.41 1.46
CA ALA B 30 -4.89 -8.67 1.90
C ALA B 30 -5.78 -8.35 0.69
N PRO B 31 -7.10 -8.17 0.99
CA PRO B 31 -8.06 -7.86 -0.06
C PRO B 31 -7.94 -6.40 -0.50
N ARG B 32 -8.32 -6.15 -1.75
CA ARG B 32 -8.26 -4.82 -2.30
C ARG B 32 -9.05 -3.83 -1.43
N LYS B 33 -8.31 -3.01 -0.70
CA LYS B 33 -8.93 -2.03 0.17
C LYS B 33 -8.37 -0.64 -0.15
N LYS B 34 -8.81 0.34 0.63
CA LYS B 34 -8.37 1.71 0.43
C LYS B 34 -8.31 2.41 1.78
N GLY B 35 -7.59 1.80 2.71
CA GLY B 35 -7.44 2.36 4.05
C GLY B 35 -6.11 3.08 4.19
N CYS B 36 -6.19 4.32 4.67
CA CYS B 36 -5.00 5.13 4.86
C CYS B 36 -4.12 4.45 5.91
N TRP B 37 -2.93 4.07 5.49
CA TRP B 37 -1.98 3.41 6.37
C TRP B 37 -1.22 4.50 7.14
N LYS B 38 -1.95 5.55 7.48
CA LYS B 38 -1.37 6.67 8.22
C LYS B 38 -2.25 7.00 9.42
N CYS B 39 -3.54 7.13 9.15
CA CYS B 39 -4.50 7.44 10.19
C CYS B 39 -5.36 6.20 10.45
N GLY B 40 -5.56 5.43 9.39
CA GLY B 40 -6.36 4.22 9.49
C GLY B 40 -7.80 4.48 9.06
N LYS B 41 -7.98 5.52 8.26
CA LYS B 41 -9.30 5.88 7.78
C LYS B 41 -9.50 5.29 6.39
N GLU B 42 -10.64 4.63 6.23
CA GLU B 42 -10.97 4.00 4.95
C GLU B 42 -11.73 4.99 4.06
N GLY B 43 -11.17 5.22 2.88
CA GLY B 43 -11.80 6.14 1.94
C GLY B 43 -10.75 7.05 1.29
N HIS B 44 -9.89 7.59 2.14
CA HIS B 44 -8.84 8.48 1.68
C HIS B 44 -7.50 7.75 1.69
N GLN B 45 -6.48 8.43 1.18
CA GLN B 45 -5.14 7.86 1.12
C GLN B 45 -4.13 8.80 1.77
N MET B 46 -2.97 8.25 2.09
CA MET B 46 -1.91 9.03 2.72
C MET B 46 -1.64 10.31 1.92
N LYS B 47 -1.59 10.15 0.60
CA LYS B 47 -1.35 11.27 -0.28
C LYS B 47 -2.38 12.37 -0.01
N ASP B 48 -3.60 11.94 0.28
CA ASP B 48 -4.68 12.86 0.56
C ASP B 48 -5.12 12.71 2.03
N CYS B 49 -4.16 12.33 2.86
CA CYS B 49 -4.43 12.13 4.27
C CYS B 49 -5.16 13.38 4.80
N THR B 50 -6.42 13.17 5.15
CA THR B 50 -7.23 14.26 5.67
C THR B 50 -6.87 14.55 7.12
N GLU B 51 -5.90 13.80 7.62
CA GLU B 51 -5.46 13.97 8.99
C GLU B 51 -4.06 13.38 9.17
N ARG B 52 -3.09 14.01 8.52
CA ARG B 52 -1.71 13.56 8.59
C ARG B 52 -1.36 13.16 10.03
N GLN B 53 -0.27 12.42 10.15
CA GLN B 53 0.18 11.96 11.46
C GLN B 53 1.67 11.63 11.42
N ALA B 54 2.46 12.49 12.04
CA ALA B 54 3.89 12.30 12.09
C ALA B 54 4.25 11.46 13.31
N ASN B 55 5.52 11.07 13.37
CA ASN B 55 6.01 10.26 14.48
C ASN B 55 6.56 11.19 15.56
N MET B 1 7.30 -12.25 -20.04
CA MET B 1 7.48 -13.53 -19.39
C MET B 1 6.32 -13.82 -18.42
N GLN B 2 6.23 -13.00 -17.39
CA GLN B 2 5.19 -13.15 -16.39
C GLN B 2 5.10 -11.91 -15.52
N LYS B 3 5.17 -10.76 -16.18
CA LYS B 3 5.10 -9.49 -15.47
C LYS B 3 6.39 -9.27 -14.68
N GLY B 4 7.49 -9.21 -15.40
CA GLY B 4 8.79 -9.01 -14.78
C GLY B 4 8.82 -7.72 -13.98
N ASN B 5 7.82 -6.87 -14.23
CA ASN B 5 7.73 -5.60 -13.55
C ASN B 5 7.73 -5.84 -12.03
N PHE B 6 7.39 -7.06 -11.67
CA PHE B 6 7.36 -7.44 -10.25
C PHE B 6 8.72 -7.22 -9.60
N ARG B 7 9.73 -7.05 -10.43
CA ARG B 7 11.07 -6.84 -9.94
C ARG B 7 11.13 -5.59 -9.05
N ASN B 8 10.05 -4.83 -9.08
CA ASN B 8 9.96 -3.62 -8.29
C ASN B 8 10.23 -3.96 -6.83
N GLN B 9 10.09 -5.24 -6.50
CA GLN B 9 10.32 -5.70 -5.15
C GLN B 9 11.78 -5.48 -4.75
N ARG B 10 12.57 -5.08 -5.73
CA ARG B 10 13.98 -4.82 -5.50
C ARG B 10 14.17 -3.48 -4.80
N LYS B 11 13.07 -2.78 -4.63
CA LYS B 11 13.09 -1.48 -3.98
C LYS B 11 12.11 -1.48 -2.80
N THR B 12 12.09 -2.60 -2.10
CA THR B 12 11.20 -2.74 -0.95
C THR B 12 9.88 -2.01 -1.21
N VAL B 13 9.33 -2.26 -2.38
CA VAL B 13 8.06 -1.64 -2.76
C VAL B 13 7.14 -1.58 -1.55
N LYS B 14 6.23 -0.62 -1.58
CA LYS B 14 5.28 -0.45 -0.49
C LYS B 14 3.90 -0.91 -0.94
N CYS B 15 3.21 -1.60 -0.04
CA CYS B 15 1.89 -2.11 -0.33
C CYS B 15 0.89 -0.96 -0.21
N PHE B 16 0.30 -0.60 -1.34
CA PHE B 16 -0.66 0.48 -1.37
C PHE B 16 -2.03 0.02 -0.87
N ASN B 17 -2.04 -1.19 -0.32
CA ASN B 17 -3.27 -1.77 0.20
C ASN B 17 -3.26 -1.68 1.73
N CYS B 18 -2.21 -2.24 2.31
CA CYS B 18 -2.07 -2.24 3.76
C CYS B 18 -1.16 -1.07 4.15
N GLY B 19 -0.11 -0.90 3.36
CA GLY B 19 0.84 0.17 3.62
C GLY B 19 2.13 -0.37 4.26
N LYS B 20 2.45 -1.60 3.91
CA LYS B 20 3.63 -2.24 4.45
C LYS B 20 4.64 -2.46 3.32
N GLU B 21 5.91 -2.25 3.63
CA GLU B 21 6.97 -2.42 2.66
C GLU B 21 7.40 -3.89 2.60
N GLY B 22 7.66 -4.34 1.38
CA GLY B 22 8.08 -5.72 1.17
C GLY B 22 7.22 -6.40 0.11
N HIS B 23 6.01 -5.90 -0.04
CA HIS B 23 5.07 -6.45 -1.01
C HIS B 23 4.15 -5.34 -1.51
N ILE B 24 3.59 -5.57 -2.68
CA ILE B 24 2.67 -4.61 -3.28
C ILE B 24 1.24 -5.13 -3.16
N ALA B 25 0.29 -4.20 -3.32
CA ALA B 25 -1.11 -4.56 -3.23
C ALA B 25 -1.38 -5.78 -4.10
N LYS B 26 -0.67 -5.85 -5.22
CA LYS B 26 -0.83 -6.96 -6.14
C LYS B 26 -0.45 -8.26 -5.42
N ASN B 27 0.68 -8.21 -4.73
CA ASN B 27 1.15 -9.38 -4.00
C ASN B 27 0.60 -9.35 -2.57
N CYS B 28 -0.40 -8.48 -2.37
CA CYS B 28 -1.02 -8.34 -1.07
C CYS B 28 -2.15 -9.37 -0.98
N ARG B 29 -2.21 -10.03 0.16
CA ARG B 29 -3.23 -11.03 0.40
C ARG B 29 -4.54 -10.37 0.81
N ALA B 30 -4.42 -9.17 1.37
CA ALA B 30 -5.57 -8.43 1.81
C ALA B 30 -6.45 -8.08 0.61
N PRO B 31 -7.75 -7.84 0.89
CA PRO B 31 -8.70 -7.49 -0.16
C PRO B 31 -8.50 -6.05 -0.62
N ARG B 32 -8.90 -5.80 -1.86
CA ARG B 32 -8.78 -4.47 -2.43
C ARG B 32 -9.52 -3.45 -1.58
N LYS B 33 -8.75 -2.67 -0.84
CA LYS B 33 -9.32 -1.66 0.03
C LYS B 33 -8.60 -0.32 -0.20
N LYS B 34 -8.98 0.67 0.59
CA LYS B 34 -8.38 1.98 0.48
C LYS B 34 -8.29 2.62 1.87
N GLY B 35 -7.69 1.87 2.79
CA GLY B 35 -7.53 2.34 4.15
C GLY B 35 -6.20 3.07 4.32
N CYS B 36 -6.29 4.32 4.77
CA CYS B 36 -5.11 5.13 4.99
C CYS B 36 -4.22 4.43 6.02
N TRP B 37 -3.01 4.10 5.59
CA TRP B 37 -2.07 3.42 6.47
C TRP B 37 -1.37 4.49 7.31
N LYS B 38 -2.15 5.47 7.74
CA LYS B 38 -1.62 6.55 8.55
C LYS B 38 -2.53 6.80 9.74
N CYS B 39 -3.83 6.91 9.44
CA CYS B 39 -4.82 7.14 10.47
C CYS B 39 -5.66 5.87 10.63
N GLY B 40 -5.83 5.18 9.51
CA GLY B 40 -6.60 3.95 9.51
C GLY B 40 -8.04 4.21 9.05
N LYS B 41 -8.21 5.31 8.32
CA LYS B 41 -9.51 5.67 7.82
C LYS B 41 -9.67 5.16 6.39
N GLU B 42 -10.78 4.46 6.16
CA GLU B 42 -11.07 3.90 4.85
C GLU B 42 -11.80 4.93 3.99
N GLY B 43 -11.15 5.33 2.91
CA GLY B 43 -11.74 6.29 2.00
C GLY B 43 -10.67 7.20 1.39
N HIS B 44 -9.85 7.77 2.28
CA HIS B 44 -8.79 8.66 1.86
C HIS B 44 -7.46 7.89 1.85
N GLN B 45 -6.42 8.59 1.41
CA GLN B 45 -5.10 7.99 1.34
C GLN B 45 -4.07 8.90 2.04
N MET B 46 -2.92 8.31 2.32
CA MET B 46 -1.86 9.05 2.99
C MET B 46 -1.53 10.35 2.23
N LYS B 47 -1.54 10.24 0.91
CA LYS B 47 -1.26 11.39 0.08
C LYS B 47 -2.18 12.55 0.47
N ASP B 48 -3.37 12.18 0.92
CA ASP B 48 -4.35 13.17 1.34
C ASP B 48 -4.86 12.82 2.75
N CYS B 49 -3.93 12.44 3.60
CA CYS B 49 -4.26 12.07 4.96
C CYS B 49 -4.95 13.28 5.62
N THR B 50 -6.23 13.11 5.89
CA THR B 50 -7.01 14.18 6.52
C THR B 50 -6.71 14.24 8.01
N GLU B 51 -5.90 13.29 8.47
CA GLU B 51 -5.53 13.23 9.87
C GLU B 51 -6.70 13.66 10.76
N ARG B 52 -7.76 12.86 10.71
CA ARG B 52 -8.94 13.15 11.49
C ARG B 52 -9.24 12.01 12.47
N GLN B 53 -9.27 10.79 11.91
CA GLN B 53 -9.53 9.61 12.71
C GLN B 53 -10.87 9.74 13.43
N ALA B 54 -11.94 9.71 12.64
CA ALA B 54 -13.28 9.83 13.18
C ALA B 54 -14.24 8.97 12.37
N ASN B 55 -15.24 8.42 13.06
CA ASN B 55 -16.22 7.58 12.41
C ASN B 55 -17.59 7.83 13.04
N MET B 1 0.61 -12.90 -17.09
CA MET B 1 1.87 -12.87 -17.80
C MET B 1 3.05 -12.84 -16.82
N GLN B 2 4.23 -13.12 -17.36
CA GLN B 2 5.44 -13.11 -16.55
C GLN B 2 5.40 -11.96 -15.54
N LYS B 3 5.09 -10.78 -16.05
CA LYS B 3 5.01 -9.60 -15.21
C LYS B 3 6.44 -9.11 -14.90
N GLY B 4 7.12 -8.68 -15.94
CA GLY B 4 8.48 -8.19 -15.81
C GLY B 4 8.53 -6.98 -14.86
N ASN B 5 7.43 -6.24 -14.84
CA ASN B 5 7.34 -5.07 -14.00
C ASN B 5 7.48 -5.49 -12.54
N PHE B 6 7.34 -6.78 -12.30
CA PHE B 6 7.45 -7.32 -10.96
C PHE B 6 8.83 -7.05 -10.37
N ARG B 7 9.77 -6.71 -11.26
CA ARG B 7 11.13 -6.43 -10.85
C ARG B 7 11.15 -5.23 -9.89
N ASN B 8 10.01 -4.56 -9.80
CA ASN B 8 9.89 -3.41 -8.92
C ASN B 8 10.24 -3.82 -7.49
N GLN B 9 10.13 -5.12 -7.25
CA GLN B 9 10.43 -5.65 -5.92
C GLN B 9 11.90 -5.41 -5.58
N ARG B 10 12.65 -4.97 -6.57
CA ARG B 10 14.06 -4.69 -6.38
C ARG B 10 14.25 -3.38 -5.62
N LYS B 11 13.13 -2.73 -5.34
CA LYS B 11 13.16 -1.47 -4.62
C LYS B 11 12.20 -1.55 -3.42
N THR B 12 12.18 -2.71 -2.80
CA THR B 12 11.32 -2.93 -1.64
C THR B 12 9.99 -2.19 -1.82
N VAL B 13 9.41 -2.36 -3.00
CA VAL B 13 8.15 -1.72 -3.31
C VAL B 13 7.27 -1.71 -2.06
N LYS B 14 6.36 -0.75 -2.02
CA LYS B 14 5.45 -0.61 -0.90
C LYS B 14 4.05 -1.03 -1.33
N CYS B 15 3.34 -1.67 -0.41
CA CYS B 15 1.99 -2.14 -0.67
C CYS B 15 1.04 -0.95 -0.50
N PHE B 16 0.40 -0.57 -1.60
CA PHE B 16 -0.53 0.54 -1.59
C PHE B 16 -1.90 0.09 -1.09
N ASN B 17 -1.93 -1.10 -0.51
CA ASN B 17 -3.16 -1.65 0.02
C ASN B 17 -3.11 -1.63 1.55
N CYS B 18 -2.01 -2.13 2.09
CA CYS B 18 -1.83 -2.16 3.52
C CYS B 18 -0.85 -1.05 3.92
N GLY B 19 0.18 -0.90 3.10
CA GLY B 19 1.19 0.11 3.35
C GLY B 19 2.45 -0.50 3.93
N LYS B 20 2.69 -1.76 3.56
CA LYS B 20 3.86 -2.47 4.04
C LYS B 20 4.86 -2.63 2.90
N GLU B 21 6.13 -2.47 3.23
CA GLU B 21 7.19 -2.59 2.23
C GLU B 21 7.59 -4.06 2.08
N GLY B 22 7.69 -4.48 0.82
CA GLY B 22 8.06 -5.85 0.51
C GLY B 22 7.18 -6.42 -0.60
N HIS B 23 5.89 -6.15 -0.50
CA HIS B 23 4.95 -6.63 -1.49
C HIS B 23 4.07 -5.46 -1.97
N ILE B 24 3.48 -5.65 -3.14
CA ILE B 24 2.61 -4.63 -3.71
C ILE B 24 1.16 -5.09 -3.61
N ALA B 25 0.26 -4.11 -3.66
CA ALA B 25 -1.16 -4.39 -3.57
C ALA B 25 -1.51 -5.52 -4.55
N LYS B 26 -0.83 -5.51 -5.68
CA LYS B 26 -1.06 -6.53 -6.70
C LYS B 26 -0.78 -7.91 -6.11
N ASN B 27 0.35 -8.00 -5.41
CA ASN B 27 0.75 -9.26 -4.80
C ASN B 27 0.31 -9.25 -3.32
N CYS B 28 -0.56 -8.30 -3.00
CA CYS B 28 -1.06 -8.19 -1.63
C CYS B 28 -2.22 -9.17 -1.46
N ARG B 29 -2.22 -9.83 -0.31
CA ARG B 29 -3.25 -10.80 0.00
C ARG B 29 -4.55 -10.07 0.37
N ALA B 30 -4.38 -8.94 1.05
CA ALA B 30 -5.53 -8.15 1.47
C ALA B 30 -6.39 -7.83 0.25
N PRO B 31 -7.70 -7.57 0.54
CA PRO B 31 -8.64 -7.24 -0.51
C PRO B 31 -8.43 -5.81 -1.03
N ARG B 32 -8.74 -5.62 -2.30
CA ARG B 32 -8.57 -4.31 -2.92
C ARG B 32 -9.33 -3.25 -2.12
N LYS B 33 -8.58 -2.46 -1.39
CA LYS B 33 -9.17 -1.39 -0.59
C LYS B 33 -8.25 -0.17 -0.59
N LYS B 34 -8.63 0.82 0.20
CA LYS B 34 -7.85 2.05 0.29
C LYS B 34 -7.71 2.45 1.76
N GLY B 35 -7.36 1.46 2.57
CA GLY B 35 -7.20 1.70 4.00
C GLY B 35 -5.93 2.50 4.27
N CYS B 36 -6.10 3.63 4.95
CA CYS B 36 -4.98 4.49 5.28
C CYS B 36 -4.02 3.71 6.17
N TRP B 37 -2.78 3.64 5.73
CA TRP B 37 -1.75 2.93 6.48
C TRP B 37 -1.24 3.85 7.57
N LYS B 38 -2.15 4.64 8.13
CA LYS B 38 -1.80 5.56 9.18
C LYS B 38 -2.85 5.48 10.30
N CYS B 39 -4.11 5.57 9.89
CA CYS B 39 -5.21 5.50 10.84
C CYS B 39 -5.96 4.19 10.61
N GLY B 40 -5.97 3.76 9.36
CA GLY B 40 -6.66 2.53 8.98
C GLY B 40 -8.04 2.83 8.40
N LYS B 41 -8.22 4.07 7.98
CA LYS B 41 -9.48 4.49 7.41
C LYS B 41 -9.44 4.29 5.88
N GLU B 42 -10.36 3.47 5.40
CA GLU B 42 -10.44 3.20 3.98
C GLU B 42 -11.18 4.32 3.25
N GLY B 43 -10.44 5.06 2.45
CA GLY B 43 -11.01 6.16 1.70
C GLY B 43 -9.96 7.24 1.42
N HIS B 44 -9.33 7.70 2.48
CA HIS B 44 -8.31 8.73 2.37
C HIS B 44 -6.92 8.07 2.31
N GLN B 45 -5.90 8.91 2.22
CA GLN B 45 -4.53 8.43 2.15
C GLN B 45 -3.69 9.07 3.25
N MET B 46 -2.64 8.36 3.63
CA MET B 46 -1.75 8.84 4.68
C MET B 46 -1.31 10.28 4.38
N LYS B 47 -1.02 10.54 3.12
CA LYS B 47 -0.59 11.87 2.70
C LYS B 47 -1.67 12.88 3.07
N ASP B 48 -2.91 12.48 2.90
CA ASP B 48 -4.04 13.35 3.21
C ASP B 48 -4.77 12.80 4.43
N CYS B 49 -4.01 12.14 5.29
CA CYS B 49 -4.57 11.57 6.51
C CYS B 49 -5.52 12.59 7.12
N THR B 50 -6.80 12.26 7.12
CA THR B 50 -7.81 13.13 7.68
C THR B 50 -7.95 12.90 9.18
N GLU B 51 -7.07 12.04 9.71
CA GLU B 51 -7.09 11.73 11.12
C GLU B 51 -5.66 11.53 11.63
N ARG B 52 -4.96 12.64 11.78
CA ARG B 52 -3.58 12.60 12.26
C ARG B 52 -3.46 11.64 13.44
N GLN B 53 -2.26 11.11 13.61
CA GLN B 53 -1.99 10.18 14.69
C GLN B 53 -0.92 10.74 15.63
N ALA B 54 -0.64 9.98 16.68
CA ALA B 54 0.36 10.39 17.65
C ALA B 54 -0.07 11.72 18.28
N ASN B 55 -1.02 11.61 19.20
CA ASN B 55 -1.52 12.79 19.89
C ASN B 55 -2.15 13.75 18.87
N MET B 1 0.94 -10.10 -19.01
CA MET B 1 0.37 -11.09 -18.11
C MET B 1 1.40 -11.53 -17.06
N GLN B 2 2.59 -11.83 -17.54
CA GLN B 2 3.66 -12.27 -16.66
C GLN B 2 3.89 -11.23 -15.56
N LYS B 3 3.56 -9.99 -15.88
CA LYS B 3 3.72 -8.91 -14.93
C LYS B 3 5.21 -8.67 -14.67
N GLY B 4 5.94 -8.46 -15.76
CA GLY B 4 7.38 -8.23 -15.67
C GLY B 4 7.67 -7.01 -14.79
N ASN B 5 6.69 -6.12 -14.72
CA ASN B 5 6.84 -4.91 -13.92
C ASN B 5 7.10 -5.30 -12.46
N PHE B 6 6.81 -6.55 -12.15
CA PHE B 6 6.99 -7.06 -10.80
C PHE B 6 8.46 -6.94 -10.37
N ARG B 7 9.32 -6.74 -11.37
CA ARG B 7 10.75 -6.61 -11.09
C ARG B 7 11.01 -5.41 -10.19
N ASN B 8 9.97 -4.60 -10.02
CA ASN B 8 10.08 -3.41 -9.19
C ASN B 8 10.51 -3.83 -7.78
N GLN B 9 10.05 -5.01 -7.37
CA GLN B 9 10.37 -5.52 -6.05
C GLN B 9 11.89 -5.66 -5.91
N ARG B 10 12.58 -5.53 -7.03
CA ARG B 10 14.03 -5.64 -7.04
C ARG B 10 14.64 -4.67 -6.03
N LYS B 11 13.85 -3.68 -5.65
CA LYS B 11 14.29 -2.69 -4.69
C LYS B 11 13.60 -2.92 -3.35
N THR B 12 12.40 -2.38 -3.23
CA THR B 12 11.63 -2.52 -2.00
C THR B 12 10.28 -1.81 -2.13
N VAL B 13 9.63 -2.05 -3.27
CA VAL B 13 8.35 -1.44 -3.53
C VAL B 13 7.49 -1.49 -2.26
N LYS B 14 6.56 -0.56 -2.17
CA LYS B 14 5.67 -0.50 -1.01
C LYS B 14 4.27 -0.97 -1.42
N CYS B 15 3.62 -1.65 -0.48
CA CYS B 15 2.29 -2.17 -0.73
C CYS B 15 1.28 -1.05 -0.45
N PHE B 16 0.65 -0.58 -1.52
CA PHE B 16 -0.33 0.49 -1.40
C PHE B 16 -1.66 -0.05 -0.88
N ASN B 17 -1.64 -1.32 -0.51
CA ASN B 17 -2.83 -1.97 0.01
C ASN B 17 -2.78 -1.99 1.54
N CYS B 18 -1.68 -2.53 2.06
CA CYS B 18 -1.49 -2.62 3.49
C CYS B 18 -0.59 -1.46 3.93
N GLY B 19 0.47 -1.26 3.16
CA GLY B 19 1.43 -0.21 3.46
C GLY B 19 2.75 -0.78 3.98
N LYS B 20 3.05 -1.98 3.51
CA LYS B 20 4.29 -2.65 3.91
C LYS B 20 5.23 -2.72 2.71
N GLU B 21 6.51 -2.54 3.00
CA GLU B 21 7.52 -2.58 1.96
C GLU B 21 8.00 -4.02 1.74
N GLY B 22 8.18 -4.36 0.48
CA GLY B 22 8.63 -5.70 0.12
C GLY B 22 7.74 -6.30 -0.97
N HIS B 23 6.47 -5.88 -0.96
CA HIS B 23 5.52 -6.38 -1.93
C HIS B 23 4.54 -5.26 -2.29
N ILE B 24 3.91 -5.41 -3.45
CA ILE B 24 2.96 -4.43 -3.92
C ILE B 24 1.54 -5.00 -3.80
N ALA B 25 0.56 -4.11 -3.83
CA ALA B 25 -0.83 -4.51 -3.73
C ALA B 25 -1.09 -5.66 -4.70
N LYS B 26 -0.43 -5.59 -5.85
CA LYS B 26 -0.58 -6.62 -6.86
C LYS B 26 -0.16 -7.97 -6.29
N ASN B 27 0.98 -7.97 -5.62
CA ASN B 27 1.50 -9.18 -5.01
C ASN B 27 1.07 -9.24 -3.54
N CYS B 28 0.08 -8.41 -3.21
CA CYS B 28 -0.43 -8.37 -1.86
C CYS B 28 -1.52 -9.42 -1.71
N ARG B 29 -1.49 -10.12 -0.58
CA ARG B 29 -2.47 -11.16 -0.32
C ARG B 29 -3.80 -10.52 0.10
N ALA B 30 -3.70 -9.39 0.77
CA ALA B 30 -4.89 -8.68 1.24
C ALA B 30 -5.77 -8.34 0.03
N PRO B 31 -7.08 -8.14 0.32
CA PRO B 31 -8.04 -7.81 -0.72
C PRO B 31 -7.88 -6.35 -1.17
N ARG B 32 -8.21 -6.11 -2.42
CA ARG B 32 -8.12 -4.77 -2.98
C ARG B 32 -8.94 -3.78 -2.15
N LYS B 33 -8.24 -3.01 -1.34
CA LYS B 33 -8.89 -2.03 -0.49
C LYS B 33 -8.13 -0.70 -0.57
N LYS B 34 -8.58 0.25 0.23
CA LYS B 34 -7.95 1.56 0.27
C LYS B 34 -7.95 2.09 1.70
N GLY B 35 -7.46 1.25 2.61
CA GLY B 35 -7.40 1.62 4.01
C GLY B 35 -6.11 2.37 4.33
N CYS B 36 -6.27 3.58 4.82
CA CYS B 36 -5.12 4.41 5.17
C CYS B 36 -4.28 3.66 6.21
N TRP B 37 -3.04 3.41 5.84
CA TRP B 37 -2.13 2.70 6.73
C TRP B 37 -1.51 3.72 7.69
N LYS B 38 -2.33 4.68 8.10
CA LYS B 38 -1.88 5.71 9.01
C LYS B 38 -2.90 5.87 10.15
N CYS B 39 -4.16 5.99 9.75
CA CYS B 39 -5.23 6.14 10.72
C CYS B 39 -6.06 4.85 10.73
N GLY B 40 -6.12 4.22 9.57
CA GLY B 40 -6.86 2.98 9.42
C GLY B 40 -8.27 3.25 8.88
N LYS B 41 -8.40 4.40 8.23
CA LYS B 41 -9.68 4.78 7.65
C LYS B 41 -9.70 4.39 6.17
N GLU B 42 -10.74 3.65 5.81
CA GLU B 42 -10.89 3.21 4.43
C GLU B 42 -11.61 4.28 3.60
N GLY B 43 -10.94 4.70 2.53
CA GLY B 43 -11.50 5.71 1.65
C GLY B 43 -10.42 6.70 1.20
N HIS B 44 -9.66 7.17 2.18
CA HIS B 44 -8.59 8.12 1.90
C HIS B 44 -7.24 7.40 1.93
N GLN B 45 -6.20 8.16 1.64
CA GLN B 45 -4.84 7.60 1.64
C GLN B 45 -3.93 8.44 2.53
N MET B 46 -2.81 7.83 2.91
CA MET B 46 -1.85 8.50 3.76
C MET B 46 -1.49 9.88 3.20
N LYS B 47 -1.34 9.93 1.89
CA LYS B 47 -1.00 11.17 1.22
C LYS B 47 -2.05 12.23 1.56
N ASP B 48 -3.30 11.78 1.62
CA ASP B 48 -4.40 12.68 1.94
C ASP B 48 -4.99 12.30 3.29
N CYS B 49 -4.12 11.82 4.18
CA CYS B 49 -4.54 11.42 5.50
C CYS B 49 -5.36 12.55 6.11
N THR B 50 -6.65 12.29 6.28
CA THR B 50 -7.56 13.27 6.85
C THR B 50 -7.39 13.33 8.37
N GLU B 51 -6.46 12.54 8.87
CA GLU B 51 -6.19 12.49 10.29
C GLU B 51 -4.72 12.82 10.57
N ARG B 52 -3.94 11.77 10.72
CA ARG B 52 -2.52 11.94 10.99
C ARG B 52 -2.30 12.44 12.42
N GLN B 53 -1.91 11.51 13.29
CA GLN B 53 -1.66 11.84 14.68
C GLN B 53 -1.02 10.64 15.40
N ALA B 54 -0.20 10.96 16.38
CA ALA B 54 0.48 9.94 17.16
C ALA B 54 -0.43 9.50 18.31
N ASN B 55 -0.30 8.23 18.67
CA ASN B 55 -1.10 7.67 19.74
C ASN B 55 -0.17 7.16 20.84
N MET B 1 0.85 -14.94 -15.71
CA MET B 1 1.47 -13.69 -16.10
C MET B 1 2.83 -13.51 -15.42
N GLN B 2 3.76 -12.93 -16.16
CA GLN B 2 5.10 -12.71 -15.65
C GLN B 2 5.11 -11.49 -14.70
N LYS B 3 4.85 -10.33 -15.28
CA LYS B 3 4.83 -9.10 -14.49
C LYS B 3 6.26 -8.66 -14.20
N GLY B 4 6.98 -8.32 -15.27
CA GLY B 4 8.35 -7.88 -15.13
C GLY B 4 8.45 -6.65 -14.23
N ASN B 5 7.39 -5.86 -14.24
CA ASN B 5 7.33 -4.66 -13.43
C ASN B 5 7.51 -5.03 -11.96
N PHE B 6 7.29 -6.31 -11.67
CA PHE B 6 7.41 -6.79 -10.32
C PHE B 6 8.83 -6.58 -9.78
N ARG B 7 9.75 -6.33 -10.71
CA ARG B 7 11.14 -6.10 -10.35
C ARG B 7 11.25 -4.92 -9.39
N ASN B 8 10.18 -4.15 -9.31
CA ASN B 8 10.15 -2.99 -8.44
C ASN B 8 10.47 -3.42 -7.01
N GLN B 9 10.33 -4.71 -6.77
CA GLN B 9 10.61 -5.27 -5.45
C GLN B 9 12.06 -5.03 -5.07
N ARG B 10 12.84 -4.62 -6.07
CA ARG B 10 14.26 -4.36 -5.86
C ARG B 10 14.44 -3.15 -4.95
N LYS B 11 13.33 -2.47 -4.69
CA LYS B 11 13.35 -1.29 -3.83
C LYS B 11 12.34 -1.46 -2.70
N THR B 12 12.27 -2.68 -2.19
CA THR B 12 11.36 -2.99 -1.11
C THR B 12 10.05 -2.22 -1.28
N VAL B 13 9.50 -2.29 -2.48
CA VAL B 13 8.27 -1.61 -2.79
C VAL B 13 7.34 -1.67 -1.58
N LYS B 14 6.45 -0.69 -1.49
CA LYS B 14 5.51 -0.62 -0.39
C LYS B 14 4.11 -0.99 -0.90
N CYS B 15 3.42 -1.80 -0.11
CA CYS B 15 2.08 -2.23 -0.46
C CYS B 15 1.12 -1.06 -0.23
N PHE B 16 0.63 -0.50 -1.33
CA PHE B 16 -0.29 0.61 -1.25
C PHE B 16 -1.67 0.16 -0.79
N ASN B 17 -1.76 -1.12 -0.47
CA ASN B 17 -3.02 -1.70 -0.02
C ASN B 17 -3.05 -1.71 1.50
N CYS B 18 -2.13 -2.47 2.09
CA CYS B 18 -2.05 -2.57 3.54
C CYS B 18 -1.10 -1.48 4.03
N GLY B 19 0.00 -1.32 3.32
CA GLY B 19 0.99 -0.32 3.69
C GLY B 19 2.24 -0.97 4.26
N LYS B 20 2.50 -2.19 3.82
CA LYS B 20 3.65 -2.94 4.30
C LYS B 20 4.66 -3.08 3.16
N GLU B 21 5.93 -2.90 3.50
CA GLU B 21 6.99 -3.00 2.52
C GLU B 21 7.41 -4.46 2.34
N GLY B 22 7.63 -4.83 1.10
CA GLY B 22 8.04 -6.19 0.77
C GLY B 22 7.08 -6.83 -0.25
N HIS B 23 6.07 -6.05 -0.62
CA HIS B 23 5.09 -6.53 -1.58
C HIS B 23 4.19 -5.37 -1.99
N ILE B 24 3.59 -5.52 -3.16
CA ILE B 24 2.70 -4.49 -3.69
C ILE B 24 1.25 -5.01 -3.64
N ALA B 25 0.32 -4.07 -3.71
CA ALA B 25 -1.09 -4.41 -3.68
C ALA B 25 -1.37 -5.52 -4.69
N LYS B 26 -0.67 -5.44 -5.82
CA LYS B 26 -0.83 -6.43 -6.87
C LYS B 26 -0.49 -7.81 -6.32
N ASN B 27 0.61 -7.86 -5.59
CA ASN B 27 1.07 -9.11 -5.00
C ASN B 27 0.58 -9.20 -3.55
N CYS B 28 -0.33 -8.30 -3.21
CA CYS B 28 -0.87 -8.26 -1.86
C CYS B 28 -2.01 -9.28 -1.77
N ARG B 29 -1.95 -10.07 -0.71
CA ARG B 29 -2.97 -11.10 -0.49
C ARG B 29 -4.31 -10.44 -0.16
N ALA B 30 -4.23 -9.31 0.54
CA ALA B 30 -5.43 -8.59 0.93
C ALA B 30 -6.20 -8.18 -0.32
N PRO B 31 -7.53 -7.94 -0.12
CA PRO B 31 -8.39 -7.54 -1.22
C PRO B 31 -8.15 -6.07 -1.60
N ARG B 32 -8.35 -5.78 -2.87
CA ARG B 32 -8.17 -4.43 -3.37
C ARG B 32 -9.03 -3.44 -2.58
N LYS B 33 -8.36 -2.63 -1.78
CA LYS B 33 -9.06 -1.64 -0.97
C LYS B 33 -8.24 -0.34 -0.96
N LYS B 34 -8.73 0.62 -0.18
CA LYS B 34 -8.06 1.90 -0.07
C LYS B 34 -8.15 2.40 1.37
N GLY B 35 -7.78 1.52 2.29
CA GLY B 35 -7.81 1.85 3.70
C GLY B 35 -6.51 2.54 4.14
N CYS B 36 -6.67 3.76 4.63
CA CYS B 36 -5.52 4.53 5.08
C CYS B 36 -4.81 3.73 6.17
N TRP B 37 -3.54 3.44 5.92
CA TRP B 37 -2.74 2.68 6.87
C TRP B 37 -2.17 3.66 7.89
N LYS B 38 -2.97 4.67 8.21
CA LYS B 38 -2.55 5.68 9.17
C LYS B 38 -3.67 5.88 10.19
N CYS B 39 -4.88 6.07 9.67
CA CYS B 39 -6.03 6.28 10.53
C CYS B 39 -6.93 5.04 10.44
N GLY B 40 -6.91 4.41 9.27
CA GLY B 40 -7.71 3.22 9.05
C GLY B 40 -9.05 3.57 8.40
N LYS B 41 -9.07 4.73 7.77
CA LYS B 41 -10.28 5.19 7.10
C LYS B 41 -10.25 4.76 5.63
N GLU B 42 -11.24 3.98 5.25
CA GLU B 42 -11.34 3.48 3.90
C GLU B 42 -11.95 4.56 2.98
N GLY B 43 -11.11 5.03 2.06
CA GLY B 43 -11.55 6.06 1.12
C GLY B 43 -10.39 6.96 0.73
N HIS B 44 -9.72 7.49 1.75
CA HIS B 44 -8.59 8.38 1.53
C HIS B 44 -7.29 7.59 1.66
N GLN B 45 -6.18 8.30 1.47
CA GLN B 45 -4.87 7.69 1.57
C GLN B 45 -3.98 8.48 2.52
N MET B 46 -2.92 7.82 2.98
CA MET B 46 -1.98 8.45 3.89
C MET B 46 -1.49 9.79 3.33
N LYS B 47 -1.14 9.76 2.06
CA LYS B 47 -0.65 10.96 1.39
C LYS B 47 -1.68 12.09 1.55
N ASP B 48 -2.93 11.68 1.62
CA ASP B 48 -4.02 12.64 1.77
C ASP B 48 -4.80 12.31 3.04
N CYS B 49 -4.08 11.89 4.06
CA CYS B 49 -4.69 11.55 5.33
C CYS B 49 -5.60 12.70 5.76
N THR B 50 -6.89 12.42 5.75
CA THR B 50 -7.88 13.43 6.13
C THR B 50 -7.92 13.57 7.65
N GLU B 51 -7.07 12.80 8.32
CA GLU B 51 -7.00 12.84 9.77
C GLU B 51 -5.78 12.08 10.26
N ARG B 52 -4.67 12.79 10.35
CA ARG B 52 -3.43 12.19 10.80
C ARG B 52 -3.48 11.94 12.32
N GLN B 53 -3.62 10.67 12.67
CA GLN B 53 -3.68 10.29 14.07
C GLN B 53 -3.94 8.78 14.19
N ALA B 54 -3.59 8.25 15.35
CA ALA B 54 -3.77 6.82 15.61
C ALA B 54 -2.83 6.02 14.72
N ASN B 55 -2.84 4.72 14.93
CA ASN B 55 -1.99 3.83 14.16
C ASN B 55 -2.83 2.70 13.57
#